data_1RL6
# 
_entry.id   1RL6 
# 
_audit_conform.dict_name       mmcif_pdbx.dic 
_audit_conform.dict_version    5.383 
_audit_conform.dict_location   http://mmcif.pdb.org/dictionaries/ascii/mmcif_pdbx.dic 
# 
loop_
_database_2.database_id 
_database_2.database_code 
_database_2.pdbx_database_accession 
_database_2.pdbx_DOI 
PDB   1RL6         pdb_00001rl6 10.2210/pdb1rl6/pdb 
RCSB  RCSB000397   ?            ?                   
WWPDB D_1000000397 ?            ?                   
# 
loop_
_pdbx_audit_revision_history.ordinal 
_pdbx_audit_revision_history.data_content_type 
_pdbx_audit_revision_history.major_revision 
_pdbx_audit_revision_history.minor_revision 
_pdbx_audit_revision_history.revision_date 
1 'Structure model' 1 0 1999-02-02 
2 'Structure model' 1 1 2008-04-26 
3 'Structure model' 1 2 2011-07-13 
4 'Structure model' 1 3 2019-10-30 
5 'Structure model' 1 4 2023-12-27 
# 
_pdbx_audit_revision_details.ordinal             1 
_pdbx_audit_revision_details.revision_ordinal    1 
_pdbx_audit_revision_details.data_content_type   'Structure model' 
_pdbx_audit_revision_details.provider            repository 
_pdbx_audit_revision_details.type                'Initial release' 
_pdbx_audit_revision_details.description         ? 
_pdbx_audit_revision_details.details             ? 
# 
loop_
_pdbx_audit_revision_group.ordinal 
_pdbx_audit_revision_group.revision_ordinal 
_pdbx_audit_revision_group.data_content_type 
_pdbx_audit_revision_group.group 
1 2 'Structure model' 'Version format compliance' 
2 3 'Structure model' 'Version format compliance' 
3 4 'Structure model' 'Data collection'           
4 4 'Structure model' 'Database references'       
5 4 'Structure model' 'Structure summary'         
6 5 'Structure model' 'Data collection'           
7 5 'Structure model' 'Database references'       
# 
loop_
_pdbx_audit_revision_category.ordinal 
_pdbx_audit_revision_category.revision_ordinal 
_pdbx_audit_revision_category.data_content_type 
_pdbx_audit_revision_category.category 
1 4 'Structure model' citation        
2 4 'Structure model' struct_keywords 
3 5 'Structure model' chem_comp_atom  
4 5 'Structure model' chem_comp_bond  
5 5 'Structure model' database_2      
# 
loop_
_pdbx_audit_revision_item.ordinal 
_pdbx_audit_revision_item.revision_ordinal 
_pdbx_audit_revision_item.data_content_type 
_pdbx_audit_revision_item.item 
1 4 'Structure model' '_citation.page_last'                 
2 4 'Structure model' '_citation.pdbx_database_id_PubMed'   
3 4 'Structure model' '_citation.title'                     
4 4 'Structure model' '_struct_keywords.text'               
5 5 'Structure model' '_database_2.pdbx_DOI'                
6 5 'Structure model' '_database_2.pdbx_database_accession' 
# 
_pdbx_database_status.status_code                     REL 
_pdbx_database_status.entry_id                        1RL6 
_pdbx_database_status.recvd_initial_deposition_date   1999-01-14 
_pdbx_database_status.deposit_site                    ? 
_pdbx_database_status.process_site                    RCSB 
_pdbx_database_status.SG_entry                        . 
_pdbx_database_status.pdb_format_compatible           Y 
_pdbx_database_status.status_code_mr                  ? 
_pdbx_database_status.status_code_sf                  ? 
_pdbx_database_status.status_code_cs                  ? 
_pdbx_database_status.methods_development_category    ? 
_pdbx_database_status.status_code_nmr_data            ? 
# 
loop_
_audit_author.name 
_audit_author.pdbx_ordinal 
'Golden, B.L.'     1 
'Davies, C.'       2 
'Ramakrishnan, V.' 3 
'White, S.W.'      4 
# 
loop_
_citation.id 
_citation.title 
_citation.journal_abbrev 
_citation.journal_volume 
_citation.page_first 
_citation.page_last 
_citation.year 
_citation.journal_id_ASTM 
_citation.country 
_citation.journal_id_ISSN 
_citation.journal_id_CSD 
_citation.book_publisher 
_citation.pdbx_database_id_PubMed 
_citation.pdbx_database_id_DOI 
primary 'Ribosomal protein L6: structural evidence of gene duplication from a primitive RNA binding protein.' 'EMBO J.'   12  4901 
4908 1993 EMJODG UK 0261-4189 0897 ? 8262035 ?                      
1       
'Ribosomal proteins S5 and L6: high-resolution crystal structures and roles in protein synthesis and antibiotic resistance.' 
J.Mol.Biol. 279 873  888  1998 JMOBAK UK 0022-2836 0070 ? 9642068 10.1006/jmbi.1998.1780 
# 
loop_
_citation_author.citation_id 
_citation_author.name 
_citation_author.ordinal 
_citation_author.identifier_ORCID 
primary 'Golden, B.L.'     1 ? 
primary 'Ramakrishnan, V.' 2 ? 
primary 'White, S.W.'      3 ? 
1       'Davies, C.'       4 ? 
1       'Bussiere, D.E.'   5 ? 
1       'Golden, B.L.'     6 ? 
1       'Porter, S.J.'     7 ? 
1       'Ramakrishnan, V.' 8 ? 
1       'White, S.W.'      9 ? 
# 
loop_
_entity.id 
_entity.type 
_entity.src_method 
_entity.pdbx_description 
_entity.formula_weight 
_entity.pdbx_number_of_molecules 
_entity.pdbx_ec 
_entity.pdbx_mutation 
_entity.pdbx_fragment 
_entity.details 
1 polymer man 'PROTEIN (RIBOSOMAL PROTEIN L6)' 19202.123 1   ? ? ? 
'LOCATED IN THE LARGE 50S RIBOSOMAL SUBUNIT BELOW THE L7/L12 STALK AND CLOSE TO THE GTPASE CENTER' 
2 water   nat water                            18.015    140 ? ? ? ? 
# 
_entity_poly.entity_id                      1 
_entity_poly.type                           'polypeptide(L)' 
_entity_poly.nstd_linkage                   no 
_entity_poly.nstd_monomer                   no 
_entity_poly.pdbx_seq_one_letter_code       
;SRVGKKPIEIPAGVTVTVNGNTVTVKGPKGELTRTFHPDMTITVEGNVITVTRPSDEKHHRALHGTTRSLLANMVEGVSK
GYEKALELVGVGYRASKQGKKLVLSVGYSHPVEIEPEEGLEIEVPSQTKIIVKGADKQRVGELAANIRAVRPPEPYKGKG
IRYEGELVRLKEGKTGK
;
_entity_poly.pdbx_seq_one_letter_code_can   
;SRVGKKPIEIPAGVTVTVNGNTVTVKGPKGELTRTFHPDMTITVEGNVITVTRPSDEKHHRALHGTTRSLLANMVEGVSK
GYEKALELVGVGYRASKQGKKLVLSVGYSHPVEIEPEEGLEIEVPSQTKIIVKGADKQRVGELAANIRAVRPPEPYKGKG
IRYEGELVRLKEGKTGK
;
_entity_poly.pdbx_strand_id                 A 
_entity_poly.pdbx_target_identifier         ? 
# 
_pdbx_entity_nonpoly.entity_id   2 
_pdbx_entity_nonpoly.name        water 
_pdbx_entity_nonpoly.comp_id     HOH 
# 
loop_
_entity_poly_seq.entity_id 
_entity_poly_seq.num 
_entity_poly_seq.mon_id 
_entity_poly_seq.hetero 
1 1   SER n 
1 2   ARG n 
1 3   VAL n 
1 4   GLY n 
1 5   LYS n 
1 6   LYS n 
1 7   PRO n 
1 8   ILE n 
1 9   GLU n 
1 10  ILE n 
1 11  PRO n 
1 12  ALA n 
1 13  GLY n 
1 14  VAL n 
1 15  THR n 
1 16  VAL n 
1 17  THR n 
1 18  VAL n 
1 19  ASN n 
1 20  GLY n 
1 21  ASN n 
1 22  THR n 
1 23  VAL n 
1 24  THR n 
1 25  VAL n 
1 26  LYS n 
1 27  GLY n 
1 28  PRO n 
1 29  LYS n 
1 30  GLY n 
1 31  GLU n 
1 32  LEU n 
1 33  THR n 
1 34  ARG n 
1 35  THR n 
1 36  PHE n 
1 37  HIS n 
1 38  PRO n 
1 39  ASP n 
1 40  MET n 
1 41  THR n 
1 42  ILE n 
1 43  THR n 
1 44  VAL n 
1 45  GLU n 
1 46  GLY n 
1 47  ASN n 
1 48  VAL n 
1 49  ILE n 
1 50  THR n 
1 51  VAL n 
1 52  THR n 
1 53  ARG n 
1 54  PRO n 
1 55  SER n 
1 56  ASP n 
1 57  GLU n 
1 58  LYS n 
1 59  HIS n 
1 60  HIS n 
1 61  ARG n 
1 62  ALA n 
1 63  LEU n 
1 64  HIS n 
1 65  GLY n 
1 66  THR n 
1 67  THR n 
1 68  ARG n 
1 69  SER n 
1 70  LEU n 
1 71  LEU n 
1 72  ALA n 
1 73  ASN n 
1 74  MET n 
1 75  VAL n 
1 76  GLU n 
1 77  GLY n 
1 78  VAL n 
1 79  SER n 
1 80  LYS n 
1 81  GLY n 
1 82  TYR n 
1 83  GLU n 
1 84  LYS n 
1 85  ALA n 
1 86  LEU n 
1 87  GLU n 
1 88  LEU n 
1 89  VAL n 
1 90  GLY n 
1 91  VAL n 
1 92  GLY n 
1 93  TYR n 
1 94  ARG n 
1 95  ALA n 
1 96  SER n 
1 97  LYS n 
1 98  GLN n 
1 99  GLY n 
1 100 LYS n 
1 101 LYS n 
1 102 LEU n 
1 103 VAL n 
1 104 LEU n 
1 105 SER n 
1 106 VAL n 
1 107 GLY n 
1 108 TYR n 
1 109 SER n 
1 110 HIS n 
1 111 PRO n 
1 112 VAL n 
1 113 GLU n 
1 114 ILE n 
1 115 GLU n 
1 116 PRO n 
1 117 GLU n 
1 118 GLU n 
1 119 GLY n 
1 120 LEU n 
1 121 GLU n 
1 122 ILE n 
1 123 GLU n 
1 124 VAL n 
1 125 PRO n 
1 126 SER n 
1 127 GLN n 
1 128 THR n 
1 129 LYS n 
1 130 ILE n 
1 131 ILE n 
1 132 VAL n 
1 133 LYS n 
1 134 GLY n 
1 135 ALA n 
1 136 ASP n 
1 137 LYS n 
1 138 GLN n 
1 139 ARG n 
1 140 VAL n 
1 141 GLY n 
1 142 GLU n 
1 143 LEU n 
1 144 ALA n 
1 145 ALA n 
1 146 ASN n 
1 147 ILE n 
1 148 ARG n 
1 149 ALA n 
1 150 VAL n 
1 151 ARG n 
1 152 PRO n 
1 153 PRO n 
1 154 GLU n 
1 155 PRO n 
1 156 TYR n 
1 157 LYS n 
1 158 GLY n 
1 159 LYS n 
1 160 GLY n 
1 161 ILE n 
1 162 ARG n 
1 163 TYR n 
1 164 GLU n 
1 165 GLY n 
1 166 GLU n 
1 167 LEU n 
1 168 VAL n 
1 169 ARG n 
1 170 LEU n 
1 171 LYS n 
1 172 GLU n 
1 173 GLY n 
1 174 LYS n 
1 175 THR n 
1 176 GLY n 
1 177 LYS n 
# 
_entity_src_gen.entity_id                          1 
_entity_src_gen.pdbx_src_id                        1 
_entity_src_gen.pdbx_alt_source_flag               sample 
_entity_src_gen.pdbx_seq_type                      ? 
_entity_src_gen.pdbx_beg_seq_num                   ? 
_entity_src_gen.pdbx_end_seq_num                   ? 
_entity_src_gen.gene_src_common_name               ? 
_entity_src_gen.gene_src_genus                     Geobacillus 
_entity_src_gen.pdbx_gene_src_gene                 ? 
_entity_src_gen.gene_src_species                   ? 
_entity_src_gen.gene_src_strain                    ? 
_entity_src_gen.gene_src_tissue                    ? 
_entity_src_gen.gene_src_tissue_fraction           ? 
_entity_src_gen.gene_src_details                   ? 
_entity_src_gen.pdbx_gene_src_fragment             ? 
_entity_src_gen.pdbx_gene_src_scientific_name      'Geobacillus stearothermophilus' 
_entity_src_gen.pdbx_gene_src_ncbi_taxonomy_id     1422 
_entity_src_gen.pdbx_gene_src_variant              ? 
_entity_src_gen.pdbx_gene_src_cell_line            ? 
_entity_src_gen.pdbx_gene_src_atcc                 ? 
_entity_src_gen.pdbx_gene_src_organ                ? 
_entity_src_gen.pdbx_gene_src_organelle            ? 
_entity_src_gen.pdbx_gene_src_cell                 ? 
_entity_src_gen.pdbx_gene_src_cellular_location    RIBOSOME 
_entity_src_gen.host_org_common_name               ? 
_entity_src_gen.pdbx_host_org_scientific_name      'Escherichia coli BL21(DE3)' 
_entity_src_gen.pdbx_host_org_ncbi_taxonomy_id     469008 
_entity_src_gen.host_org_genus                     Escherichia 
_entity_src_gen.pdbx_host_org_gene                 ? 
_entity_src_gen.pdbx_host_org_organ                ? 
_entity_src_gen.host_org_species                   'Escherichia coli' 
_entity_src_gen.pdbx_host_org_tissue               ? 
_entity_src_gen.pdbx_host_org_tissue_fraction      ? 
_entity_src_gen.pdbx_host_org_strain               'BL21(DE3)' 
_entity_src_gen.pdbx_host_org_variant              ? 
_entity_src_gen.pdbx_host_org_cell_line            ? 
_entity_src_gen.pdbx_host_org_atcc                 ? 
_entity_src_gen.pdbx_host_org_culture_collection   ? 
_entity_src_gen.pdbx_host_org_cell                 ? 
_entity_src_gen.pdbx_host_org_organelle            ? 
_entity_src_gen.pdbx_host_org_cellular_location    ? 
_entity_src_gen.pdbx_host_org_vector_type          VIRUS 
_entity_src_gen.pdbx_host_org_vector               T7 
_entity_src_gen.host_org_details                   ? 
_entity_src_gen.expression_system_id               ? 
_entity_src_gen.plasmid_name                       PET-13A 
_entity_src_gen.plasmid_details                    ? 
_entity_src_gen.pdbx_description                   ? 
# 
loop_
_chem_comp.id 
_chem_comp.type 
_chem_comp.mon_nstd_flag 
_chem_comp.name 
_chem_comp.pdbx_synonyms 
_chem_comp.formula 
_chem_comp.formula_weight 
ALA 'L-peptide linking' y ALANINE         ? 'C3 H7 N O2'     89.093  
ARG 'L-peptide linking' y ARGININE        ? 'C6 H15 N4 O2 1' 175.209 
ASN 'L-peptide linking' y ASPARAGINE      ? 'C4 H8 N2 O3'    132.118 
ASP 'L-peptide linking' y 'ASPARTIC ACID' ? 'C4 H7 N O4'     133.103 
GLN 'L-peptide linking' y GLUTAMINE       ? 'C5 H10 N2 O3'   146.144 
GLU 'L-peptide linking' y 'GLUTAMIC ACID' ? 'C5 H9 N O4'     147.129 
GLY 'peptide linking'   y GLYCINE         ? 'C2 H5 N O2'     75.067  
HIS 'L-peptide linking' y HISTIDINE       ? 'C6 H10 N3 O2 1' 156.162 
HOH non-polymer         . WATER           ? 'H2 O'           18.015  
ILE 'L-peptide linking' y ISOLEUCINE      ? 'C6 H13 N O2'    131.173 
LEU 'L-peptide linking' y LEUCINE         ? 'C6 H13 N O2'    131.173 
LYS 'L-peptide linking' y LYSINE          ? 'C6 H15 N2 O2 1' 147.195 
MET 'L-peptide linking' y METHIONINE      ? 'C5 H11 N O2 S'  149.211 
PHE 'L-peptide linking' y PHENYLALANINE   ? 'C9 H11 N O2'    165.189 
PRO 'L-peptide linking' y PROLINE         ? 'C5 H9 N O2'     115.130 
SER 'L-peptide linking' y SERINE          ? 'C3 H7 N O3'     105.093 
THR 'L-peptide linking' y THREONINE       ? 'C4 H9 N O3'     119.119 
TYR 'L-peptide linking' y TYROSINE        ? 'C9 H11 N O3'    181.189 
VAL 'L-peptide linking' y VALINE          ? 'C5 H11 N O2'    117.146 
# 
loop_
_pdbx_poly_seq_scheme.asym_id 
_pdbx_poly_seq_scheme.entity_id 
_pdbx_poly_seq_scheme.seq_id 
_pdbx_poly_seq_scheme.mon_id 
_pdbx_poly_seq_scheme.ndb_seq_num 
_pdbx_poly_seq_scheme.pdb_seq_num 
_pdbx_poly_seq_scheme.auth_seq_num 
_pdbx_poly_seq_scheme.pdb_mon_id 
_pdbx_poly_seq_scheme.auth_mon_id 
_pdbx_poly_seq_scheme.pdb_strand_id 
_pdbx_poly_seq_scheme.pdb_ins_code 
_pdbx_poly_seq_scheme.hetero 
A 1 1   SER 1   1   ?   ?   ?   A . n 
A 1 2   ARG 2   2   ?   ?   ?   A . n 
A 1 3   VAL 3   3   ?   ?   ?   A . n 
A 1 4   GLY 4   4   ?   ?   ?   A . n 
A 1 5   LYS 5   5   ?   ?   ?   A . n 
A 1 6   LYS 6   6   ?   ?   ?   A . n 
A 1 7   PRO 7   7   7   PRO PRO A . n 
A 1 8   ILE 8   8   8   ILE ILE A . n 
A 1 9   GLU 9   9   9   GLU GLU A . n 
A 1 10  ILE 10  10  10  ILE ILE A . n 
A 1 11  PRO 11  11  11  PRO PRO A . n 
A 1 12  ALA 12  12  12  ALA ALA A . n 
A 1 13  GLY 13  13  13  GLY GLY A . n 
A 1 14  VAL 14  14  14  VAL VAL A . n 
A 1 15  THR 15  15  15  THR THR A . n 
A 1 16  VAL 16  16  16  VAL VAL A . n 
A 1 17  THR 17  17  17  THR THR A . n 
A 1 18  VAL 18  18  18  VAL VAL A . n 
A 1 19  ASN 19  19  19  ASN ASN A . n 
A 1 20  GLY 20  20  20  GLY GLY A . n 
A 1 21  ASN 21  21  21  ASN ASN A . n 
A 1 22  THR 22  22  22  THR THR A . n 
A 1 23  VAL 23  23  23  VAL VAL A . n 
A 1 24  THR 24  24  24  THR THR A . n 
A 1 25  VAL 25  25  25  VAL VAL A . n 
A 1 26  LYS 26  26  26  LYS LYS A . n 
A 1 27  GLY 27  27  27  GLY GLY A . n 
A 1 28  PRO 28  28  28  PRO PRO A . n 
A 1 29  LYS 29  29  29  LYS LYS A . n 
A 1 30  GLY 30  30  30  GLY GLY A . n 
A 1 31  GLU 31  31  31  GLU GLU A . n 
A 1 32  LEU 32  32  32  LEU LEU A . n 
A 1 33  THR 33  33  33  THR THR A . n 
A 1 34  ARG 34  34  34  ARG ARG A . n 
A 1 35  THR 35  35  35  THR THR A . n 
A 1 36  PHE 36  36  36  PHE PHE A . n 
A 1 37  HIS 37  37  37  HIS HIS A . n 
A 1 38  PRO 38  38  38  PRO PRO A . n 
A 1 39  ASP 39  39  39  ASP ASP A . n 
A 1 40  MET 40  40  40  MET MET A . n 
A 1 41  THR 41  41  41  THR THR A . n 
A 1 42  ILE 42  42  42  ILE ILE A . n 
A 1 43  THR 43  43  43  THR THR A . n 
A 1 44  VAL 44  44  44  VAL VAL A . n 
A 1 45  GLU 45  45  45  GLU GLU A . n 
A 1 46  GLY 46  46  46  GLY GLY A . n 
A 1 47  ASN 47  47  47  ASN ASN A . n 
A 1 48  VAL 48  48  48  VAL VAL A . n 
A 1 49  ILE 49  49  49  ILE ILE A . n 
A 1 50  THR 50  50  50  THR THR A . n 
A 1 51  VAL 51  51  51  VAL VAL A . n 
A 1 52  THR 52  52  52  THR THR A . n 
A 1 53  ARG 53  53  53  ARG ARG A . n 
A 1 54  PRO 54  54  54  PRO PRO A . n 
A 1 55  SER 55  55  55  SER SER A . n 
A 1 56  ASP 56  56  56  ASP ASP A . n 
A 1 57  GLU 57  57  57  GLU GLU A . n 
A 1 58  LYS 58  58  58  LYS LYS A . n 
A 1 59  HIS 59  59  59  HIS HIS A . n 
A 1 60  HIS 60  60  60  HIS HIS A . n 
A 1 61  ARG 61  61  61  ARG ARG A . n 
A 1 62  ALA 62  62  62  ALA ALA A . n 
A 1 63  LEU 63  63  63  LEU LEU A . n 
A 1 64  HIS 64  64  64  HIS HIS A . n 
A 1 65  GLY 65  65  65  GLY GLY A . n 
A 1 66  THR 66  66  66  THR THR A . n 
A 1 67  THR 67  67  67  THR THR A . n 
A 1 68  ARG 68  68  68  ARG ARG A . n 
A 1 69  SER 69  69  69  SER SER A . n 
A 1 70  LEU 70  70  70  LEU LEU A . n 
A 1 71  LEU 71  71  71  LEU LEU A . n 
A 1 72  ALA 72  72  72  ALA ALA A . n 
A 1 73  ASN 73  73  73  ASN ASN A . n 
A 1 74  MET 74  74  74  MET MET A . n 
A 1 75  VAL 75  75  75  VAL VAL A . n 
A 1 76  GLU 76  76  76  GLU GLU A . n 
A 1 77  GLY 77  77  77  GLY GLY A . n 
A 1 78  VAL 78  78  78  VAL VAL A . n 
A 1 79  SER 79  79  79  SER SER A . n 
A 1 80  LYS 80  80  80  LYS LYS A . n 
A 1 81  GLY 81  81  81  GLY GLY A . n 
A 1 82  TYR 82  82  82  TYR TYR A . n 
A 1 83  GLU 83  83  83  GLU GLU A . n 
A 1 84  LYS 84  84  84  LYS LYS A . n 
A 1 85  ALA 85  85  85  ALA ALA A . n 
A 1 86  LEU 86  86  86  LEU LEU A . n 
A 1 87  GLU 87  87  87  GLU GLU A . n 
A 1 88  LEU 88  88  88  LEU LEU A . n 
A 1 89  VAL 89  89  89  VAL VAL A . n 
A 1 90  GLY 90  90  90  GLY GLY A . n 
A 1 91  VAL 91  91  91  VAL VAL A . n 
A 1 92  GLY 92  92  92  GLY GLY A . n 
A 1 93  TYR 93  93  93  TYR TYR A . n 
A 1 94  ARG 94  94  94  ARG ARG A . n 
A 1 95  ALA 95  95  95  ALA ALA A . n 
A 1 96  SER 96  96  96  SER SER A . n 
A 1 97  LYS 97  97  97  LYS LYS A . n 
A 1 98  GLN 98  98  98  GLN GLN A . n 
A 1 99  GLY 99  99  99  GLY GLY A . n 
A 1 100 LYS 100 100 100 LYS LYS A . n 
A 1 101 LYS 101 101 101 LYS LYS A . n 
A 1 102 LEU 102 102 102 LEU LEU A . n 
A 1 103 VAL 103 103 103 VAL VAL A . n 
A 1 104 LEU 104 104 104 LEU LEU A . n 
A 1 105 SER 105 105 105 SER SER A . n 
A 1 106 VAL 106 106 106 VAL VAL A . n 
A 1 107 GLY 107 107 107 GLY GLY A . n 
A 1 108 TYR 108 108 108 TYR TYR A . n 
A 1 109 SER 109 109 109 SER SER A . n 
A 1 110 HIS 110 110 110 HIS HIS A . n 
A 1 111 PRO 111 111 111 PRO PRO A . n 
A 1 112 VAL 112 112 112 VAL VAL A . n 
A 1 113 GLU 113 113 113 GLU GLU A . n 
A 1 114 ILE 114 114 114 ILE ILE A . n 
A 1 115 GLU 115 115 115 GLU GLU A . n 
A 1 116 PRO 116 116 116 PRO PRO A . n 
A 1 117 GLU 117 117 117 GLU GLU A . n 
A 1 118 GLU 118 118 118 GLU GLU A . n 
A 1 119 GLY 119 119 119 GLY GLY A . n 
A 1 120 LEU 120 120 120 LEU LEU A . n 
A 1 121 GLU 121 121 121 GLU GLU A . n 
A 1 122 ILE 122 122 122 ILE ILE A . n 
A 1 123 GLU 123 123 123 GLU GLU A . n 
A 1 124 VAL 124 124 124 VAL VAL A . n 
A 1 125 PRO 125 125 125 PRO PRO A . n 
A 1 126 SER 126 126 126 SER SER A . n 
A 1 127 GLN 127 127 127 GLN GLN A . n 
A 1 128 THR 128 128 128 THR THR A . n 
A 1 129 LYS 129 129 129 LYS LYS A . n 
A 1 130 ILE 130 130 130 ILE ILE A . n 
A 1 131 ILE 131 131 131 ILE ILE A . n 
A 1 132 VAL 132 132 132 VAL VAL A . n 
A 1 133 LYS 133 133 133 LYS LYS A . n 
A 1 134 GLY 134 134 134 GLY GLY A . n 
A 1 135 ALA 135 135 135 ALA ALA A . n 
A 1 136 ASP 136 136 136 ASP ASP A . n 
A 1 137 LYS 137 137 137 LYS LYS A . n 
A 1 138 GLN 138 138 138 GLN GLN A . n 
A 1 139 ARG 139 139 139 ARG ARG A . n 
A 1 140 VAL 140 140 140 VAL VAL A . n 
A 1 141 GLY 141 141 141 GLY GLY A . n 
A 1 142 GLU 142 142 142 GLU GLU A . n 
A 1 143 LEU 143 143 143 LEU LEU A . n 
A 1 144 ALA 144 144 144 ALA ALA A . n 
A 1 145 ALA 145 145 145 ALA ALA A . n 
A 1 146 ASN 146 146 146 ASN ASN A . n 
A 1 147 ILE 147 147 147 ILE ILE A . n 
A 1 148 ARG 148 148 148 ARG ARG A . n 
A 1 149 ALA 149 149 149 ALA ALA A . n 
A 1 150 VAL 150 150 150 VAL VAL A . n 
A 1 151 ARG 151 151 151 ARG ARG A . n 
A 1 152 PRO 152 152 152 PRO PRO A . n 
A 1 153 PRO 153 153 153 PRO PRO A . n 
A 1 154 GLU 154 154 154 GLU GLU A . n 
A 1 155 PRO 155 155 155 PRO PRO A . n 
A 1 156 TYR 156 156 156 TYR TYR A . n 
A 1 157 LYS 157 157 157 LYS LYS A . n 
A 1 158 GLY 158 158 158 GLY GLY A . n 
A 1 159 LYS 159 159 159 LYS LYS A . n 
A 1 160 GLY 160 160 160 GLY GLY A . n 
A 1 161 ILE 161 161 161 ILE ILE A . n 
A 1 162 ARG 162 162 162 ARG ARG A . n 
A 1 163 TYR 163 163 163 TYR TYR A . n 
A 1 164 GLU 164 164 164 GLU GLU A . n 
A 1 165 GLY 165 165 165 GLY GLY A . n 
A 1 166 GLU 166 166 166 GLU GLU A . n 
A 1 167 LEU 167 167 167 LEU LEU A . n 
A 1 168 VAL 168 168 168 VAL VAL A . n 
A 1 169 ARG 169 169 169 ARG ARG A . n 
A 1 170 LEU 170 170 170 LEU LEU A . n 
A 1 171 LYS 171 171 ?   ?   ?   A . n 
A 1 172 GLU 172 172 ?   ?   ?   A . n 
A 1 173 GLY 173 173 ?   ?   ?   A . n 
A 1 174 LYS 174 174 ?   ?   ?   A . n 
A 1 175 THR 175 175 ?   ?   ?   A . n 
A 1 176 GLY 176 176 ?   ?   ?   A . n 
A 1 177 LYS 177 177 ?   ?   ?   A . n 
# 
loop_
_pdbx_nonpoly_scheme.asym_id 
_pdbx_nonpoly_scheme.entity_id 
_pdbx_nonpoly_scheme.mon_id 
_pdbx_nonpoly_scheme.ndb_seq_num 
_pdbx_nonpoly_scheme.pdb_seq_num 
_pdbx_nonpoly_scheme.auth_seq_num 
_pdbx_nonpoly_scheme.pdb_mon_id 
_pdbx_nonpoly_scheme.auth_mon_id 
_pdbx_nonpoly_scheme.pdb_strand_id 
_pdbx_nonpoly_scheme.pdb_ins_code 
B 2 HOH 1   200 200 HOH HOH A . 
B 2 HOH 2   201 201 HOH HOH A . 
B 2 HOH 3   202 202 HOH HOH A . 
B 2 HOH 4   203 203 HOH HOH A . 
B 2 HOH 5   204 204 HOH HOH A . 
B 2 HOH 6   205 205 HOH HOH A . 
B 2 HOH 7   206 206 HOH HOH A . 
B 2 HOH 8   207 207 HOH HOH A . 
B 2 HOH 9   208 208 HOH HOH A . 
B 2 HOH 10  209 209 HOH HOH A . 
B 2 HOH 11  210 210 HOH HOH A . 
B 2 HOH 12  211 211 HOH HOH A . 
B 2 HOH 13  212 212 HOH HOH A . 
B 2 HOH 14  213 213 HOH HOH A . 
B 2 HOH 15  214 214 HOH HOH A . 
B 2 HOH 16  215 215 HOH HOH A . 
B 2 HOH 17  216 216 HOH HOH A . 
B 2 HOH 18  217 217 HOH HOH A . 
B 2 HOH 19  218 218 HOH HOH A . 
B 2 HOH 20  219 219 HOH HOH A . 
B 2 HOH 21  220 220 HOH HOH A . 
B 2 HOH 22  221 221 HOH HOH A . 
B 2 HOH 23  222 222 HOH HOH A . 
B 2 HOH 24  223 223 HOH HOH A . 
B 2 HOH 25  224 224 HOH HOH A . 
B 2 HOH 26  225 225 HOH HOH A . 
B 2 HOH 27  226 226 HOH HOH A . 
B 2 HOH 28  227 227 HOH HOH A . 
B 2 HOH 29  228 228 HOH HOH A . 
B 2 HOH 30  229 229 HOH HOH A . 
B 2 HOH 31  230 230 HOH HOH A . 
B 2 HOH 32  231 231 HOH HOH A . 
B 2 HOH 33  232 232 HOH HOH A . 
B 2 HOH 34  233 233 HOH HOH A . 
B 2 HOH 35  234 234 HOH HOH A . 
B 2 HOH 36  235 235 HOH HOH A . 
B 2 HOH 37  236 236 HOH HOH A . 
B 2 HOH 38  237 237 HOH HOH A . 
B 2 HOH 39  238 238 HOH HOH A . 
B 2 HOH 40  239 239 HOH HOH A . 
B 2 HOH 41  240 240 HOH HOH A . 
B 2 HOH 42  241 241 HOH HOH A . 
B 2 HOH 43  242 242 HOH HOH A . 
B 2 HOH 44  243 243 HOH HOH A . 
B 2 HOH 45  244 244 HOH HOH A . 
B 2 HOH 46  245 245 HOH HOH A . 
B 2 HOH 47  246 246 HOH HOH A . 
B 2 HOH 48  247 247 HOH HOH A . 
B 2 HOH 49  248 248 HOH HOH A . 
B 2 HOH 50  249 249 HOH HOH A . 
B 2 HOH 51  250 250 HOH HOH A . 
B 2 HOH 52  251 251 HOH HOH A . 
B 2 HOH 53  252 252 HOH HOH A . 
B 2 HOH 54  253 253 HOH HOH A . 
B 2 HOH 55  254 254 HOH HOH A . 
B 2 HOH 56  255 255 HOH HOH A . 
B 2 HOH 57  256 256 HOH HOH A . 
B 2 HOH 58  257 257 HOH HOH A . 
B 2 HOH 59  258 258 HOH HOH A . 
B 2 HOH 60  259 259 HOH HOH A . 
B 2 HOH 61  260 260 HOH HOH A . 
B 2 HOH 62  261 261 HOH HOH A . 
B 2 HOH 63  262 262 HOH HOH A . 
B 2 HOH 64  263 263 HOH HOH A . 
B 2 HOH 65  264 264 HOH HOH A . 
B 2 HOH 66  265 265 HOH HOH A . 
B 2 HOH 67  266 266 HOH HOH A . 
B 2 HOH 68  267 267 HOH HOH A . 
B 2 HOH 69  268 268 HOH HOH A . 
B 2 HOH 70  269 269 HOH HOH A . 
B 2 HOH 71  270 270 HOH HOH A . 
B 2 HOH 72  271 271 HOH HOH A . 
B 2 HOH 73  272 272 HOH HOH A . 
B 2 HOH 74  273 273 HOH HOH A . 
B 2 HOH 75  274 274 HOH HOH A . 
B 2 HOH 76  275 275 HOH HOH A . 
B 2 HOH 77  276 276 HOH HOH A . 
B 2 HOH 78  277 277 HOH HOH A . 
B 2 HOH 79  278 278 HOH HOH A . 
B 2 HOH 80  279 279 HOH HOH A . 
B 2 HOH 81  280 280 HOH HOH A . 
B 2 HOH 82  281 281 HOH HOH A . 
B 2 HOH 83  282 282 HOH HOH A . 
B 2 HOH 84  283 283 HOH HOH A . 
B 2 HOH 85  284 284 HOH HOH A . 
B 2 HOH 86  285 285 HOH HOH A . 
B 2 HOH 87  286 286 HOH HOH A . 
B 2 HOH 88  287 287 HOH HOH A . 
B 2 HOH 89  288 288 HOH HOH A . 
B 2 HOH 90  289 289 HOH HOH A . 
B 2 HOH 91  290 290 HOH HOH A . 
B 2 HOH 92  291 291 HOH HOH A . 
B 2 HOH 93  292 292 HOH HOH A . 
B 2 HOH 94  293 293 HOH HOH A . 
B 2 HOH 95  294 294 HOH HOH A . 
B 2 HOH 96  295 295 HOH HOH A . 
B 2 HOH 97  296 296 HOH HOH A . 
B 2 HOH 98  297 297 HOH HOH A . 
B 2 HOH 99  298 298 HOH HOH A . 
B 2 HOH 100 299 299 HOH HOH A . 
B 2 HOH 101 300 300 HOH HOH A . 
B 2 HOH 102 301 301 HOH HOH A . 
B 2 HOH 103 302 302 HOH HOH A . 
B 2 HOH 104 303 303 HOH HOH A . 
B 2 HOH 105 304 304 HOH HOH A . 
B 2 HOH 106 305 305 HOH HOH A . 
B 2 HOH 107 306 306 HOH HOH A . 
B 2 HOH 108 307 307 HOH HOH A . 
B 2 HOH 109 308 308 HOH HOH A . 
B 2 HOH 110 309 309 HOH HOH A . 
B 2 HOH 111 310 310 HOH HOH A . 
B 2 HOH 112 311 311 HOH HOH A . 
B 2 HOH 113 312 312 HOH HOH A . 
B 2 HOH 114 313 313 HOH HOH A . 
B 2 HOH 115 314 314 HOH HOH A . 
B 2 HOH 116 315 315 HOH HOH A . 
B 2 HOH 117 316 316 HOH HOH A . 
B 2 HOH 118 317 317 HOH HOH A . 
B 2 HOH 119 318 318 HOH HOH A . 
B 2 HOH 120 319 319 HOH HOH A . 
B 2 HOH 121 320 320 HOH HOH A . 
B 2 HOH 122 321 321 HOH HOH A . 
B 2 HOH 123 322 322 HOH HOH A . 
B 2 HOH 124 323 323 HOH HOH A . 
B 2 HOH 125 324 324 HOH HOH A . 
B 2 HOH 126 325 325 HOH HOH A . 
B 2 HOH 127 326 326 HOH HOH A . 
B 2 HOH 128 327 327 HOH HOH A . 
B 2 HOH 129 328 328 HOH HOH A . 
B 2 HOH 130 330 330 HOH HOH A . 
B 2 HOH 131 331 331 HOH HOH A . 
B 2 HOH 132 332 332 HOH HOH A . 
B 2 HOH 133 333 333 HOH HOH A . 
B 2 HOH 134 334 334 HOH HOH A . 
B 2 HOH 135 335 335 HOH HOH A . 
B 2 HOH 136 336 336 HOH HOH A . 
B 2 HOH 137 337 337 HOH HOH A . 
B 2 HOH 138 338 338 HOH HOH A . 
B 2 HOH 139 339 339 HOH HOH A . 
B 2 HOH 140 340 340 HOH HOH A . 
# 
loop_
_software.name 
_software.classification 
_software.version 
_software.citation_id 
_software.pdbx_ordinal 
PHASES    phasing          .     ? 1 
X-PLOR    refinement       3.851 ? 2 
DENZO     'data reduction' .     ? 3 
SCALEPACK 'data scaling'   .     ? 4 
# 
_cell.entry_id           1RL6 
_cell.length_a           71.800 
_cell.length_b           71.800 
_cell.length_c           124.500 
_cell.angle_alpha        90.00 
_cell.angle_beta         90.00 
_cell.angle_gamma        120.00 
_cell.Z_PDB              12 
_cell.pdbx_unique_axis   ? 
# 
_symmetry.entry_id                         1RL6 
_symmetry.space_group_name_H-M             'P 61 2 2' 
_symmetry.pdbx_full_space_group_name_H-M   ? 
_symmetry.cell_setting                     hexagonal 
_symmetry.Int_Tables_number                178 
# 
_exptl.entry_id          1RL6 
_exptl.method            'X-RAY DIFFRACTION' 
_exptl.crystals_number   1 
# 
_exptl_crystal.id                    1 
_exptl_crystal.density_meas          ? 
_exptl_crystal.density_Matthews      2.4 
_exptl_crystal.density_percent_sol   50 
_exptl_crystal.description           'MUTANT V124C WAS CONSTRUCTED FOR THE MERCURY DERIVATIVE' 
# 
_exptl_crystal_grow.crystal_id      1 
_exptl_crystal_grow.method          ? 
_exptl_crystal_grow.temp            ? 
_exptl_crystal_grow.temp_details    ? 
_exptl_crystal_grow.pH              7.6 
_exptl_crystal_grow.pdbx_details    'pH 7.6' 
_exptl_crystal_grow.pdbx_pH_range   . 
# 
loop_
_exptl_crystal_grow_comp.crystal_id 
_exptl_crystal_grow_comp.id 
_exptl_crystal_grow_comp.sol_id 
_exptl_crystal_grow_comp.name 
_exptl_crystal_grow_comp.volume 
_exptl_crystal_grow_comp.conc 
_exptl_crystal_grow_comp.details 
1 1 1 'NA/K PHOSPHATE'       ? ? ? 
1 2 1 'BETA MERCAPTOETHANOL' ? ? ? 
1 3 1 1,4-DIOXANE            ? ? ? 
# 
_diffrn.id                     1 
_diffrn.ambient_temp           293 
_diffrn.ambient_temp_details   ? 
_diffrn.crystal_id             1 
# 
_diffrn_detector.diffrn_id              1 
_diffrn_detector.detector               'IMAGE PLATE' 
_diffrn_detector.type                   RIGAKU 
_diffrn_detector.pdbx_collection_date   ? 
_diffrn_detector.details                COLLIMATOR 
# 
_diffrn_radiation.diffrn_id                        1 
_diffrn_radiation.wavelength_id                    1 
_diffrn_radiation.pdbx_monochromatic_or_laue_m_l   M 
_diffrn_radiation.monochromator                    GRAPHITE 
_diffrn_radiation.pdbx_diffrn_protocol             'SINGLE WAVELENGTH' 
_diffrn_radiation.pdbx_scattering_type             x-ray 
# 
_diffrn_radiation_wavelength.id           1 
_diffrn_radiation_wavelength.wavelength   1.5418 
_diffrn_radiation_wavelength.wt           1.0 
# 
_diffrn_source.diffrn_id                   1 
_diffrn_source.source                      'ROTATING ANODE' 
_diffrn_source.type                        'RIGAKU RU300' 
_diffrn_source.pdbx_synchrotron_site       ? 
_diffrn_source.pdbx_synchrotron_beamline   ? 
_diffrn_source.pdbx_wavelength             1.5418 
_diffrn_source.pdbx_wavelength_list        ? 
# 
_reflns.entry_id                     1RL6 
_reflns.observed_criterion_sigma_I   ? 
_reflns.observed_criterion_sigma_F   ? 
_reflns.d_resolution_low             20.0 
_reflns.d_resolution_high            2.0 
_reflns.number_obs                   13166 
_reflns.number_all                   ? 
_reflns.percent_possible_obs         97.5 
_reflns.pdbx_Rmerge_I_obs            0.0800000 
_reflns.pdbx_Rsym_value              ? 
_reflns.pdbx_netI_over_sigmaI        ? 
_reflns.B_iso_Wilson_estimate        19.7 
_reflns.pdbx_redundancy              3.0 
_reflns.R_free_details               ? 
_reflns.limit_h_max                  ? 
_reflns.limit_h_min                  ? 
_reflns.limit_k_max                  ? 
_reflns.limit_k_min                  ? 
_reflns.limit_l_max                  ? 
_reflns.limit_l_min                  ? 
_reflns.observed_criterion_F_max     ? 
_reflns.observed_criterion_F_min     ? 
_reflns.pdbx_diffrn_id               1 
_reflns.pdbx_ordinal                 1 
# 
_reflns_shell.d_res_high             2.0 
_reflns_shell.d_res_low              2.09 
_reflns_shell.percent_possible_all   97.4 
_reflns_shell.Rmerge_I_obs           ? 
_reflns_shell.pdbx_Rsym_value        ? 
_reflns_shell.meanI_over_sigI_obs    ? 
_reflns_shell.pdbx_redundancy        ? 
_reflns_shell.percent_possible_obs   ? 
_reflns_shell.number_unique_all      ? 
_reflns_shell.pdbx_diffrn_id         ? 
_reflns_shell.pdbx_ordinal           1 
# 
_refine.entry_id                                 1RL6 
_refine.ls_number_reflns_obs                     13142 
_refine.ls_number_reflns_all                     13142 
_refine.pdbx_ls_sigma_I                          ? 
_refine.pdbx_ls_sigma_F                          0.0 
_refine.pdbx_data_cutoff_high_absF               18251945.80 
_refine.pdbx_data_cutoff_low_absF                0.00 
_refine.pdbx_data_cutoff_high_rms_absF           ? 
_refine.ls_d_res_low                             20.0 
_refine.ls_d_res_high                            2.0 
_refine.ls_percent_reflns_obs                    97.8 
_refine.ls_R_factor_obs                          ? 
_refine.ls_R_factor_all                          ? 
_refine.ls_R_factor_R_work                       0.2570000 
_refine.ls_R_factor_R_free                       0.3020000 
_refine.ls_R_factor_R_free_error                 0.008 
_refine.ls_R_factor_R_free_error_details         ? 
_refine.ls_percent_reflns_R_free                 9.8 
_refine.ls_number_reflns_R_free                  1288 
_refine.ls_number_parameters                     ? 
_refine.ls_number_restraints                     ? 
_refine.occupancy_min                            ? 
_refine.occupancy_max                            ? 
_refine.B_iso_mean                               38.7 
_refine.aniso_B[1][1]                            -0.07 
_refine.aniso_B[2][2]                            -0.07 
_refine.aniso_B[3][3]                            0.13 
_refine.aniso_B[1][2]                            -1.85 
_refine.aniso_B[1][3]                            0.00 
_refine.aniso_B[2][3]                            0.00 
_refine.solvent_model_details                    ? 
_refine.solvent_model_param_ksol                 ? 
_refine.solvent_model_param_bsol                 ? 
_refine.pdbx_ls_cross_valid_method               THROUGHOUT 
_refine.details                                  ? 
_refine.pdbx_starting_model                      ? 
_refine.pdbx_method_to_determine_struct          MIR 
_refine.pdbx_isotropic_thermal_model             RESTRAINED 
_refine.pdbx_stereochemistry_target_values       ? 
_refine.pdbx_stereochem_target_val_spec_case     ? 
_refine.pdbx_R_Free_selection_details            RANDOM 
_refine.pdbx_overall_ESU_R                       ? 
_refine.pdbx_overall_ESU_R_Free                  ? 
_refine.overall_SU_ML                            ? 
_refine.overall_SU_B                             ? 
_refine.ls_redundancy_reflns_obs                 ? 
_refine.B_iso_min                                ? 
_refine.B_iso_max                                ? 
_refine.pdbx_refine_id                           'X-RAY DIFFRACTION' 
_refine.pdbx_diffrn_id                           1 
_refine.pdbx_TLS_residual_ADP_flag               ? 
_refine.correlation_coeff_Fo_to_Fc               ? 
_refine.correlation_coeff_Fo_to_Fc_free          ? 
_refine.pdbx_solvent_vdw_probe_radii             ? 
_refine.pdbx_solvent_ion_probe_radii             ? 
_refine.pdbx_solvent_shrinkage_radii             ? 
_refine.pdbx_overall_phase_error                 ? 
_refine.overall_SU_R_Cruickshank_DPI             ? 
_refine.pdbx_overall_SU_R_free_Cruickshank_DPI   ? 
_refine.pdbx_overall_SU_R_Blow_DPI               ? 
_refine.pdbx_overall_SU_R_free_Blow_DPI          ? 
# 
_refine_analyze.entry_id                        1RL6 
_refine_analyze.Luzzati_coordinate_error_obs    0.33 
_refine_analyze.Luzzati_sigma_a_obs             0.36 
_refine_analyze.Luzzati_d_res_low_obs           5.00 
_refine_analyze.Luzzati_coordinate_error_free   0.40 
_refine_analyze.Luzzati_sigma_a_free            0.36 
_refine_analyze.Luzzati_d_res_low_free          ? 
_refine_analyze.number_disordered_residues      ? 
_refine_analyze.occupancy_sum_hydrogen          ? 
_refine_analyze.occupancy_sum_non_hydrogen      ? 
_refine_analyze.pdbx_Luzzati_d_res_high_obs     ? 
_refine_analyze.pdbx_refine_id                  'X-RAY DIFFRACTION' 
# 
_refine_hist.pdbx_refine_id                   'X-RAY DIFFRACTION' 
_refine_hist.cycle_id                         LAST 
_refine_hist.pdbx_number_atoms_protein        1251 
_refine_hist.pdbx_number_atoms_nucleic_acid   0 
_refine_hist.pdbx_number_atoms_ligand         0 
_refine_hist.number_atoms_solvent             140 
_refine_hist.number_atoms_total               1391 
_refine_hist.d_res_high                       2.0 
_refine_hist.d_res_low                        20.0 
# 
loop_
_refine_ls_restr.type 
_refine_ls_restr.dev_ideal 
_refine_ls_restr.dev_ideal_target 
_refine_ls_restr.weight 
_refine_ls_restr.number 
_refine_ls_restr.pdbx_refine_id 
_refine_ls_restr.pdbx_restraint_function 
x_bond_d                0.014 ?    ? ? 'X-RAY DIFFRACTION' ? 
x_bond_d_na             ?     ?    ? ? 'X-RAY DIFFRACTION' ? 
x_bond_d_prot           ?     ?    ? ? 'X-RAY DIFFRACTION' ? 
x_angle_d               ?     ?    ? ? 'X-RAY DIFFRACTION' ? 
x_angle_d_na            ?     ?    ? ? 'X-RAY DIFFRACTION' ? 
x_angle_d_prot          ?     ?    ? ? 'X-RAY DIFFRACTION' ? 
x_angle_deg             1.6   ?    ? ? 'X-RAY DIFFRACTION' ? 
x_angle_deg_na          ?     ?    ? ? 'X-RAY DIFFRACTION' ? 
x_angle_deg_prot        ?     ?    ? ? 'X-RAY DIFFRACTION' ? 
x_dihedral_angle_d      26.5  ?    ? ? 'X-RAY DIFFRACTION' ? 
x_dihedral_angle_d_na   ?     ?    ? ? 'X-RAY DIFFRACTION' ? 
x_dihedral_angle_d_prot ?     ?    ? ? 'X-RAY DIFFRACTION' ? 
x_improper_angle_d      1.43  ?    ? ? 'X-RAY DIFFRACTION' ? 
x_improper_angle_d_na   ?     ?    ? ? 'X-RAY DIFFRACTION' ? 
x_improper_angle_d_prot ?     ?    ? ? 'X-RAY DIFFRACTION' ? 
x_mcbond_it             2.04  1.50 ? ? 'X-RAY DIFFRACTION' ? 
x_mcangle_it            3.28  2.00 ? ? 'X-RAY DIFFRACTION' ? 
x_scbond_it             5.02  2.00 ? ? 'X-RAY DIFFRACTION' ? 
x_scangle_it            7.12  2.50 ? ? 'X-RAY DIFFRACTION' ? 
# 
_refine_ls_shell.pdbx_total_number_of_bins_used   6 
_refine_ls_shell.d_res_high                       2.00 
_refine_ls_shell.d_res_low                        2.13 
_refine_ls_shell.number_reflns_R_work             1893 
_refine_ls_shell.R_factor_R_work                  0.3450000 
_refine_ls_shell.percent_reflns_obs               96.2 
_refine_ls_shell.R_factor_R_free                  0.4100000 
_refine_ls_shell.R_factor_R_free_error            0.030 
_refine_ls_shell.percent_reflns_R_free            8.9 
_refine_ls_shell.number_reflns_R_free             186 
_refine_ls_shell.redundancy_reflns_obs            ? 
_refine_ls_shell.number_reflns_all                ? 
_refine_ls_shell.number_reflns_obs                ? 
_refine_ls_shell.pdbx_refine_id                   'X-RAY DIFFRACTION' 
_refine_ls_shell.R_factor_all                     ? 
# 
_pdbx_xplor_file.serial_no        1 
_pdbx_xplor_file.param_file       PARAM19X.PRO 
_pdbx_xplor_file.topol_file       TOPH19X.PRO 
_pdbx_xplor_file.pdbx_refine_id   'X-RAY DIFFRACTION' 
# 
_struct.entry_id                  1RL6 
_struct.title                     'RIBOSOMAL PROTEIN L6' 
_struct.pdbx_model_details        ? 
_struct.pdbx_CASP_flag            ? 
_struct.pdbx_model_type_details   ? 
# 
_struct_keywords.entry_id        1RL6 
_struct_keywords.pdbx_keywords   'RNA BINDING PROTEIN' 
_struct_keywords.text            
'RNA-BINDING PROTEIN, GENTAMICIN RESISTANCE, RIBOSOMAL PROTEIN, ALPHA/BETA PROTEIN, RNA BINDING PROTEIN' 
# 
loop_
_struct_asym.id 
_struct_asym.pdbx_blank_PDB_chainid_flag 
_struct_asym.pdbx_modified 
_struct_asym.entity_id 
_struct_asym.details 
A N N 1 ? 
B N N 2 ? 
# 
_struct_ref.id                         1 
_struct_ref.db_name                    UNP 
_struct_ref.db_code                    RL6_BACST 
_struct_ref.entity_id                  1 
_struct_ref.pdbx_db_accession          P02391 
_struct_ref.pdbx_align_begin           ? 
_struct_ref.pdbx_seq_one_letter_code   ? 
_struct_ref.pdbx_db_isoform            ? 
# 
_struct_ref_seq.align_id                      1 
_struct_ref_seq.ref_id                        1 
_struct_ref_seq.pdbx_PDB_id_code              1RL6 
_struct_ref_seq.pdbx_strand_id                A 
_struct_ref_seq.seq_align_beg                 1 
_struct_ref_seq.pdbx_seq_align_beg_ins_code   ? 
_struct_ref_seq.seq_align_end                 177 
_struct_ref_seq.pdbx_seq_align_end_ins_code   ? 
_struct_ref_seq.pdbx_db_accession             P02391 
_struct_ref_seq.db_align_beg                  1 
_struct_ref_seq.pdbx_db_align_beg_ins_code    ? 
_struct_ref_seq.db_align_end                  177 
_struct_ref_seq.pdbx_db_align_end_ins_code    ? 
_struct_ref_seq.pdbx_auth_seq_align_beg       1 
_struct_ref_seq.pdbx_auth_seq_align_end       177 
# 
_pdbx_struct_assembly.id                   1 
_pdbx_struct_assembly.details              author_defined_assembly 
_pdbx_struct_assembly.method_details       ? 
_pdbx_struct_assembly.oligomeric_details   monomeric 
_pdbx_struct_assembly.oligomeric_count     1 
# 
_pdbx_struct_assembly_gen.assembly_id       1 
_pdbx_struct_assembly_gen.oper_expression   1 
_pdbx_struct_assembly_gen.asym_id_list      A,B 
# 
_pdbx_struct_oper_list.id                   1 
_pdbx_struct_oper_list.type                 'identity operation' 
_pdbx_struct_oper_list.name                 1_555 
_pdbx_struct_oper_list.symmetry_operation   x,y,z 
_pdbx_struct_oper_list.matrix[1][1]         1.0000000000 
_pdbx_struct_oper_list.matrix[1][2]         0.0000000000 
_pdbx_struct_oper_list.matrix[1][3]         0.0000000000 
_pdbx_struct_oper_list.vector[1]            0.0000000000 
_pdbx_struct_oper_list.matrix[2][1]         0.0000000000 
_pdbx_struct_oper_list.matrix[2][2]         1.0000000000 
_pdbx_struct_oper_list.matrix[2][3]         0.0000000000 
_pdbx_struct_oper_list.vector[2]            0.0000000000 
_pdbx_struct_oper_list.matrix[3][1]         0.0000000000 
_pdbx_struct_oper_list.matrix[3][2]         0.0000000000 
_pdbx_struct_oper_list.matrix[3][3]         1.0000000000 
_pdbx_struct_oper_list.vector[3]            0.0000000000 
# 
_struct_biol.id   1 
# 
loop_
_struct_conf.conf_type_id 
_struct_conf.id 
_struct_conf.pdbx_PDB_helix_id 
_struct_conf.beg_label_comp_id 
_struct_conf.beg_label_asym_id 
_struct_conf.beg_label_seq_id 
_struct_conf.pdbx_beg_PDB_ins_code 
_struct_conf.end_label_comp_id 
_struct_conf.end_label_asym_id 
_struct_conf.end_label_seq_id 
_struct_conf.pdbx_end_PDB_ins_code 
_struct_conf.beg_auth_comp_id 
_struct_conf.beg_auth_asym_id 
_struct_conf.beg_auth_seq_id 
_struct_conf.end_auth_comp_id 
_struct_conf.end_auth_asym_id 
_struct_conf.end_auth_seq_id 
_struct_conf.pdbx_PDB_helix_class 
_struct_conf.details 
_struct_conf.pdbx_PDB_helix_length 
HELX_P HELX_P1 1 LYS A 58  ? SER A 79  ? LYS A 58  SER A 79  1 ? 22 
HELX_P HELX_P2 2 LYS A 137 ? VAL A 150 ? LYS A 137 VAL A 150 1 ? 14 
# 
_struct_conf_type.id          HELX_P 
_struct_conf_type.criteria    ? 
_struct_conf_type.reference   ? 
# 
loop_
_struct_sheet.id 
_struct_sheet.type 
_struct_sheet.number_strands 
_struct_sheet.details 
A ? 3 ? 
B ? 2 ? 
C ? 4 ? 
D ? 3 ? 
# 
loop_
_struct_sheet_order.sheet_id 
_struct_sheet_order.range_id_1 
_struct_sheet_order.range_id_2 
_struct_sheet_order.offset 
_struct_sheet_order.sense 
A 1 2 ? anti-parallel 
A 2 3 ? anti-parallel 
B 1 2 ? anti-parallel 
C 1 2 ? anti-parallel 
C 2 3 ? anti-parallel 
C 3 4 ? anti-parallel 
D 1 2 ? anti-parallel 
D 2 3 ? anti-parallel 
# 
loop_
_struct_sheet_range.sheet_id 
_struct_sheet_range.id 
_struct_sheet_range.beg_label_comp_id 
_struct_sheet_range.beg_label_asym_id 
_struct_sheet_range.beg_label_seq_id 
_struct_sheet_range.pdbx_beg_PDB_ins_code 
_struct_sheet_range.end_label_comp_id 
_struct_sheet_range.end_label_asym_id 
_struct_sheet_range.end_label_seq_id 
_struct_sheet_range.pdbx_end_PDB_ins_code 
_struct_sheet_range.beg_auth_comp_id 
_struct_sheet_range.beg_auth_asym_id 
_struct_sheet_range.beg_auth_seq_id 
_struct_sheet_range.end_auth_comp_id 
_struct_sheet_range.end_auth_asym_id 
_struct_sheet_range.end_auth_seq_id 
A 1 THR A 15  ? ASN A 19  ? THR A 15  ASN A 19  
A 2 THR A 22  ? GLY A 27  ? THR A 22  GLY A 27  
A 3 GLY A 30  ? THR A 35  ? GLY A 30  THR A 35  
B 1 MET A 40  ? GLU A 45  ? MET A 40  GLU A 45  
B 2 VAL A 48  ? ARG A 53  ? VAL A 48  ARG A 53  
C 1 GLY A 160 ? TYR A 163 ? GLY A 160 TYR A 163 
C 2 TYR A 82  ? VAL A 89  ? TYR A 82  VAL A 89  
C 3 LYS A 129 ? GLY A 134 ? LYS A 129 GLY A 134 
C 4 LEU A 120 ? GLU A 123 ? LEU A 120 GLU A 123 
D 1 ARG A 94  ? GLN A 98  ? ARG A 94  GLN A 98  
D 2 LYS A 101 ? SER A 105 ? LYS A 101 SER A 105 
D 3 VAL A 112 ? GLU A 115 ? VAL A 112 GLU A 115 
# 
loop_
_pdbx_struct_sheet_hbond.sheet_id 
_pdbx_struct_sheet_hbond.range_id_1 
_pdbx_struct_sheet_hbond.range_id_2 
_pdbx_struct_sheet_hbond.range_1_label_atom_id 
_pdbx_struct_sheet_hbond.range_1_label_comp_id 
_pdbx_struct_sheet_hbond.range_1_label_asym_id 
_pdbx_struct_sheet_hbond.range_1_label_seq_id 
_pdbx_struct_sheet_hbond.range_1_PDB_ins_code 
_pdbx_struct_sheet_hbond.range_1_auth_atom_id 
_pdbx_struct_sheet_hbond.range_1_auth_comp_id 
_pdbx_struct_sheet_hbond.range_1_auth_asym_id 
_pdbx_struct_sheet_hbond.range_1_auth_seq_id 
_pdbx_struct_sheet_hbond.range_2_label_atom_id 
_pdbx_struct_sheet_hbond.range_2_label_comp_id 
_pdbx_struct_sheet_hbond.range_2_label_asym_id 
_pdbx_struct_sheet_hbond.range_2_label_seq_id 
_pdbx_struct_sheet_hbond.range_2_PDB_ins_code 
_pdbx_struct_sheet_hbond.range_2_auth_atom_id 
_pdbx_struct_sheet_hbond.range_2_auth_comp_id 
_pdbx_struct_sheet_hbond.range_2_auth_asym_id 
_pdbx_struct_sheet_hbond.range_2_auth_seq_id 
A 1 2 O THR A 15  ? O THR A 15  N LYS A 26  ? N LYS A 26  
A 2 3 O VAL A 23  ? O VAL A 23  N ARG A 34  ? N ARG A 34  
B 1 2 O THR A 41  ? O THR A 41  N THR A 52  ? N THR A 52  
C 1 2 O GLY A 160 ? O GLY A 160 N VAL A 89  ? N VAL A 89  
C 2 3 O TYR A 82  ? O TYR A 82  N GLY A 134 ? N GLY A 134 
C 3 4 O ILE A 131 ? O ILE A 131 N GLU A 123 ? N GLU A 123 
D 1 2 O ARG A 94  ? O ARG A 94  N SER A 105 ? N SER A 105 
D 2 3 O LEU A 102 ? O LEU A 102 N ILE A 114 ? N ILE A 114 
# 
_pdbx_validate_torsion.id              1 
_pdbx_validate_torsion.PDB_model_num   1 
_pdbx_validate_torsion.auth_comp_id    ARG 
_pdbx_validate_torsion.auth_asym_id    A 
_pdbx_validate_torsion.auth_seq_id     151 
_pdbx_validate_torsion.PDB_ins_code    ? 
_pdbx_validate_torsion.label_alt_id    ? 
_pdbx_validate_torsion.phi             -160.13 
_pdbx_validate_torsion.psi             84.30 
# 
_pdbx_entry_details.entry_id                 1RL6 
_pdbx_entry_details.compound_details         
;THE PROTEIN CONTAINS TWO DOMAINS OF APPROXIMATELY EQUAL
SIZE. THE DOMAINS HAVE VERY SIMILAR ALPHA BETA STRUCTURES
AND SECONDARY STRUCTURE TOPOLOGIES AND APPEAR TO HAVE
ARISEN BY GENE DUPLICATION. EACH DOMAIN IS ALSO HOMOLOGOUS
TO THE RNA RECOGNITION MOTIF (RRM), WITH THE C-TERMINAL
DOMAIN BEING THE MOST SIMILAR.
;
_pdbx_entry_details.source_details           ? 
_pdbx_entry_details.nonpolymer_details       ? 
_pdbx_entry_details.sequence_details         ? 
_pdbx_entry_details.has_ligand_of_interest   ? 
# 
loop_
_pdbx_unobs_or_zero_occ_residues.id 
_pdbx_unobs_or_zero_occ_residues.PDB_model_num 
_pdbx_unobs_or_zero_occ_residues.polymer_flag 
_pdbx_unobs_or_zero_occ_residues.occupancy_flag 
_pdbx_unobs_or_zero_occ_residues.auth_asym_id 
_pdbx_unobs_or_zero_occ_residues.auth_comp_id 
_pdbx_unobs_or_zero_occ_residues.auth_seq_id 
_pdbx_unobs_or_zero_occ_residues.PDB_ins_code 
_pdbx_unobs_or_zero_occ_residues.label_asym_id 
_pdbx_unobs_or_zero_occ_residues.label_comp_id 
_pdbx_unobs_or_zero_occ_residues.label_seq_id 
1  1 Y 1 A SER 1   ? A SER 1   
2  1 Y 1 A ARG 2   ? A ARG 2   
3  1 Y 1 A VAL 3   ? A VAL 3   
4  1 Y 1 A GLY 4   ? A GLY 4   
5  1 Y 1 A LYS 5   ? A LYS 5   
6  1 Y 1 A LYS 6   ? A LYS 6   
7  1 Y 1 A LYS 171 ? A LYS 171 
8  1 Y 1 A GLU 172 ? A GLU 172 
9  1 Y 1 A GLY 173 ? A GLY 173 
10 1 Y 1 A LYS 174 ? A LYS 174 
11 1 Y 1 A THR 175 ? A THR 175 
12 1 Y 1 A GLY 176 ? A GLY 176 
13 1 Y 1 A LYS 177 ? A LYS 177 
# 
loop_
_chem_comp_atom.comp_id 
_chem_comp_atom.atom_id 
_chem_comp_atom.type_symbol 
_chem_comp_atom.pdbx_aromatic_flag 
_chem_comp_atom.pdbx_stereo_config 
_chem_comp_atom.pdbx_ordinal 
ALA N    N N N 1   
ALA CA   C N S 2   
ALA C    C N N 3   
ALA O    O N N 4   
ALA CB   C N N 5   
ALA OXT  O N N 6   
ALA H    H N N 7   
ALA H2   H N N 8   
ALA HA   H N N 9   
ALA HB1  H N N 10  
ALA HB2  H N N 11  
ALA HB3  H N N 12  
ALA HXT  H N N 13  
ARG N    N N N 14  
ARG CA   C N S 15  
ARG C    C N N 16  
ARG O    O N N 17  
ARG CB   C N N 18  
ARG CG   C N N 19  
ARG CD   C N N 20  
ARG NE   N N N 21  
ARG CZ   C N N 22  
ARG NH1  N N N 23  
ARG NH2  N N N 24  
ARG OXT  O N N 25  
ARG H    H N N 26  
ARG H2   H N N 27  
ARG HA   H N N 28  
ARG HB2  H N N 29  
ARG HB3  H N N 30  
ARG HG2  H N N 31  
ARG HG3  H N N 32  
ARG HD2  H N N 33  
ARG HD3  H N N 34  
ARG HE   H N N 35  
ARG HH11 H N N 36  
ARG HH12 H N N 37  
ARG HH21 H N N 38  
ARG HH22 H N N 39  
ARG HXT  H N N 40  
ASN N    N N N 41  
ASN CA   C N S 42  
ASN C    C N N 43  
ASN O    O N N 44  
ASN CB   C N N 45  
ASN CG   C N N 46  
ASN OD1  O N N 47  
ASN ND2  N N N 48  
ASN OXT  O N N 49  
ASN H    H N N 50  
ASN H2   H N N 51  
ASN HA   H N N 52  
ASN HB2  H N N 53  
ASN HB3  H N N 54  
ASN HD21 H N N 55  
ASN HD22 H N N 56  
ASN HXT  H N N 57  
ASP N    N N N 58  
ASP CA   C N S 59  
ASP C    C N N 60  
ASP O    O N N 61  
ASP CB   C N N 62  
ASP CG   C N N 63  
ASP OD1  O N N 64  
ASP OD2  O N N 65  
ASP OXT  O N N 66  
ASP H    H N N 67  
ASP H2   H N N 68  
ASP HA   H N N 69  
ASP HB2  H N N 70  
ASP HB3  H N N 71  
ASP HD2  H N N 72  
ASP HXT  H N N 73  
GLN N    N N N 74  
GLN CA   C N S 75  
GLN C    C N N 76  
GLN O    O N N 77  
GLN CB   C N N 78  
GLN CG   C N N 79  
GLN CD   C N N 80  
GLN OE1  O N N 81  
GLN NE2  N N N 82  
GLN OXT  O N N 83  
GLN H    H N N 84  
GLN H2   H N N 85  
GLN HA   H N N 86  
GLN HB2  H N N 87  
GLN HB3  H N N 88  
GLN HG2  H N N 89  
GLN HG3  H N N 90  
GLN HE21 H N N 91  
GLN HE22 H N N 92  
GLN HXT  H N N 93  
GLU N    N N N 94  
GLU CA   C N S 95  
GLU C    C N N 96  
GLU O    O N N 97  
GLU CB   C N N 98  
GLU CG   C N N 99  
GLU CD   C N N 100 
GLU OE1  O N N 101 
GLU OE2  O N N 102 
GLU OXT  O N N 103 
GLU H    H N N 104 
GLU H2   H N N 105 
GLU HA   H N N 106 
GLU HB2  H N N 107 
GLU HB3  H N N 108 
GLU HG2  H N N 109 
GLU HG3  H N N 110 
GLU HE2  H N N 111 
GLU HXT  H N N 112 
GLY N    N N N 113 
GLY CA   C N N 114 
GLY C    C N N 115 
GLY O    O N N 116 
GLY OXT  O N N 117 
GLY H    H N N 118 
GLY H2   H N N 119 
GLY HA2  H N N 120 
GLY HA3  H N N 121 
GLY HXT  H N N 122 
HIS N    N N N 123 
HIS CA   C N S 124 
HIS C    C N N 125 
HIS O    O N N 126 
HIS CB   C N N 127 
HIS CG   C Y N 128 
HIS ND1  N Y N 129 
HIS CD2  C Y N 130 
HIS CE1  C Y N 131 
HIS NE2  N Y N 132 
HIS OXT  O N N 133 
HIS H    H N N 134 
HIS H2   H N N 135 
HIS HA   H N N 136 
HIS HB2  H N N 137 
HIS HB3  H N N 138 
HIS HD1  H N N 139 
HIS HD2  H N N 140 
HIS HE1  H N N 141 
HIS HE2  H N N 142 
HIS HXT  H N N 143 
HOH O    O N N 144 
HOH H1   H N N 145 
HOH H2   H N N 146 
ILE N    N N N 147 
ILE CA   C N S 148 
ILE C    C N N 149 
ILE O    O N N 150 
ILE CB   C N S 151 
ILE CG1  C N N 152 
ILE CG2  C N N 153 
ILE CD1  C N N 154 
ILE OXT  O N N 155 
ILE H    H N N 156 
ILE H2   H N N 157 
ILE HA   H N N 158 
ILE HB   H N N 159 
ILE HG12 H N N 160 
ILE HG13 H N N 161 
ILE HG21 H N N 162 
ILE HG22 H N N 163 
ILE HG23 H N N 164 
ILE HD11 H N N 165 
ILE HD12 H N N 166 
ILE HD13 H N N 167 
ILE HXT  H N N 168 
LEU N    N N N 169 
LEU CA   C N S 170 
LEU C    C N N 171 
LEU O    O N N 172 
LEU CB   C N N 173 
LEU CG   C N N 174 
LEU CD1  C N N 175 
LEU CD2  C N N 176 
LEU OXT  O N N 177 
LEU H    H N N 178 
LEU H2   H N N 179 
LEU HA   H N N 180 
LEU HB2  H N N 181 
LEU HB3  H N N 182 
LEU HG   H N N 183 
LEU HD11 H N N 184 
LEU HD12 H N N 185 
LEU HD13 H N N 186 
LEU HD21 H N N 187 
LEU HD22 H N N 188 
LEU HD23 H N N 189 
LEU HXT  H N N 190 
LYS N    N N N 191 
LYS CA   C N S 192 
LYS C    C N N 193 
LYS O    O N N 194 
LYS CB   C N N 195 
LYS CG   C N N 196 
LYS CD   C N N 197 
LYS CE   C N N 198 
LYS NZ   N N N 199 
LYS OXT  O N N 200 
LYS H    H N N 201 
LYS H2   H N N 202 
LYS HA   H N N 203 
LYS HB2  H N N 204 
LYS HB3  H N N 205 
LYS HG2  H N N 206 
LYS HG3  H N N 207 
LYS HD2  H N N 208 
LYS HD3  H N N 209 
LYS HE2  H N N 210 
LYS HE3  H N N 211 
LYS HZ1  H N N 212 
LYS HZ2  H N N 213 
LYS HZ3  H N N 214 
LYS HXT  H N N 215 
MET N    N N N 216 
MET CA   C N S 217 
MET C    C N N 218 
MET O    O N N 219 
MET CB   C N N 220 
MET CG   C N N 221 
MET SD   S N N 222 
MET CE   C N N 223 
MET OXT  O N N 224 
MET H    H N N 225 
MET H2   H N N 226 
MET HA   H N N 227 
MET HB2  H N N 228 
MET HB3  H N N 229 
MET HG2  H N N 230 
MET HG3  H N N 231 
MET HE1  H N N 232 
MET HE2  H N N 233 
MET HE3  H N N 234 
MET HXT  H N N 235 
PHE N    N N N 236 
PHE CA   C N S 237 
PHE C    C N N 238 
PHE O    O N N 239 
PHE CB   C N N 240 
PHE CG   C Y N 241 
PHE CD1  C Y N 242 
PHE CD2  C Y N 243 
PHE CE1  C Y N 244 
PHE CE2  C Y N 245 
PHE CZ   C Y N 246 
PHE OXT  O N N 247 
PHE H    H N N 248 
PHE H2   H N N 249 
PHE HA   H N N 250 
PHE HB2  H N N 251 
PHE HB3  H N N 252 
PHE HD1  H N N 253 
PHE HD2  H N N 254 
PHE HE1  H N N 255 
PHE HE2  H N N 256 
PHE HZ   H N N 257 
PHE HXT  H N N 258 
PRO N    N N N 259 
PRO CA   C N S 260 
PRO C    C N N 261 
PRO O    O N N 262 
PRO CB   C N N 263 
PRO CG   C N N 264 
PRO CD   C N N 265 
PRO OXT  O N N 266 
PRO H    H N N 267 
PRO HA   H N N 268 
PRO HB2  H N N 269 
PRO HB3  H N N 270 
PRO HG2  H N N 271 
PRO HG3  H N N 272 
PRO HD2  H N N 273 
PRO HD3  H N N 274 
PRO HXT  H N N 275 
SER N    N N N 276 
SER CA   C N S 277 
SER C    C N N 278 
SER O    O N N 279 
SER CB   C N N 280 
SER OG   O N N 281 
SER OXT  O N N 282 
SER H    H N N 283 
SER H2   H N N 284 
SER HA   H N N 285 
SER HB2  H N N 286 
SER HB3  H N N 287 
SER HG   H N N 288 
SER HXT  H N N 289 
THR N    N N N 290 
THR CA   C N S 291 
THR C    C N N 292 
THR O    O N N 293 
THR CB   C N R 294 
THR OG1  O N N 295 
THR CG2  C N N 296 
THR OXT  O N N 297 
THR H    H N N 298 
THR H2   H N N 299 
THR HA   H N N 300 
THR HB   H N N 301 
THR HG1  H N N 302 
THR HG21 H N N 303 
THR HG22 H N N 304 
THR HG23 H N N 305 
THR HXT  H N N 306 
TYR N    N N N 307 
TYR CA   C N S 308 
TYR C    C N N 309 
TYR O    O N N 310 
TYR CB   C N N 311 
TYR CG   C Y N 312 
TYR CD1  C Y N 313 
TYR CD2  C Y N 314 
TYR CE1  C Y N 315 
TYR CE2  C Y N 316 
TYR CZ   C Y N 317 
TYR OH   O N N 318 
TYR OXT  O N N 319 
TYR H    H N N 320 
TYR H2   H N N 321 
TYR HA   H N N 322 
TYR HB2  H N N 323 
TYR HB3  H N N 324 
TYR HD1  H N N 325 
TYR HD2  H N N 326 
TYR HE1  H N N 327 
TYR HE2  H N N 328 
TYR HH   H N N 329 
TYR HXT  H N N 330 
VAL N    N N N 331 
VAL CA   C N S 332 
VAL C    C N N 333 
VAL O    O N N 334 
VAL CB   C N N 335 
VAL CG1  C N N 336 
VAL CG2  C N N 337 
VAL OXT  O N N 338 
VAL H    H N N 339 
VAL H2   H N N 340 
VAL HA   H N N 341 
VAL HB   H N N 342 
VAL HG11 H N N 343 
VAL HG12 H N N 344 
VAL HG13 H N N 345 
VAL HG21 H N N 346 
VAL HG22 H N N 347 
VAL HG23 H N N 348 
VAL HXT  H N N 349 
# 
loop_
_chem_comp_bond.comp_id 
_chem_comp_bond.atom_id_1 
_chem_comp_bond.atom_id_2 
_chem_comp_bond.value_order 
_chem_comp_bond.pdbx_aromatic_flag 
_chem_comp_bond.pdbx_stereo_config 
_chem_comp_bond.pdbx_ordinal 
ALA N   CA   sing N N 1   
ALA N   H    sing N N 2   
ALA N   H2   sing N N 3   
ALA CA  C    sing N N 4   
ALA CA  CB   sing N N 5   
ALA CA  HA   sing N N 6   
ALA C   O    doub N N 7   
ALA C   OXT  sing N N 8   
ALA CB  HB1  sing N N 9   
ALA CB  HB2  sing N N 10  
ALA CB  HB3  sing N N 11  
ALA OXT HXT  sing N N 12  
ARG N   CA   sing N N 13  
ARG N   H    sing N N 14  
ARG N   H2   sing N N 15  
ARG CA  C    sing N N 16  
ARG CA  CB   sing N N 17  
ARG CA  HA   sing N N 18  
ARG C   O    doub N N 19  
ARG C   OXT  sing N N 20  
ARG CB  CG   sing N N 21  
ARG CB  HB2  sing N N 22  
ARG CB  HB3  sing N N 23  
ARG CG  CD   sing N N 24  
ARG CG  HG2  sing N N 25  
ARG CG  HG3  sing N N 26  
ARG CD  NE   sing N N 27  
ARG CD  HD2  sing N N 28  
ARG CD  HD3  sing N N 29  
ARG NE  CZ   sing N N 30  
ARG NE  HE   sing N N 31  
ARG CZ  NH1  sing N N 32  
ARG CZ  NH2  doub N N 33  
ARG NH1 HH11 sing N N 34  
ARG NH1 HH12 sing N N 35  
ARG NH2 HH21 sing N N 36  
ARG NH2 HH22 sing N N 37  
ARG OXT HXT  sing N N 38  
ASN N   CA   sing N N 39  
ASN N   H    sing N N 40  
ASN N   H2   sing N N 41  
ASN CA  C    sing N N 42  
ASN CA  CB   sing N N 43  
ASN CA  HA   sing N N 44  
ASN C   O    doub N N 45  
ASN C   OXT  sing N N 46  
ASN CB  CG   sing N N 47  
ASN CB  HB2  sing N N 48  
ASN CB  HB3  sing N N 49  
ASN CG  OD1  doub N N 50  
ASN CG  ND2  sing N N 51  
ASN ND2 HD21 sing N N 52  
ASN ND2 HD22 sing N N 53  
ASN OXT HXT  sing N N 54  
ASP N   CA   sing N N 55  
ASP N   H    sing N N 56  
ASP N   H2   sing N N 57  
ASP CA  C    sing N N 58  
ASP CA  CB   sing N N 59  
ASP CA  HA   sing N N 60  
ASP C   O    doub N N 61  
ASP C   OXT  sing N N 62  
ASP CB  CG   sing N N 63  
ASP CB  HB2  sing N N 64  
ASP CB  HB3  sing N N 65  
ASP CG  OD1  doub N N 66  
ASP CG  OD2  sing N N 67  
ASP OD2 HD2  sing N N 68  
ASP OXT HXT  sing N N 69  
GLN N   CA   sing N N 70  
GLN N   H    sing N N 71  
GLN N   H2   sing N N 72  
GLN CA  C    sing N N 73  
GLN CA  CB   sing N N 74  
GLN CA  HA   sing N N 75  
GLN C   O    doub N N 76  
GLN C   OXT  sing N N 77  
GLN CB  CG   sing N N 78  
GLN CB  HB2  sing N N 79  
GLN CB  HB3  sing N N 80  
GLN CG  CD   sing N N 81  
GLN CG  HG2  sing N N 82  
GLN CG  HG3  sing N N 83  
GLN CD  OE1  doub N N 84  
GLN CD  NE2  sing N N 85  
GLN NE2 HE21 sing N N 86  
GLN NE2 HE22 sing N N 87  
GLN OXT HXT  sing N N 88  
GLU N   CA   sing N N 89  
GLU N   H    sing N N 90  
GLU N   H2   sing N N 91  
GLU CA  C    sing N N 92  
GLU CA  CB   sing N N 93  
GLU CA  HA   sing N N 94  
GLU C   O    doub N N 95  
GLU C   OXT  sing N N 96  
GLU CB  CG   sing N N 97  
GLU CB  HB2  sing N N 98  
GLU CB  HB3  sing N N 99  
GLU CG  CD   sing N N 100 
GLU CG  HG2  sing N N 101 
GLU CG  HG3  sing N N 102 
GLU CD  OE1  doub N N 103 
GLU CD  OE2  sing N N 104 
GLU OE2 HE2  sing N N 105 
GLU OXT HXT  sing N N 106 
GLY N   CA   sing N N 107 
GLY N   H    sing N N 108 
GLY N   H2   sing N N 109 
GLY CA  C    sing N N 110 
GLY CA  HA2  sing N N 111 
GLY CA  HA3  sing N N 112 
GLY C   O    doub N N 113 
GLY C   OXT  sing N N 114 
GLY OXT HXT  sing N N 115 
HIS N   CA   sing N N 116 
HIS N   H    sing N N 117 
HIS N   H2   sing N N 118 
HIS CA  C    sing N N 119 
HIS CA  CB   sing N N 120 
HIS CA  HA   sing N N 121 
HIS C   O    doub N N 122 
HIS C   OXT  sing N N 123 
HIS CB  CG   sing N N 124 
HIS CB  HB2  sing N N 125 
HIS CB  HB3  sing N N 126 
HIS CG  ND1  sing Y N 127 
HIS CG  CD2  doub Y N 128 
HIS ND1 CE1  doub Y N 129 
HIS ND1 HD1  sing N N 130 
HIS CD2 NE2  sing Y N 131 
HIS CD2 HD2  sing N N 132 
HIS CE1 NE2  sing Y N 133 
HIS CE1 HE1  sing N N 134 
HIS NE2 HE2  sing N N 135 
HIS OXT HXT  sing N N 136 
HOH O   H1   sing N N 137 
HOH O   H2   sing N N 138 
ILE N   CA   sing N N 139 
ILE N   H    sing N N 140 
ILE N   H2   sing N N 141 
ILE CA  C    sing N N 142 
ILE CA  CB   sing N N 143 
ILE CA  HA   sing N N 144 
ILE C   O    doub N N 145 
ILE C   OXT  sing N N 146 
ILE CB  CG1  sing N N 147 
ILE CB  CG2  sing N N 148 
ILE CB  HB   sing N N 149 
ILE CG1 CD1  sing N N 150 
ILE CG1 HG12 sing N N 151 
ILE CG1 HG13 sing N N 152 
ILE CG2 HG21 sing N N 153 
ILE CG2 HG22 sing N N 154 
ILE CG2 HG23 sing N N 155 
ILE CD1 HD11 sing N N 156 
ILE CD1 HD12 sing N N 157 
ILE CD1 HD13 sing N N 158 
ILE OXT HXT  sing N N 159 
LEU N   CA   sing N N 160 
LEU N   H    sing N N 161 
LEU N   H2   sing N N 162 
LEU CA  C    sing N N 163 
LEU CA  CB   sing N N 164 
LEU CA  HA   sing N N 165 
LEU C   O    doub N N 166 
LEU C   OXT  sing N N 167 
LEU CB  CG   sing N N 168 
LEU CB  HB2  sing N N 169 
LEU CB  HB3  sing N N 170 
LEU CG  CD1  sing N N 171 
LEU CG  CD2  sing N N 172 
LEU CG  HG   sing N N 173 
LEU CD1 HD11 sing N N 174 
LEU CD1 HD12 sing N N 175 
LEU CD1 HD13 sing N N 176 
LEU CD2 HD21 sing N N 177 
LEU CD2 HD22 sing N N 178 
LEU CD2 HD23 sing N N 179 
LEU OXT HXT  sing N N 180 
LYS N   CA   sing N N 181 
LYS N   H    sing N N 182 
LYS N   H2   sing N N 183 
LYS CA  C    sing N N 184 
LYS CA  CB   sing N N 185 
LYS CA  HA   sing N N 186 
LYS C   O    doub N N 187 
LYS C   OXT  sing N N 188 
LYS CB  CG   sing N N 189 
LYS CB  HB2  sing N N 190 
LYS CB  HB3  sing N N 191 
LYS CG  CD   sing N N 192 
LYS CG  HG2  sing N N 193 
LYS CG  HG3  sing N N 194 
LYS CD  CE   sing N N 195 
LYS CD  HD2  sing N N 196 
LYS CD  HD3  sing N N 197 
LYS CE  NZ   sing N N 198 
LYS CE  HE2  sing N N 199 
LYS CE  HE3  sing N N 200 
LYS NZ  HZ1  sing N N 201 
LYS NZ  HZ2  sing N N 202 
LYS NZ  HZ3  sing N N 203 
LYS OXT HXT  sing N N 204 
MET N   CA   sing N N 205 
MET N   H    sing N N 206 
MET N   H2   sing N N 207 
MET CA  C    sing N N 208 
MET CA  CB   sing N N 209 
MET CA  HA   sing N N 210 
MET C   O    doub N N 211 
MET C   OXT  sing N N 212 
MET CB  CG   sing N N 213 
MET CB  HB2  sing N N 214 
MET CB  HB3  sing N N 215 
MET CG  SD   sing N N 216 
MET CG  HG2  sing N N 217 
MET CG  HG3  sing N N 218 
MET SD  CE   sing N N 219 
MET CE  HE1  sing N N 220 
MET CE  HE2  sing N N 221 
MET CE  HE3  sing N N 222 
MET OXT HXT  sing N N 223 
PHE N   CA   sing N N 224 
PHE N   H    sing N N 225 
PHE N   H2   sing N N 226 
PHE CA  C    sing N N 227 
PHE CA  CB   sing N N 228 
PHE CA  HA   sing N N 229 
PHE C   O    doub N N 230 
PHE C   OXT  sing N N 231 
PHE CB  CG   sing N N 232 
PHE CB  HB2  sing N N 233 
PHE CB  HB3  sing N N 234 
PHE CG  CD1  doub Y N 235 
PHE CG  CD2  sing Y N 236 
PHE CD1 CE1  sing Y N 237 
PHE CD1 HD1  sing N N 238 
PHE CD2 CE2  doub Y N 239 
PHE CD2 HD2  sing N N 240 
PHE CE1 CZ   doub Y N 241 
PHE CE1 HE1  sing N N 242 
PHE CE2 CZ   sing Y N 243 
PHE CE2 HE2  sing N N 244 
PHE CZ  HZ   sing N N 245 
PHE OXT HXT  sing N N 246 
PRO N   CA   sing N N 247 
PRO N   CD   sing N N 248 
PRO N   H    sing N N 249 
PRO CA  C    sing N N 250 
PRO CA  CB   sing N N 251 
PRO CA  HA   sing N N 252 
PRO C   O    doub N N 253 
PRO C   OXT  sing N N 254 
PRO CB  CG   sing N N 255 
PRO CB  HB2  sing N N 256 
PRO CB  HB3  sing N N 257 
PRO CG  CD   sing N N 258 
PRO CG  HG2  sing N N 259 
PRO CG  HG3  sing N N 260 
PRO CD  HD2  sing N N 261 
PRO CD  HD3  sing N N 262 
PRO OXT HXT  sing N N 263 
SER N   CA   sing N N 264 
SER N   H    sing N N 265 
SER N   H2   sing N N 266 
SER CA  C    sing N N 267 
SER CA  CB   sing N N 268 
SER CA  HA   sing N N 269 
SER C   O    doub N N 270 
SER C   OXT  sing N N 271 
SER CB  OG   sing N N 272 
SER CB  HB2  sing N N 273 
SER CB  HB3  sing N N 274 
SER OG  HG   sing N N 275 
SER OXT HXT  sing N N 276 
THR N   CA   sing N N 277 
THR N   H    sing N N 278 
THR N   H2   sing N N 279 
THR CA  C    sing N N 280 
THR CA  CB   sing N N 281 
THR CA  HA   sing N N 282 
THR C   O    doub N N 283 
THR C   OXT  sing N N 284 
THR CB  OG1  sing N N 285 
THR CB  CG2  sing N N 286 
THR CB  HB   sing N N 287 
THR OG1 HG1  sing N N 288 
THR CG2 HG21 sing N N 289 
THR CG2 HG22 sing N N 290 
THR CG2 HG23 sing N N 291 
THR OXT HXT  sing N N 292 
TYR N   CA   sing N N 293 
TYR N   H    sing N N 294 
TYR N   H2   sing N N 295 
TYR CA  C    sing N N 296 
TYR CA  CB   sing N N 297 
TYR CA  HA   sing N N 298 
TYR C   O    doub N N 299 
TYR C   OXT  sing N N 300 
TYR CB  CG   sing N N 301 
TYR CB  HB2  sing N N 302 
TYR CB  HB3  sing N N 303 
TYR CG  CD1  doub Y N 304 
TYR CG  CD2  sing Y N 305 
TYR CD1 CE1  sing Y N 306 
TYR CD1 HD1  sing N N 307 
TYR CD2 CE2  doub Y N 308 
TYR CD2 HD2  sing N N 309 
TYR CE1 CZ   doub Y N 310 
TYR CE1 HE1  sing N N 311 
TYR CE2 CZ   sing Y N 312 
TYR CE2 HE2  sing N N 313 
TYR CZ  OH   sing N N 314 
TYR OH  HH   sing N N 315 
TYR OXT HXT  sing N N 316 
VAL N   CA   sing N N 317 
VAL N   H    sing N N 318 
VAL N   H2   sing N N 319 
VAL CA  C    sing N N 320 
VAL CA  CB   sing N N 321 
VAL CA  HA   sing N N 322 
VAL C   O    doub N N 323 
VAL C   OXT  sing N N 324 
VAL CB  CG1  sing N N 325 
VAL CB  CG2  sing N N 326 
VAL CB  HB   sing N N 327 
VAL CG1 HG11 sing N N 328 
VAL CG1 HG12 sing N N 329 
VAL CG1 HG13 sing N N 330 
VAL CG2 HG21 sing N N 331 
VAL CG2 HG22 sing N N 332 
VAL CG2 HG23 sing N N 333 
VAL OXT HXT  sing N N 334 
# 
_atom_sites.entry_id                    1RL6 
_atom_sites.fract_transf_matrix[1][1]   -0.00553745 
_atom_sites.fract_transf_matrix[1][2]   -0.00071401 
_atom_sites.fract_transf_matrix[1][3]   0.01508131 
_atom_sites.fract_transf_matrix[2][1]   -0.01509584 
_atom_sites.fract_transf_matrix[2][2]   -0.00478293 
_atom_sites.fract_transf_matrix[2][3]   0.00280531 
_atom_sites.fract_transf_matrix[3][1]   0.00251495 
_atom_sites.fract_transf_matrix[3][2]   -0.00760729 
_atom_sites.fract_transf_matrix[3][3]   0.00056326 
_atom_sites.fract_transf_vector[1]      1.349290 
_atom_sites.fract_transf_vector[2]      0.442920 
_atom_sites.fract_transf_vector[3]      0.585418 
# 
loop_
_atom_type.symbol 
C 
N 
O 
S 
# 
loop_
_atom_site.group_PDB 
_atom_site.id 
_atom_site.type_symbol 
_atom_site.label_atom_id 
_atom_site.label_alt_id 
_atom_site.label_comp_id 
_atom_site.label_asym_id 
_atom_site.label_entity_id 
_atom_site.label_seq_id 
_atom_site.pdbx_PDB_ins_code 
_atom_site.Cartn_x 
_atom_site.Cartn_y 
_atom_site.Cartn_z 
_atom_site.occupancy 
_atom_site.B_iso_or_equiv 
_atom_site.pdbx_formal_charge 
_atom_site.auth_seq_id 
_atom_site.auth_comp_id 
_atom_site.auth_asym_id 
_atom_site.auth_atom_id 
_atom_site.pdbx_PDB_model_num 
ATOM   1    N N   . PRO A 1 7   ? 14.690  -5.116  -18.690 1.00 61.22  ? 7   PRO A N   1 
ATOM   2    C CA  . PRO A 1 7   ? 13.373  -5.712  -18.493 1.00 59.29  ? 7   PRO A CA  1 
ATOM   3    C C   . PRO A 1 7   ? 13.099  -5.958  -17.005 1.00 57.08  ? 7   PRO A C   1 
ATOM   4    O O   . PRO A 1 7   ? 13.987  -5.943  -16.163 1.00 56.59  ? 7   PRO A O   1 
ATOM   5    C CB  . PRO A 1 7   ? 13.381  -6.993  -19.227 1.00 60.16  ? 7   PRO A CB  1 
ATOM   6    C CG  . PRO A 1 7   ? 14.781  -7.525  -18.917 1.00 60.42  ? 7   PRO A CG  1 
ATOM   7    C CD  . PRO A 1 7   ? 15.703  -6.176  -18.934 1.00 62.29  ? 7   PRO A CD  1 
ATOM   8    N N   . ILE A 1 8   ? 11.822  -6.234  -16.675 1.00 54.06  ? 8   ILE A N   1 
ATOM   9    C CA  . ILE A 1 8   ? 11.409  -6.532  -15.307 1.00 48.06  ? 8   ILE A CA  1 
ATOM   10   C C   . ILE A 1 8   ? 11.156  -8.017  -15.166 1.00 45.80  ? 8   ILE A C   1 
ATOM   11   O O   . ILE A 1 8   ? 10.393  -8.613  -15.924 1.00 43.03  ? 8   ILE A O   1 
ATOM   12   C CB  . ILE A 1 8   ? 10.114  -5.780  -14.881 1.00 48.23  ? 8   ILE A CB  1 
ATOM   13   C CG1 . ILE A 1 8   ? 10.337  -4.268  -14.850 1.00 43.77  ? 8   ILE A CG1 1 
ATOM   14   C CG2 . ILE A 1 8   ? 9.621   -6.279  -13.519 1.00 47.99  ? 8   ILE A CG2 1 
ATOM   15   C CD1 . ILE A 1 8   ? 10.149  -3.584  -16.189 1.00 45.51  ? 8   ILE A CD1 1 
ATOM   16   N N   . GLU A 1 9   ? 11.837  -8.622  -14.214 1.00 46.44  ? 9   GLU A N   1 
ATOM   17   C CA  . GLU A 1 9   ? 11.663  -10.040 -13.991 1.00 45.67  ? 9   GLU A CA  1 
ATOM   18   C C   . GLU A 1 9   ? 10.292  -10.351 -13.351 1.00 41.36  ? 9   GLU A C   1 
ATOM   19   O O   . GLU A 1 9   ? 9.899   -9.708  -12.370 1.00 40.29  ? 9   GLU A O   1 
ATOM   20   C CB  . GLU A 1 9   ? 12.799  -10.526 -13.092 1.00 50.71  ? 9   GLU A CB  1 
ATOM   21   C CG  . GLU A 1 9   ? 13.562  -11.722 -13.645 1.00 58.86  ? 9   GLU A CG  1 
ATOM   22   C CD  . GLU A 1 9   ? 14.039  -12.651 -12.543 1.00 63.19  ? 9   GLU A CD  1 
ATOM   23   O OE1 . GLU A 1 9   ? 13.188  -13.307 -11.903 1.00 65.69  ? 9   GLU A OE1 1 
ATOM   24   O OE2 . GLU A 1 9   ? 15.265  -12.724 -12.306 1.00 68.52  ? 9   GLU A OE2 1 
ATOM   25   N N   . ILE A 1 10  ? 9.572   -11.315 -13.921 1.00 39.12  ? 10  ILE A N   1 
ATOM   26   C CA  . ILE A 1 10  ? 8.289   -11.740 -13.382 1.00 35.36  ? 10  ILE A CA  1 
ATOM   27   C C   . ILE A 1 10  ? 8.577   -12.881 -12.392 1.00 36.06  ? 10  ILE A C   1 
ATOM   28   O O   . ILE A 1 10  ? 8.914   -14.007 -12.792 1.00 37.14  ? 10  ILE A O   1 
ATOM   29   C CB  . ILE A 1 10  ? 7.364   -12.272 -14.478 1.00 32.87  ? 10  ILE A CB  1 
ATOM   30   C CG1 . ILE A 1 10  ? 7.068   -11.198 -15.526 1.00 31.82  ? 10  ILE A CG1 1 
ATOM   31   C CG2 . ILE A 1 10  ? 6.088   -12.773 -13.880 1.00 31.16  ? 10  ILE A CG2 1 
ATOM   32   C CD1 . ILE A 1 10  ? 6.136   -11.673 -16.608 1.00 31.71  ? 10  ILE A CD1 1 
ATOM   33   N N   . PRO A 1 11  ? 8.471   -12.615 -11.095 1.00 34.92  ? 11  PRO A N   1 
ATOM   34   C CA  . PRO A 1 11  ? 8.740   -13.672 -10.136 1.00 33.39  ? 11  PRO A CA  1 
ATOM   35   C C   . PRO A 1 11  ? 7.679   -14.742 -10.232 1.00 33.73  ? 11  PRO A C   1 
ATOM   36   O O   . PRO A 1 11  ? 6.707   -14.590 -10.965 1.00 34.26  ? 11  PRO A O   1 
ATOM   37   C CB  . PRO A 1 11  ? 8.690   -12.954 -8.800  1.00 32.21  ? 11  PRO A CB  1 
ATOM   38   C CG  . PRO A 1 11  ? 7.719   -11.857 -9.047  1.00 32.02  ? 11  PRO A CG  1 
ATOM   39   C CD  . PRO A 1 11  ? 8.117   -11.358 -10.393 1.00 33.85  ? 11  PRO A CD  1 
ATOM   40   N N   . ALA A 1 12  ? 7.875   -15.814 -9.489  1.00 35.62  ? 12  ALA A N   1 
ATOM   41   C CA  . ALA A 1 12  ? 6.937   -16.921 -9.486  1.00 33.28  ? 12  ALA A CA  1 
ATOM   42   C C   . ALA A 1 12  ? 5.628   -16.562 -8.803  1.00 31.36  ? 12  ALA A C   1 
ATOM   43   O O   . ALA A 1 12  ? 5.590   -15.803 -7.853  1.00 33.42  ? 12  ALA A O   1 
ATOM   44   C CB  . ALA A 1 12  ? 7.573   -18.155 -8.829  1.00 36.99  ? 12  ALA A CB  1 
ATOM   45   N N   . GLY A 1 13  ? 4.545   -17.141 -9.275  1.00 29.82  ? 13  GLY A N   1 
ATOM   46   C CA  . GLY A 1 13  ? 3.255   -16.846 -8.687  1.00 32.54  ? 13  GLY A CA  1 
ATOM   47   C C   . GLY A 1 13  ? 2.643   -15.576 -9.253  1.00 31.78  ? 13  GLY A C   1 
ATOM   48   O O   . GLY A 1 13  ? 1.454   -15.300 -9.051  1.00 31.97  ? 13  GLY A O   1 
ATOM   49   N N   . VAL A 1 14  ? 3.446   -14.809 -9.985  1.00 29.98  ? 14  VAL A N   1 
ATOM   50   C CA  . VAL A 1 14  ? 2.973   -13.565 -10.559 1.00 26.49  ? 14  VAL A CA  1 
ATOM   51   C C   . VAL A 1 14  ? 2.525   -13.714 -12.012 1.00 24.30  ? 14  VAL A C   1 
ATOM   52   O O   . VAL A 1 14  ? 3.231   -14.286 -12.814 1.00 26.17  ? 14  VAL A O   1 
ATOM   53   C CB  . VAL A 1 14  ? 4.087   -12.468 -10.424 1.00 26.31  ? 14  VAL A CB  1 
ATOM   54   C CG1 . VAL A 1 14  ? 3.709   -11.159 -11.180 1.00 24.93  ? 14  VAL A CG1 1 
ATOM   55   C CG2 . VAL A 1 14  ? 4.344   -12.178 -8.946  1.00 24.32  ? 14  VAL A CG2 1 
ATOM   56   N N   . THR A 1 15  ? 1.327   -13.232 -12.324 1.00 23.72  ? 15  THR A N   1 
ATOM   57   C CA  . THR A 1 15  ? 0.787   -13.244 -13.680 1.00 23.17  ? 15  THR A CA  1 
ATOM   58   C C   . THR A 1 15  ? 0.691   -11.780 -14.183 1.00 25.84  ? 15  THR A C   1 
ATOM   59   O O   . THR A 1 15  ? 0.105   -10.920 -13.513 1.00 26.75  ? 15  THR A O   1 
ATOM   60   C CB  . THR A 1 15  ? -0.620  -13.855 -13.711 1.00 21.32  ? 15  THR A CB  1 
ATOM   61   O OG1 . THR A 1 15  ? -0.588  -15.161 -13.149 1.00 22.54  ? 15  THR A OG1 1 
ATOM   62   C CG2 . THR A 1 15  ? -1.159  -13.923 -15.117 1.00 21.44  ? 15  THR A CG2 1 
ATOM   63   N N   . VAL A 1 16  ? 1.299   -11.490 -15.338 1.00 22.74  ? 16  VAL A N   1 
ATOM   64   C CA  . VAL A 1 16  ? 1.252   -10.147 -15.926 1.00 22.76  ? 16  VAL A CA  1 
ATOM   65   C C   . VAL A 1 16  ? 0.439   -10.172 -17.222 1.00 26.58  ? 16  VAL A C   1 
ATOM   66   O O   . VAL A 1 16  ? 0.639   -11.037 -18.076 1.00 29.14  ? 16  VAL A O   1 
ATOM   67   C CB  . VAL A 1 16  ? 2.651   -9.591  -16.238 1.00 19.86  ? 16  VAL A CB  1 
ATOM   68   C CG1 . VAL A 1 16  ? 2.533   -8.206  -16.936 1.00 19.48  ? 16  VAL A CG1 1 
ATOM   69   C CG2 . VAL A 1 16  ? 3.444   -9.497  -14.953 1.00 18.11  ? 16  VAL A CG2 1 
ATOM   70   N N   . THR A 1 17  ? -0.488  -9.240  -17.366 1.00 25.53  ? 17  THR A N   1 
ATOM   71   C CA  . THR A 1 17  ? -1.315  -9.182  -18.557 1.00 27.24  ? 17  THR A CA  1 
ATOM   72   C C   . THR A 1 17  ? -1.242  -7.766  -19.133 1.00 25.74  ? 17  THR A C   1 
ATOM   73   O O   . THR A 1 17  ? -1.345  -6.794  -18.406 1.00 23.77  ? 17  THR A O   1 
ATOM   74   C CB  . THR A 1 17  ? -2.797  -9.589  -18.240 1.00 27.39  ? 17  THR A CB  1 
ATOM   75   O OG1 . THR A 1 17  ? -2.877  -11.002 -18.006 1.00 28.91  ? 17  THR A OG1 1 
ATOM   76   C CG2 . THR A 1 17  ? -3.721  -9.237  -19.389 1.00 32.09  ? 17  THR A CG2 1 
ATOM   77   N N   . VAL A 1 18  ? -1.029  -7.664  -20.432 1.00 25.25  ? 18  VAL A N   1 
ATOM   78   C CA  . VAL A 1 18  ? -0.938  -6.374  -21.106 1.00 24.16  ? 18  VAL A CA  1 
ATOM   79   C C   . VAL A 1 18  ? -1.979  -6.286  -22.211 1.00 26.50  ? 18  VAL A C   1 
ATOM   80   O O   . VAL A 1 18  ? -2.119  -7.199  -23.022 1.00 27.54  ? 18  VAL A O   1 
ATOM   81   C CB  . VAL A 1 18  ? 0.444   -6.144  -21.743 1.00 21.89  ? 18  VAL A CB  1 
ATOM   82   C CG1 . VAL A 1 18  ? 0.503   -4.758  -22.323 1.00 25.01  ? 18  VAL A CG1 1 
ATOM   83   C CG2 . VAL A 1 18  ? 1.533   -6.307  -20.715 1.00 20.60  ? 18  VAL A CG2 1 
ATOM   84   N N   . ASN A 1 19  ? -2.661  -5.158  -22.278 1.00 28.24  ? 19  ASN A N   1 
ATOM   85   C CA  . ASN A 1 19  ? -3.690  -4.937  -23.273 1.00 31.51  ? 19  ASN A CA  1 
ATOM   86   C C   . ASN A 1 19  ? -3.606  -3.475  -23.675 1.00 30.84  ? 19  ASN A C   1 
ATOM   87   O O   . ASN A 1 19  ? -4.175  -2.601  -23.006 1.00 30.10  ? 19  ASN A O   1 
ATOM   88   C CB  . ASN A 1 19  ? -5.055  -5.228  -22.652 1.00 38.36  ? 19  ASN A CB  1 
ATOM   89   C CG  . ASN A 1 19  ? -6.186  -4.719  -23.492 1.00 47.60  ? 19  ASN A CG  1 
ATOM   90   O OD1 . ASN A 1 19  ? -6.324  -5.074  -24.675 1.00 51.55  ? 19  ASN A OD1 1 
ATOM   91   N ND2 . ASN A 1 19  ? -7.000  -3.840  -22.911 1.00 54.00  ? 19  ASN A ND2 1 
ATOM   92   N N   . GLY A 1 20  ? -2.812  -3.188  -24.698 1.00 29.76  ? 20  GLY A N   1 
ATOM   93   C CA  . GLY A 1 20  ? -2.681  -1.808  -25.116 1.00 25.50  ? 20  GLY A CA  1 
ATOM   94   C C   . GLY A 1 20  ? -1.853  -1.079  -24.081 1.00 25.71  ? 20  GLY A C   1 
ATOM   95   O O   . GLY A 1 20  ? -0.727  -1.476  -23.813 1.00 27.42  ? 20  GLY A O   1 
ATOM   96   N N   . ASN A 1 21  ? -2.390  -0.037  -23.471 1.00 25.61  ? 21  ASN A N   1 
ATOM   97   C CA  . ASN A 1 21  ? -1.602  0.679   -22.470 1.00 30.09  ? 21  ASN A CA  1 
ATOM   98   C C   . ASN A 1 21  ? -1.958  0.360   -21.026 1.00 26.32  ? 21  ASN A C   1 
ATOM   99   O O   . ASN A 1 21  ? -1.471  1.005   -20.109 1.00 26.38  ? 21  ASN A O   1 
ATOM   100  C CB  . ASN A 1 21  ? -1.685  2.192   -22.692 1.00 34.48  ? 21  ASN A CB  1 
ATOM   101  C CG  . ASN A 1 21  ? -3.085  2.749   -22.452 1.00 42.42  ? 21  ASN A CG  1 
ATOM   102  O OD1 . ASN A 1 21  ? -4.102  2.082   -22.720 1.00 44.87  ? 21  ASN A OD1 1 
ATOM   103  N ND2 . ASN A 1 21  ? -3.145  3.992   -21.961 1.00 45.67  ? 21  ASN A ND2 1 
ATOM   104  N N   . THR A 1 22  ? -2.806  -0.638  -20.838 1.00 25.83  ? 22  THR A N   1 
ATOM   105  C CA  . THR A 1 22  ? -3.250  -1.047  -19.514 1.00 23.85  ? 22  THR A CA  1 
ATOM   106  C C   . THR A 1 22  ? -2.540  -2.345  -19.136 1.00 22.80  ? 22  THR A C   1 
ATOM   107  O O   . THR A 1 22  ? -2.536  -3.298  -19.898 1.00 25.44  ? 22  THR A O   1 
ATOM   108  C CB  . THR A 1 22  ? -4.774  -1.307  -19.514 1.00 24.13  ? 22  THR A CB  1 
ATOM   109  O OG1 . THR A 1 22  ? -5.421  -0.304  -20.290 1.00 24.67  ? 22  THR A OG1 1 
ATOM   110  C CG2 . THR A 1 22  ? -5.343  -1.262  -18.102 1.00 22.90  ? 22  THR A CG2 1 
ATOM   111  N N   . VAL A 1 23  ? -1.929  -2.367  -17.961 1.00 18.29  ? 23  VAL A N   1 
ATOM   112  C CA  . VAL A 1 23  ? -1.242  -3.534  -17.465 1.00 16.86  ? 23  VAL A CA  1 
ATOM   113  C C   . VAL A 1 23  ? -1.851  -4.058  -16.179 1.00 17.77  ? 23  VAL A C   1 
ATOM   114  O O   . VAL A 1 23  ? -2.048  -3.314  -15.237 1.00 19.22  ? 23  VAL A O   1 
ATOM   115  C CB  . VAL A 1 23  ? 0.209   -3.204  -17.189 1.00 15.51  ? 23  VAL A CB  1 
ATOM   116  C CG1 . VAL A 1 23  ? 0.926   -4.377  -16.605 1.00 18.92  ? 23  VAL A CG1 1 
ATOM   117  C CG2 . VAL A 1 23  ? 0.886   -2.792  -18.460 1.00 22.49  ? 23  VAL A CG2 1 
ATOM   118  N N   . THR A 1 24  ? -2.135  -5.354  -16.136 1.00 18.75  ? 24  THR A N   1 
ATOM   119  C CA  . THR A 1 24  ? -2.658  -5.992  -14.924 1.00 20.38  ? 24  THR A CA  1 
ATOM   120  C C   . THR A 1 24  ? -1.632  -6.989  -14.381 1.00 22.83  ? 24  THR A C   1 
ATOM   121  O O   . THR A 1 24  ? -1.101  -7.815  -15.122 1.00 24.67  ? 24  THR A O   1 
ATOM   122  C CB  . THR A 1 24  ? -4.020  -6.714  -15.139 1.00 20.28  ? 24  THR A CB  1 
ATOM   123  O OG1 . THR A 1 24  ? -5.013  -5.759  -15.509 1.00 23.48  ? 24  THR A OG1 1 
ATOM   124  C CG2 . THR A 1 24  ? -4.482  -7.330  -13.848 1.00 21.92  ? 24  THR A CG2 1 
ATOM   125  N N   . VAL A 1 25  ? -1.293  -6.849  -13.103 1.00 24.56  ? 25  VAL A N   1 
ATOM   126  C CA  . VAL A 1 25  ? -0.342  -7.738  -12.444 1.00 25.81  ? 25  VAL A CA  1 
ATOM   127  C C   . VAL A 1 25  ? -1.067  -8.359  -11.235 1.00 26.96  ? 25  VAL A C   1 
ATOM   128  O O   . VAL A 1 25  ? -1.728  -7.662  -10.467 1.00 28.75  ? 25  VAL A O   1 
ATOM   129  C CB  . VAL A 1 25  ? 0.943   -6.965  -11.968 1.00 25.36  ? 25  VAL A CB  1 
ATOM   130  C CG1 . VAL A 1 25  ? 1.961   -7.925  -11.387 1.00 26.99  ? 25  VAL A CG1 1 
ATOM   131  C CG2 . VAL A 1 25  ? 1.592   -6.212  -13.118 1.00 27.50  ? 25  VAL A CG2 1 
ATOM   132  N N   . LYS A 1 26  ? -1.012  -9.676  -11.125 1.00 27.87  ? 26  LYS A N   1 
ATOM   133  C CA  . LYS A 1 26  ? -1.649  -10.387 -10.026 1.00 27.40  ? 26  LYS A CA  1 
ATOM   134  C C   . LYS A 1 26  ? -0.565  -11.150 -9.313  1.00 27.72  ? 26  LYS A C   1 
ATOM   135  O O   . LYS A 1 26  ? 0.398   -11.582 -9.932  1.00 29.44  ? 26  LYS A O   1 
ATOM   136  C CB  . LYS A 1 26  ? -2.647  -11.421 -10.539 1.00 27.78  ? 26  LYS A CB  1 
ATOM   137  C CG  . LYS A 1 26  ? -3.420  -11.017 -11.747 1.00 30.58  ? 26  LYS A CG  1 
ATOM   138  C CD  . LYS A 1 26  ? -4.009  -12.232 -12.396 1.00 32.27  ? 26  LYS A CD  1 
ATOM   139  C CE  . LYS A 1 26  ? -4.956  -12.935 -11.472 1.00 35.11  ? 26  LYS A CE  1 
ATOM   140  N NZ  . LYS A 1 26  ? -5.745  -13.962 -12.210 1.00 33.94  ? 26  LYS A NZ  1 
ATOM   141  N N   . GLY A 1 27  ? -0.764  -11.383 -8.023  1.00 28.42  ? 27  GLY A N   1 
ATOM   142  C CA  . GLY A 1 27  ? 0.192   -12.130 -7.230  1.00 27.95  ? 27  GLY A CA  1 
ATOM   143  C C   . GLY A 1 27  ? -0.408  -12.528 -5.896  1.00 28.29  ? 27  GLY A C   1 
ATOM   144  O O   . GLY A 1 27  ? -1.585  -12.290 -5.637  1.00 27.23  ? 27  GLY A O   1 
ATOM   145  N N   . PRO A 1 28  ? 0.361   -13.185 -5.037  1.00 29.03  ? 28  PRO A N   1 
ATOM   146  C CA  . PRO A 1 28  ? -0.157  -13.593 -3.729  1.00 29.65  ? 28  PRO A CA  1 
ATOM   147  C C   . PRO A 1 28  ? -0.645  -12.447 -2.861  1.00 30.73  ? 28  PRO A C   1 
ATOM   148  O O   . PRO A 1 28  ? -1.642  -12.586 -2.165  1.00 34.14  ? 28  PRO A O   1 
ATOM   149  C CB  . PRO A 1 28  ? 1.039   -14.281 -3.079  1.00 27.25  ? 28  PRO A CB  1 
ATOM   150  C CG  . PRO A 1 28  ? 2.219   -13.794 -3.875  1.00 29.26  ? 28  PRO A CG  1 
ATOM   151  C CD  . PRO A 1 28  ? 1.693   -13.756 -5.264  1.00 27.23  ? 28  PRO A CD  1 
ATOM   152  N N   . LYS A 1 29  ? 0.016   -11.300 -2.943  1.00 29.77  ? 29  LYS A N   1 
ATOM   153  C CA  . LYS A 1 29  ? -0.357  -10.163 -2.121  1.00 27.67  ? 29  LYS A CA  1 
ATOM   154  C C   . LYS A 1 29  ? -1.426  -9.245  -2.675  1.00 29.26  ? 29  LYS A C   1 
ATOM   155  O O   . LYS A 1 29  ? -1.803  -8.297  -2.004  1.00 31.79  ? 29  LYS A O   1 
ATOM   156  C CB  . LYS A 1 29  ? 0.875   -9.340  -1.788  1.00 26.74  ? 29  LYS A CB  1 
ATOM   157  C CG  . LYS A 1 29  ? 1.955   -10.106 -1.076  1.00 29.20  ? 29  LYS A CG  1 
ATOM   158  C CD  . LYS A 1 29  ? 1.376   -10.772 0.131   1.00 35.60  ? 29  LYS A CD  1 
ATOM   159  C CE  . LYS A 1 29  ? 2.424   -11.004 1.193   1.00 39.94  ? 29  LYS A CE  1 
ATOM   160  N NZ  . LYS A 1 29  ? 3.549   -11.833 0.681   1.00 47.80  ? 29  LYS A NZ  1 
ATOM   161  N N   . GLY A 1 30  ? -1.905  -9.496  -3.892  1.00 28.97  ? 30  GLY A N   1 
ATOM   162  C CA  . GLY A 1 30  ? -2.938  -8.649  -4.480  1.00 29.11  ? 30  GLY A CA  1 
ATOM   163  C C   . GLY A 1 30  ? -2.921  -8.572  -6.006  1.00 30.31  ? 30  GLY A C   1 
ATOM   164  O O   . GLY A 1 30  ? -2.139  -9.266  -6.655  1.00 28.61  ? 30  GLY A O   1 
ATOM   165  N N   . GLU A 1 31  ? -3.759  -7.709  -6.573  1.00 30.16  ? 31  GLU A N   1 
ATOM   166  C CA  . GLU A 1 31  ? -3.856  -7.544  -8.020  1.00 30.68  ? 31  GLU A CA  1 
ATOM   167  C C   . GLU A 1 31  ? -3.918  -6.048  -8.287  1.00 31.17  ? 31  GLU A C   1 
ATOM   168  O O   . GLU A 1 31  ? -4.624  -5.342  -7.589  1.00 35.15  ? 31  GLU A O   1 
ATOM   169  C CB  . GLU A 1 31  ? -5.129  -8.215  -8.522  1.00 34.04  ? 31  GLU A CB  1 
ATOM   170  C CG  . GLU A 1 31  ? -5.237  -8.322  -10.049 1.00 45.64  ? 31  GLU A CG  1 
ATOM   171  C CD  . GLU A 1 31  ? -6.491  -9.085  -10.530 1.00 49.30  ? 31  GLU A CD  1 
ATOM   172  O OE1 . GLU A 1 31  ? -7.017  -9.928  -9.768  1.00 51.86  ? 31  GLU A OE1 1 
ATOM   173  O OE2 . GLU A 1 31  ? -6.950  -8.853  -11.675 1.00 50.20  ? 31  GLU A OE2 1 
ATOM   174  N N   . LEU A 1 32  ? -3.186  -5.555  -9.281  1.00 28.83  ? 32  LEU A N   1 
ATOM   175  C CA  . LEU A 1 32  ? -3.161  -4.127  -9.592  1.00 22.97  ? 32  LEU A CA  1 
ATOM   176  C C   . LEU A 1 32  ? -3.208  -3.924  -11.085 1.00 23.64  ? 32  LEU A C   1 
ATOM   177  O O   . LEU A 1 32  ? -2.506  -4.602  -11.814 1.00 22.45  ? 32  LEU A O   1 
ATOM   178  C CB  . LEU A 1 32  ? -1.858  -3.508  -9.107  1.00 24.83  ? 32  LEU A CB  1 
ATOM   179  C CG  . LEU A 1 32  ? -1.394  -3.579  -7.645  1.00 25.50  ? 32  LEU A CG  1 
ATOM   180  C CD1 . LEU A 1 32  ? 0.035   -3.057  -7.504  1.00 21.12  ? 32  LEU A CD1 1 
ATOM   181  C CD2 . LEU A 1 32  ? -2.332  -2.798  -6.765  1.00 23.99  ? 32  LEU A CD2 1 
ATOM   182  N N   . THR A 1 33  ? -4.010  -2.958  -11.518 1.00 22.11  ? 33  THR A N   1 
ATOM   183  C CA  . THR A 1 33  ? -4.166  -2.604  -12.926 1.00 21.70  ? 33  THR A CA  1 
ATOM   184  C C   . THR A 1 33  ? -3.744  -1.171  -13.074 1.00 24.03  ? 33  THR A C   1 
ATOM   185  O O   . THR A 1 33  ? -4.164  -0.313  -12.292 1.00 25.12  ? 33  THR A O   1 
ATOM   186  C CB  . THR A 1 33  ? -5.614  -2.731  -13.398 1.00 19.83  ? 33  THR A CB  1 
ATOM   187  O OG1 . THR A 1 33  ? -5.988  -4.104  -13.372 1.00 21.32  ? 33  THR A OG1 1 
ATOM   188  C CG2 . THR A 1 33  ? -5.757  -2.246  -14.825 1.00 20.54  ? 33  THR A CG2 1 
ATOM   189  N N   . ARG A 1 34  ? -2.894  -0.908  -14.057 1.00 24.63  ? 34  ARG A N   1 
ATOM   190  C CA  . ARG A 1 34  ? -2.408  0.437   -14.272 1.00 26.28  ? 34  ARG A CA  1 
ATOM   191  C C   . ARG A 1 34  ? -2.270  0.761   -15.757 1.00 25.21  ? 34  ARG A C   1 
ATOM   192  O O   . ARG A 1 34  ? -1.990  -0.103  -16.560 1.00 22.79  ? 34  ARG A O   1 
ATOM   193  C CB  . ARG A 1 34  ? -1.050  0.608   -13.591 1.00 30.64  ? 34  ARG A CB  1 
ATOM   194  C CG  . ARG A 1 34  ? -0.821  2.015   -13.127 1.00 40.25  ? 34  ARG A CG  1 
ATOM   195  C CD  . ARG A 1 34  ? 0.521   2.225   -12.439 1.00 49.89  ? 34  ARG A CD  1 
ATOM   196  N NE  . ARG A 1 34  ? 0.615   3.566   -11.848 1.00 58.53  ? 34  ARG A NE  1 
ATOM   197  C CZ  . ARG A 1 34  ? 0.519   4.715   -12.531 1.00 62.09  ? 34  ARG A CZ  1 
ATOM   198  N NH1 . ARG A 1 34  ? 0.329   4.732   -13.861 1.00 60.51  ? 34  ARG A NH1 1 
ATOM   199  N NH2 . ARG A 1 34  ? 0.575   5.866   -11.864 1.00 64.60  ? 34  ARG A NH2 1 
ATOM   200  N N   . THR A 1 35  ? -2.562  2.004   -16.111 1.00 27.18  ? 35  THR A N   1 
ATOM   201  C CA  . THR A 1 35  ? -2.423  2.477   -17.476 1.00 26.66  ? 35  THR A CA  1 
ATOM   202  C C   . THR A 1 35  ? -1.128  3.312   -17.554 1.00 25.51  ? 35  THR A C   1 
ATOM   203  O O   . THR A 1 35  ? -0.723  3.981   -16.590 1.00 23.41  ? 35  THR A O   1 
ATOM   204  C CB  . THR A 1 35  ? -3.680  3.272   -17.912 1.00 29.99  ? 35  THR A CB  1 
ATOM   205  O OG1 . THR A 1 35  ? -4.763  2.368   -18.151 1.00 34.54  ? 35  THR A OG1 1 
ATOM   206  C CG2 . THR A 1 35  ? -3.442  4.016   -19.170 1.00 36.31  ? 35  THR A CG2 1 
ATOM   207  N N   . PHE A 1 36  ? -0.450  3.214   -18.694 1.00 24.14  ? 36  PHE A N   1 
ATOM   208  C CA  . PHE A 1 36  ? 0.795   3.933   -18.914 1.00 22.52  ? 36  PHE A CA  1 
ATOM   209  C C   . PHE A 1 36  ? 0.736   4.846   -20.137 1.00 23.79  ? 36  PHE A C   1 
ATOM   210  O O   . PHE A 1 36  ? -0.209  4.791   -20.939 1.00 22.95  ? 36  PHE A O   1 
ATOM   211  C CB  . PHE A 1 36  ? 1.951   2.937   -19.010 1.00 22.72  ? 36  PHE A CB  1 
ATOM   212  C CG  . PHE A 1 36  ? 2.142   2.124   -17.754 1.00 23.37  ? 36  PHE A CG  1 
ATOM   213  C CD1 . PHE A 1 36  ? 1.367   0.999   -17.499 1.00 21.91  ? 36  PHE A CD1 1 
ATOM   214  C CD2 . PHE A 1 36  ? 3.084   2.505   -16.806 1.00 24.28  ? 36  PHE A CD2 1 
ATOM   215  C CE1 . PHE A 1 36  ? 1.531   0.276   -16.318 1.00 24.12  ? 36  PHE A CE1 1 
ATOM   216  C CE2 . PHE A 1 36  ? 3.254   1.786   -15.619 1.00 23.57  ? 36  PHE A CE2 1 
ATOM   217  C CZ  . PHE A 1 36  ? 2.484   0.676   -15.378 1.00 21.41  ? 36  PHE A CZ  1 
ATOM   218  N N   . HIS A 1 37  ? 1.721   5.722   -20.246 1.00 21.02  ? 37  HIS A N   1 
ATOM   219  C CA  . HIS A 1 37  ? 1.800   6.653   -21.348 1.00 22.61  ? 37  HIS A CA  1 
ATOM   220  C C   . HIS A 1 37  ? 1.751   5.932   -22.706 1.00 24.05  ? 37  HIS A C   1 
ATOM   221  O O   . HIS A 1 37  ? 2.578   5.081   -23.008 1.00 24.31  ? 37  HIS A O   1 
ATOM   222  C CB  . HIS A 1 37  ? 3.090   7.470   -21.232 1.00 23.28  ? 37  HIS A CB  1 
ATOM   223  C CG  . HIS A 1 37  ? 3.128   8.678   -22.116 1.00 25.02  ? 37  HIS A CG  1 
ATOM   224  N ND1 . HIS A 1 37  ? 3.293   8.608   -23.473 1.00 25.42  ? 37  HIS A ND1 1 
ATOM   225  C CD2 . HIS A 1 37  ? 2.981   10.000  -21.816 1.00 22.46  ? 37  HIS A CD2 1 
ATOM   226  C CE1 . HIS A 1 37  ? 3.242   9.820   -23.997 1.00 20.75  ? 37  HIS A CE1 1 
ATOM   227  N NE2 . HIS A 1 37  ? 3.053   10.682  -23.014 1.00 24.54  ? 37  HIS A NE2 1 
ATOM   228  N N   . PRO A 1 38  ? 0.796   6.298   -23.557 1.00 25.60  ? 38  PRO A N   1 
ATOM   229  C CA  . PRO A 1 38  ? 0.583   5.740   -24.883 1.00 24.93  ? 38  PRO A CA  1 
ATOM   230  C C   . PRO A 1 38  ? 1.852   5.491   -25.687 1.00 26.13  ? 38  PRO A C   1 
ATOM   231  O O   . PRO A 1 38  ? 1.939   4.522   -26.410 1.00 30.04  ? 38  PRO A O   1 
ATOM   232  C CB  . PRO A 1 38  ? -0.235  6.835   -25.559 1.00 27.18  ? 38  PRO A CB  1 
ATOM   233  C CG  . PRO A 1 38  ? -1.107  7.272   -24.474 1.00 27.36  ? 38  PRO A CG  1 
ATOM   234  C CD  . PRO A 1 38  ? -0.167  7.393   -23.305 1.00 25.81  ? 38  PRO A CD  1 
ATOM   235  N N   . ASP A 1 39  ? 2.785   6.421   -25.638 1.00 25.88  ? 39  ASP A N   1 
ATOM   236  C CA  . ASP A 1 39  ? 4.023   6.298   -26.392 1.00 27.21  ? 39  ASP A CA  1 
ATOM   237  C C   . ASP A 1 39  ? 4.912   5.149   -26.006 1.00 26.96  ? 39  ASP A C   1 
ATOM   238  O O   . ASP A 1 39  ? 5.850   4.846   -26.727 1.00 25.59  ? 39  ASP A O   1 
ATOM   239  C CB  . ASP A 1 39  ? 4.826   7.580   -26.314 1.00 32.63  ? 39  ASP A CB  1 
ATOM   240  C CG  . ASP A 1 39  ? 4.236   8.685   -27.172 1.00 38.33  ? 39  ASP A CG  1 
ATOM   241  O OD1 . ASP A 1 39  ? 3.064   8.567   -27.618 1.00 37.87  ? 39  ASP A OD1 1 
ATOM   242  O OD2 . ASP A 1 39  ? 4.951   9.680   -27.416 1.00 42.90  ? 39  ASP A OD2 1 
ATOM   243  N N   . MET A 1 40  ? 4.684   4.578   -24.830 1.00 26.06  ? 40  MET A N   1 
ATOM   244  C CA  . MET A 1 40  ? 5.483   3.451   -24.350 1.00 26.65  ? 40  MET A CA  1 
ATOM   245  C C   . MET A 1 40  ? 4.885   2.109   -24.784 1.00 24.92  ? 40  MET A C   1 
ATOM   246  O O   . MET A 1 40  ? 3.671   1.942   -24.744 1.00 25.94  ? 40  MET A O   1 
ATOM   247  C CB  . MET A 1 40  ? 5.589   3.498   -22.814 1.00 25.19  ? 40  MET A CB  1 
ATOM   248  C CG  . MET A 1 40  ? 6.290   4.751   -22.261 1.00 27.78  ? 40  MET A CG  1 
ATOM   249  S SD  . MET A 1 40  ? 8.060   4.854   -22.686 1.00 29.34  ? 40  MET A SD  1 
ATOM   250  C CE  . MET A 1 40  ? 8.078   6.283   -23.831 1.00 27.79  ? 40  MET A CE  1 
ATOM   251  N N   . THR A 1 41  ? 5.712   1.175   -25.237 1.00 25.47  ? 41  THR A N   1 
ATOM   252  C CA  . THR A 1 41  ? 5.223   -0.156  -25.613 1.00 24.19  ? 41  THR A CA  1 
ATOM   253  C C   . THR A 1 41  ? 5.710   -1.107  -24.538 1.00 22.98  ? 41  THR A C   1 
ATOM   254  O O   . THR A 1 41  ? 6.891   -1.116  -24.192 1.00 22.64  ? 41  THR A O   1 
ATOM   255  C CB  . THR A 1 41  ? 5.737   -0.639  -26.990 1.00 24.05  ? 41  THR A CB  1 
ATOM   256  O OG1 . THR A 1 41  ? 5.293   0.258   -27.997 1.00 29.36  ? 41  THR A OG1 1 
ATOM   257  C CG2 . THR A 1 41  ? 5.162   -1.987  -27.336 1.00 23.83  ? 41  THR A CG2 1 
ATOM   258  N N   . ILE A 1 42  ? 4.763   -1.841  -23.968 1.00 19.53  ? 42  ILE A N   1 
ATOM   259  C CA  . ILE A 1 42  ? 5.018   -2.794  -22.905 1.00 22.86  ? 42  ILE A CA  1 
ATOM   260  C C   . ILE A 1 42  ? 4.677   -4.190  -23.409 1.00 22.10  ? 42  ILE A C   1 
ATOM   261  O O   . ILE A 1 42  ? 3.592   -4.416  -23.944 1.00 22.09  ? 42  ILE A O   1 
ATOM   262  C CB  . ILE A 1 42  ? 4.158   -2.447  -21.649 1.00 23.36  ? 42  ILE A CB  1 
ATOM   263  C CG1 . ILE A 1 42  ? 4.510   -1.052  -21.160 1.00 17.72  ? 42  ILE A CG1 1 
ATOM   264  C CG2 . ILE A 1 42  ? 4.417   -3.447  -20.508 1.00 24.54  ? 42  ILE A CG2 1 
ATOM   265  C CD1 . ILE A 1 42  ? 3.531   -0.564  -20.188 1.00 18.44  ? 42  ILE A CD1 1 
ATOM   266  N N   . THR A 1 43  ? 5.607   -5.119  -23.235 1.00 24.67  ? 43  THR A N   1 
ATOM   267  C CA  . THR A 1 43  ? 5.417   -6.490  -23.694 1.00 28.84  ? 43  THR A CA  1 
ATOM   268  C C   . THR A 1 43  ? 5.952   -7.512  -22.709 1.00 30.51  ? 43  THR A C   1 
ATOM   269  O O   . THR A 1 43  ? 6.989   -7.300  -22.083 1.00 30.22  ? 43  THR A O   1 
ATOM   270  C CB  . THR A 1 43  ? 6.122   -6.755  -25.083 1.00 30.26  ? 43  THR A CB  1 
ATOM   271  O OG1 . THR A 1 43  ? 7.554   -6.716  -24.955 1.00 35.55  ? 43  THR A OG1 1 
ATOM   272  C CG2 . THR A 1 43  ? 5.728   -5.718  -26.079 1.00 34.95  ? 43  THR A CG2 1 
ATOM   273  N N   . VAL A 1 44  ? 5.238   -8.625  -22.563 1.00 33.07  ? 44  VAL A N   1 
ATOM   274  C CA  . VAL A 1 44  ? 5.683   -9.714  -21.697 1.00 35.26  ? 44  VAL A CA  1 
ATOM   275  C C   . VAL A 1 44  ? 6.503   -10.629 -22.623 1.00 36.60  ? 44  VAL A C   1 
ATOM   276  O O   . VAL A 1 44  ? 5.953   -11.281 -23.511 1.00 37.86  ? 44  VAL A O   1 
ATOM   277  C CB  . VAL A 1 44  ? 4.479   -10.506 -21.079 1.00 34.23  ? 44  VAL A CB  1 
ATOM   278  C CG1 . VAL A 1 44  ? 4.989   -11.716 -20.281 1.00 32.24  ? 44  VAL A CG1 1 
ATOM   279  C CG2 . VAL A 1 44  ? 3.621   -9.590  -20.199 1.00 25.52  ? 44  VAL A CG2 1 
ATOM   280  N N   . GLU A 1 45  ? 7.817   -10.550 -22.494 1.00 39.61  ? 45  GLU A N   1 
ATOM   281  C CA  . GLU A 1 45  ? 8.741   -11.342 -23.296 1.00 43.65  ? 45  GLU A CA  1 
ATOM   282  C C   . GLU A 1 45  ? 9.000   -12.642 -22.523 1.00 42.92  ? 45  GLU A C   1 
ATOM   283  O O   . GLU A 1 45  ? 9.996   -12.769 -21.822 1.00 43.24  ? 45  GLU A O   1 
ATOM   284  C CB  . GLU A 1 45  ? 10.054  -10.558 -23.494 1.00 47.05  ? 45  GLU A CB  1 
ATOM   285  C CG  . GLU A 1 45  ? 10.550  -10.495 -24.937 1.00 53.01  ? 45  GLU A CG  1 
ATOM   286  C CD  . GLU A 1 45  ? 9.765   -9.501  -25.781 1.00 56.66  ? 45  GLU A CD  1 
ATOM   287  O OE1 . GLU A 1 45  ? 10.079  -8.295  -25.709 1.00 57.37  ? 45  GLU A OE1 1 
ATOM   288  O OE2 . GLU A 1 45  ? 8.844   -9.913  -26.525 1.00 61.32  ? 45  GLU A OE2 1 
ATOM   289  N N   . GLY A 1 46  ? 8.072   -13.589 -22.622 1.00 44.81  ? 46  GLY A N   1 
ATOM   290  C CA  . GLY A 1 46  ? 8.201   -14.851 -21.909 1.00 46.11  ? 46  GLY A CA  1 
ATOM   291  C C   . GLY A 1 46  ? 8.151   -14.695 -20.388 1.00 46.46  ? 46  GLY A C   1 
ATOM   292  O O   . GLY A 1 46  ? 7.075   -14.613 -19.767 1.00 47.23  ? 46  GLY A O   1 
ATOM   293  N N   . ASN A 1 47  ? 9.340   -14.595 -19.799 1.00 45.21  ? 47  ASN A N   1 
ATOM   294  C CA  . ASN A 1 47  ? 9.534   -14.461 -18.352 1.00 43.77  ? 47  ASN A CA  1 
ATOM   295  C C   . ASN A 1 47  ? 9.866   -13.043 -17.826 1.00 40.36  ? 47  ASN A C   1 
ATOM   296  O O   . ASN A 1 47  ? 10.076  -12.879 -16.620 1.00 36.49  ? 47  ASN A O   1 
ATOM   297  C CB  . ASN A 1 47  ? 10.656  -15.407 -17.934 1.00 50.65  ? 47  ASN A CB  1 
ATOM   298  C CG  . ASN A 1 47  ? 11.906  -15.274 -18.828 1.00 56.73  ? 47  ASN A CG  1 
ATOM   299  O OD1 . ASN A 1 47  ? 11.996  -14.387 -19.701 1.00 57.41  ? 47  ASN A OD1 1 
ATOM   300  N ND2 . ASN A 1 47  ? 12.867  -16.172 -18.628 1.00 62.11  ? 47  ASN A ND2 1 
ATOM   301  N N   . VAL A 1 48  ? 9.973   -12.053 -18.716 1.00 37.11  ? 48  VAL A N   1 
ATOM   302  C CA  . VAL A 1 48  ? 10.270  -10.664 -18.331 1.00 33.77  ? 48  VAL A CA  1 
ATOM   303  C C   . VAL A 1 48  ? 9.386   -9.656  -19.052 1.00 31.93  ? 48  VAL A C   1 
ATOM   304  O O   . VAL A 1 48  ? 8.853   -9.937  -20.114 1.00 30.69  ? 48  VAL A O   1 
ATOM   305  C CB  . VAL A 1 48  ? 11.716  -10.283 -18.609 1.00 32.31  ? 48  VAL A CB  1 
ATOM   306  C CG1 . VAL A 1 48  ? 12.628  -11.063 -17.705 1.00 32.78  ? 48  VAL A CG1 1 
ATOM   307  C CG2 . VAL A 1 48  ? 12.031  -10.512 -20.066 1.00 28.59  ? 48  VAL A CG2 1 
ATOM   308  N N   . ILE A 1 49  ? 9.179   -8.507  -18.420 1.00 30.63  ? 49  ILE A N   1 
ATOM   309  C CA  . ILE A 1 49  ? 8.367   -7.446  -18.988 1.00 30.59  ? 49  ILE A CA  1 
ATOM   310  C C   . ILE A 1 49  ? 9.368   -6.510  -19.599 1.00 30.14  ? 49  ILE A C   1 
ATOM   311  O O   . ILE A 1 49  ? 10.316  -6.114  -18.953 1.00 30.87  ? 49  ILE A O   1 
ATOM   312  C CB  . ILE A 1 49  ? 7.582   -6.655  -17.902 1.00 28.79  ? 49  ILE A CB  1 
ATOM   313  C CG1 . ILE A 1 49  ? 6.926   -7.607  -16.897 1.00 30.97  ? 49  ILE A CG1 1 
ATOM   314  C CG2 . ILE A 1 49  ? 6.504   -5.796  -18.564 1.00 27.82  ? 49  ILE A CG2 1 
ATOM   315  C CD1 . ILE A 1 49  ? 6.510   -6.959  -15.605 1.00 27.79  ? 49  ILE A CD1 1 
ATOM   316  N N   . THR A 1 50  ? 9.166   -6.136  -20.842 1.00 29.57  ? 50  THR A N   1 
ATOM   317  C CA  . THR A 1 50  ? 10.091  -5.237  -21.491 1.00 28.90  ? 50  THR A CA  1 
ATOM   318  C C   . THR A 1 50  ? 9.358   -3.918  -21.823 1.00 27.64  ? 50  THR A C   1 
ATOM   319  O O   . THR A 1 50  ? 8.147   -3.938  -22.056 1.00 27.06  ? 50  THR A O   1 
ATOM   320  C CB  . THR A 1 50  ? 10.668  -5.917  -22.782 1.00 32.35  ? 50  THR A CB  1 
ATOM   321  O OG1 . THR A 1 50  ? 11.315  -7.162  -22.443 1.00 34.21  ? 50  THR A OG1 1 
ATOM   322  C CG2 . THR A 1 50  ? 11.680  -5.018  -23.453 1.00 34.55  ? 50  THR A CG2 1 
ATOM   323  N N   . VAL A 1 51  ? 10.043  -2.779  -21.714 1.00 27.16  ? 51  VAL A N   1 
ATOM   324  C CA  . VAL A 1 51  ? 9.445   -1.472  -22.073 1.00 27.38  ? 51  VAL A CA  1 
ATOM   325  C C   . VAL A 1 51  ? 10.245  -0.890  -23.264 1.00 29.18  ? 51  VAL A C   1 
ATOM   326  O O   . VAL A 1 51  ? 11.461  -0.773  -23.184 1.00 28.68  ? 51  VAL A O   1 
ATOM   327  C CB  . VAL A 1 51  ? 9.495   -0.455  -20.930 1.00 25.22  ? 51  VAL A CB  1 
ATOM   328  C CG1 . VAL A 1 51  ? 8.706   0.762   -21.302 1.00 23.56  ? 51  VAL A CG1 1 
ATOM   329  C CG2 . VAL A 1 51  ? 8.947   -1.052  -19.674 1.00 28.27  ? 51  VAL A CG2 1 
ATOM   330  N N   . THR A 1 52  ? 9.583   -0.530  -24.361 1.00 29.51  ? 52  THR A N   1 
ATOM   331  C CA  . THR A 1 52  ? 10.270  -0.001  -25.540 1.00 29.47  ? 52  THR A CA  1 
ATOM   332  C C   . THR A 1 52  ? 9.753   1.391   -25.784 1.00 28.68  ? 52  THR A C   1 
ATOM   333  O O   . THR A 1 52  ? 8.557   1.571   -25.889 1.00 29.16  ? 52  THR A O   1 
ATOM   334  C CB  . THR A 1 52  ? 9.950   -0.874  -26.822 1.00 31.19  ? 52  THR A CB  1 
ATOM   335  O OG1 . THR A 1 52  ? 10.519  -2.183  -26.678 1.00 35.13  ? 52  THR A OG1 1 
ATOM   336  C CG2 . THR A 1 52  ? 10.492  -0.247  -28.114 1.00 29.57  ? 52  THR A CG2 1 
ATOM   337  N N   . ARG A 1 53  ? 10.644  2.379   -25.794 1.00 31.05  ? 53  ARG A N   1 
ATOM   338  C CA  . ARG A 1 53  ? 10.258  3.767   -26.084 1.00 35.15  ? 53  ARG A CA  1 
ATOM   339  C C   . ARG A 1 53  ? 10.334  3.964   -27.618 1.00 38.10  ? 53  ARG A C   1 
ATOM   340  O O   . ARG A 1 53  ? 11.099  3.274   -28.316 1.00 41.33  ? 53  ARG A O   1 
ATOM   341  C CB  . ARG A 1 53  ? 11.184  4.768   -25.378 1.00 32.98  ? 53  ARG A CB  1 
ATOM   342  C CG  . ARG A 1 53  ? 12.632  4.604   -25.750 1.00 37.14  ? 53  ARG A CG  1 
ATOM   343  C CD  . ARG A 1 53  ? 13.543  5.648   -25.141 1.00 42.13  ? 53  ARG A CD  1 
ATOM   344  N NE  . ARG A 1 53  ? 14.930  5.414   -25.560 1.00 44.67  ? 53  ARG A NE  1 
ATOM   345  C CZ  . ARG A 1 53  ? 15.893  5.045   -24.733 1.00 45.66  ? 53  ARG A CZ  1 
ATOM   346  N NH1 . ARG A 1 53  ? 15.619  4.874   -23.446 1.00 49.87  ? 53  ARG A NH1 1 
ATOM   347  N NH2 . ARG A 1 53  ? 17.126  4.842   -25.175 1.00 46.38  ? 53  ARG A NH2 1 
ATOM   348  N N   . PRO A 1 54  ? 9.558   4.889   -28.181 1.00 40.08  ? 54  PRO A N   1 
ATOM   349  C CA  . PRO A 1 54  ? 9.539   5.138   -29.621 1.00 42.94  ? 54  PRO A CA  1 
ATOM   350  C C   . PRO A 1 54  ? 10.797  5.809   -30.221 1.00 46.73  ? 54  PRO A C   1 
ATOM   351  O O   . PRO A 1 54  ? 11.137  5.579   -31.379 1.00 46.70  ? 54  PRO A O   1 
ATOM   352  C CB  . PRO A 1 54  ? 8.295   5.992   -29.819 1.00 41.17  ? 54  PRO A CB  1 
ATOM   353  C CG  . PRO A 1 54  ? 8.204   6.740   -28.541 1.00 41.74  ? 54  PRO A CG  1 
ATOM   354  C CD  . PRO A 1 54  ? 8.559   5.736   -27.482 1.00 38.51  ? 54  PRO A CD  1 
ATOM   355  N N   . SER A 1 55  ? 11.463  6.642   -29.427 1.00 48.33  ? 55  SER A N   1 
ATOM   356  C CA  . SER A 1 55  ? 12.660  7.340   -29.878 1.00 48.94  ? 55  SER A CA  1 
ATOM   357  C C   . SER A 1 55  ? 13.713  7.497   -28.778 1.00 48.70  ? 55  SER A C   1 
ATOM   358  O O   . SER A 1 55  ? 13.528  7.051   -27.648 1.00 46.57  ? 55  SER A O   1 
ATOM   359  C CB  . SER A 1 55  ? 12.288  8.719   -30.440 1.00 50.58  ? 55  SER A CB  1 
ATOM   360  O OG  . SER A 1 55  ? 12.157  9.690   -29.418 1.00 52.84  ? 55  SER A OG  1 
ATOM   361  N N   . ASP A 1 56  ? 14.784  8.207   -29.100 1.00 51.28  ? 56  ASP A N   1 
ATOM   362  C CA  . ASP A 1 56  ? 15.867  8.428   -28.152 1.00 53.99  ? 56  ASP A CA  1 
ATOM   363  C C   . ASP A 1 56  ? 15.928  9.876   -27.666 1.00 52.40  ? 56  ASP A C   1 
ATOM   364  O O   . ASP A 1 56  ? 16.937  10.326  -27.132 1.00 49.86  ? 56  ASP A O   1 
ATOM   365  C CB  . ASP A 1 56  ? 17.213  8.015   -28.775 1.00 60.33  ? 56  ASP A CB  1 
ATOM   366  C CG  . ASP A 1 56  ? 17.392  6.481   -28.884 1.00 64.84  ? 56  ASP A CG  1 
ATOM   367  O OD1 . ASP A 1 56  ? 17.481  5.803   -27.827 1.00 65.91  ? 56  ASP A OD1 1 
ATOM   368  O OD2 . ASP A 1 56  ? 17.478  5.964   -30.031 1.00 65.69  ? 56  ASP A OD2 1 
ATOM   369  N N   . GLU A 1 57  ? 14.871  10.629  -27.879 1.00 52.59  ? 57  GLU A N   1 
ATOM   370  C CA  . GLU A 1 57  ? 14.904  11.987  -27.393 1.00 55.21  ? 57  GLU A CA  1 
ATOM   371  C C   . GLU A 1 57  ? 14.902  11.908  -25.875 1.00 54.86  ? 57  GLU A C   1 
ATOM   372  O O   . GLU A 1 57  ? 14.695  10.835  -25.311 1.00 55.08  ? 57  GLU A O   1 
ATOM   373  C CB  . GLU A 1 57  ? 13.680  12.748  -27.872 1.00 59.02  ? 57  GLU A CB  1 
ATOM   374  C CG  . GLU A 1 57  ? 13.756  13.251  -29.300 1.00 65.32  ? 57  GLU A CG  1 
ATOM   375  C CD  . GLU A 1 57  ? 12.635  14.235  -29.621 1.00 68.45  ? 57  GLU A CD  1 
ATOM   376  O OE1 . GLU A 1 57  ? 12.670  15.379  -29.098 1.00 69.35  ? 57  GLU A OE1 1 
ATOM   377  O OE2 . GLU A 1 57  ? 11.709  13.852  -30.376 1.00 70.05  ? 57  GLU A OE2 1 
ATOM   378  N N   . LYS A 1 58  ? 15.014  13.057  -25.215 1.00 54.45  ? 58  LYS A N   1 
ATOM   379  C CA  . LYS A 1 58  ? 15.024  13.086  -23.752 1.00 54.18  ? 58  LYS A CA  1 
ATOM   380  C C   . LYS A 1 58  ? 13.703  12.708  -23.091 1.00 51.01  ? 58  LYS A C   1 
ATOM   381  O O   . LYS A 1 58  ? 13.663  11.823  -22.242 1.00 50.03  ? 58  LYS A O   1 
ATOM   382  C CB  . LYS A 1 58  ? 15.481  14.458  -23.232 1.00 58.79  ? 58  LYS A CB  1 
ATOM   383  C CG  . LYS A 1 58  ? 15.608  14.573  -21.699 1.00 63.35  ? 58  LYS A CG  1 
ATOM   384  C CD  . LYS A 1 58  ? 15.903  16.016  -21.272 1.00 67.83  ? 58  LYS A CD  1 
ATOM   385  C CE  . LYS A 1 58  ? 16.076  16.136  -19.757 1.00 70.73  ? 58  LYS A CE  1 
ATOM   386  N NZ  . LYS A 1 58  ? 16.280  17.543  -19.274 1.00 70.30  ? 58  LYS A NZ  1 
ATOM   387  N N   . HIS A 1 59  ? 12.620  13.358  -23.490 1.00 48.37  ? 59  HIS A N   1 
ATOM   388  C CA  . HIS A 1 59  ? 11.327  13.084  -22.878 1.00 47.00  ? 59  HIS A CA  1 
ATOM   389  C C   . HIS A 1 59  ? 10.961  11.611  -22.879 1.00 45.57  ? 59  HIS A C   1 
ATOM   390  O O   . HIS A 1 59  ? 10.342  11.116  -21.947 1.00 45.53  ? 59  HIS A O   1 
ATOM   391  C CB  . HIS A 1 59  ? 10.209  13.973  -23.460 1.00 49.45  ? 59  HIS A CB  1 
ATOM   392  C CG  . HIS A 1 59  ? 9.942   13.769  -24.931 1.00 54.23  ? 59  HIS A CG  1 
ATOM   393  N ND1 . HIS A 1 59  ? 10.509  14.533  -25.906 1.00 56.10  ? 59  HIS A ND1 1 
ATOM   394  C CD2 . HIS A 1 59  ? 9.103   12.901  -25.545 1.00 57.00  ? 59  HIS A CD2 1 
ATOM   395  C CE1 . HIS A 1 59  ? 10.045  14.161  -27.087 1.00 57.17  ? 59  HIS A CE1 1 
ATOM   396  N NE2 . HIS A 1 59  ? 9.192   13.175  -26.901 1.00 59.00  ? 59  HIS A NE2 1 
ATOM   397  N N   . HIS A 1 60  ? 11.381  10.910  -23.921 1.00 45.57  ? 60  HIS A N   1 
ATOM   398  C CA  . HIS A 1 60  ? 11.118  9.486   -24.033 1.00 46.21  ? 60  HIS A CA  1 
ATOM   399  C C   . HIS A 1 60  ? 12.015  8.712   -23.102 1.00 45.49  ? 60  HIS A C   1 
ATOM   400  O O   . HIS A 1 60  ? 11.561  7.785   -22.449 1.00 45.93  ? 60  HIS A O   1 
ATOM   401  C CB  . HIS A 1 60  ? 11.319  8.990   -25.454 1.00 45.42  ? 60  HIS A CB  1 
ATOM   402  C CG  . HIS A 1 60  ? 10.182  9.338   -26.346 1.00 48.97  ? 60  HIS A CG  1 
ATOM   403  N ND1 . HIS A 1 60  ? 10.371  9.893   -27.595 1.00 50.29  ? 60  HIS A ND1 1 
ATOM   404  C CD2 . HIS A 1 60  ? 8.847   9.225   -26.181 1.00 49.32  ? 60  HIS A CD2 1 
ATOM   405  C CE1 . HIS A 1 60  ? 9.195   10.097  -28.161 1.00 50.74  ? 60  HIS A CE1 1 
ATOM   406  N NE2 . HIS A 1 60  ? 8.253   9.699   -27.319 1.00 49.92  ? 60  HIS A NE2 1 
ATOM   407  N N   . ARG A 1 61  ? 13.286  9.089   -23.040 1.00 44.97  ? 61  ARG A N   1 
ATOM   408  C CA  . ARG A 1 61  ? 14.229  8.419   -22.162 1.00 45.32  ? 61  ARG A CA  1 
ATOM   409  C C   . ARG A 1 61  ? 13.740  8.529   -20.716 1.00 41.09  ? 61  ARG A C   1 
ATOM   410  O O   . ARG A 1 61  ? 13.837  7.578   -19.940 1.00 37.12  ? 61  ARG A O   1 
ATOM   411  C CB  . ARG A 1 61  ? 15.619  9.053   -22.330 1.00 52.43  ? 61  ARG A CB  1 
ATOM   412  C CG  . ARG A 1 61  ? 16.751  8.363   -21.545 1.00 61.25  ? 61  ARG A CG  1 
ATOM   413  C CD  . ARG A 1 61  ? 18.147  8.735   -22.069 1.00 65.80  ? 61  ARG A CD  1 
ATOM   414  N NE  . ARG A 1 61  ? 18.375  8.221   -23.423 1.00 69.23  ? 61  ARG A NE  1 
ATOM   415  C CZ  . ARG A 1 61  ? 18.179  8.921   -24.538 1.00 70.01  ? 61  ARG A CZ  1 
ATOM   416  N NH1 . ARG A 1 61  ? 17.770  10.187  -24.484 1.00 68.51  ? 61  ARG A NH1 1 
ATOM   417  N NH2 . ARG A 1 61  ? 18.414  8.349   -25.711 1.00 73.03  ? 61  ARG A NH2 1 
ATOM   418  N N   . ALA A 1 62  ? 13.163  9.682   -20.377 1.00 40.50  ? 62  ALA A N   1 
ATOM   419  C CA  . ALA A 1 62  ? 12.646  9.942   -19.033 1.00 37.96  ? 62  ALA A CA  1 
ATOM   420  C C   . ALA A 1 62  ? 11.359  9.158   -18.805 1.00 36.45  ? 62  ALA A C   1 
ATOM   421  O O   . ALA A 1 62  ? 11.095  8.682   -17.693 1.00 38.27  ? 62  ALA A O   1 
ATOM   422  C CB  . ALA A 1 62  ? 12.400  11.445  -18.842 1.00 36.39  ? 62  ALA A CB  1 
ATOM   423  N N   . LEU A 1 63  ? 10.523  9.089   -19.838 1.00 33.63  ? 63  LEU A N   1 
ATOM   424  C CA  . LEU A 1 63  ? 9.273   8.339   -19.769 1.00 33.18  ? 63  LEU A CA  1 
ATOM   425  C C   . LEU A 1 63  ? 9.558   6.843   -19.554 1.00 32.51  ? 63  LEU A C   1 
ATOM   426  O O   . LEU A 1 63  ? 8.922   6.185   -18.724 1.00 35.39  ? 63  LEU A O   1 
ATOM   427  C CB  . LEU A 1 63  ? 8.448   8.545   -21.050 1.00 30.04  ? 63  LEU A CB  1 
ATOM   428  C CG  . LEU A 1 63  ? 7.355   9.619   -21.021 1.00 32.14  ? 63  LEU A CG  1 
ATOM   429  C CD1 . LEU A 1 63  ? 6.828   9.864   -22.435 1.00 31.62  ? 63  LEU A CD1 1 
ATOM   430  C CD2 . LEU A 1 63  ? 6.234   9.219   -20.060 1.00 28.92  ? 63  LEU A CD2 1 
ATOM   431  N N   . HIS A 1 64  ? 10.567  6.358   -20.266 1.00 30.62  ? 64  HIS A N   1 
ATOM   432  C CA  . HIS A 1 64  ? 11.026  4.978   -20.260 1.00 30.24  ? 64  HIS A CA  1 
ATOM   433  C C   . HIS A 1 64  ? 11.426  4.498   -18.863 1.00 28.36  ? 64  HIS A C   1 
ATOM   434  O O   . HIS A 1 64  ? 10.946  3.467   -18.413 1.00 30.45  ? 64  HIS A O   1 
ATOM   435  C CB  . HIS A 1 64  ? 12.203  4.886   -21.201 1.00 34.30  ? 64  HIS A CB  1 
ATOM   436  C CG  . HIS A 1 64  ? 12.556  3.497   -21.614 1.00 37.98  ? 64  HIS A CG  1 
ATOM   437  N ND1 . HIS A 1 64  ? 13.777  3.185   -22.135 1.00 37.86  ? 64  HIS A ND1 1 
ATOM   438  C CD2 . HIS A 1 64  ? 11.831  2.353   -21.581 1.00 39.22  ? 64  HIS A CD2 1 
ATOM   439  C CE1 . HIS A 1 64  ? 13.813  1.881   -22.422 1.00 36.53  ? 64  HIS A CE1 1 
ATOM   440  N NE2 . HIS A 1 64  ? 12.649  1.359   -22.093 1.00 38.89  ? 64  HIS A NE2 1 
ATOM   441  N N   . GLY A 1 65  ? 12.275  5.265   -18.180 1.00 30.26  ? 65  GLY A N   1 
ATOM   442  C CA  . GLY A 1 65  ? 12.712  4.926   -16.829 1.00 30.06  ? 65  GLY A CA  1 
ATOM   443  C C   . GLY A 1 65  ? 11.589  5.040   -15.809 1.00 29.44  ? 65  GLY A C   1 
ATOM   444  O O   . GLY A 1 65  ? 11.517  4.208   -14.894 1.00 29.39  ? 65  GLY A O   1 
ATOM   445  N N   . THR A 1 66  ? 10.705  6.029   -15.987 1.00 29.43  ? 66  THR A N   1 
ATOM   446  C CA  . THR A 1 66  ? 9.553   6.244   -15.104 1.00 28.05  ? 66  THR A CA  1 
ATOM   447  C C   . THR A 1 66  ? 8.540   5.083   -15.223 1.00 28.66  ? 66  THR A C   1 
ATOM   448  O O   . THR A 1 66  ? 8.050   4.576   -14.212 1.00 27.79  ? 66  THR A O   1 
ATOM   449  C CB  . THR A 1 66  ? 8.870   7.570   -15.429 1.00 27.32  ? 66  THR A CB  1 
ATOM   450  O OG1 . THR A 1 66  ? 9.773   8.648   -15.140 1.00 30.40  ? 66  THR A OG1 1 
ATOM   451  C CG2 . THR A 1 66  ? 7.633   7.722   -14.595 1.00 30.58  ? 66  THR A CG2 1 
ATOM   452  N N   . THR A 1 67  ? 8.275   4.644   -16.459 1.00 28.18  ? 67  THR A N   1 
ATOM   453  C CA  . THR A 1 67  ? 7.364   3.519   -16.761 1.00 25.32  ? 67  THR A CA  1 
ATOM   454  C C   . THR A 1 67  ? 7.932   2.224   -16.151 1.00 25.87  ? 67  THR A C   1 
ATOM   455  O O   . THR A 1 67  ? 7.207   1.442   -15.531 1.00 22.25  ? 67  THR A O   1 
ATOM   456  C CB  . THR A 1 67  ? 7.222   3.340   -18.298 1.00 20.73  ? 67  THR A CB  1 
ATOM   457  O OG1 . THR A 1 67  ? 6.635   4.519   -18.841 1.00 25.27  ? 67  THR A OG1 1 
ATOM   458  C CG2 . THR A 1 67  ? 6.363   2.145   -18.663 1.00 18.70  ? 67  THR A CG2 1 
ATOM   459  N N   . ARG A 1 68  ? 9.237   2.027   -16.333 1.00 26.21  ? 68  ARG A N   1 
ATOM   460  C CA  . ARG A 1 68  ? 9.945   0.871   -15.818 1.00 29.31  ? 68  ARG A CA  1 
ATOM   461  C C   . ARG A 1 68  ? 9.832   0.784   -14.294 1.00 29.65  ? 68  ARG A C   1 
ATOM   462  O O   . ARG A 1 68  ? 9.541   -0.274  -13.730 1.00 28.17  ? 68  ARG A O   1 
ATOM   463  C CB  . ARG A 1 68  ? 11.410  0.954   -16.242 1.00 36.75  ? 68  ARG A CB  1 
ATOM   464  C CG  . ARG A 1 68  ? 11.912  -0.257  -16.985 1.00 45.33  ? 68  ARG A CG  1 
ATOM   465  C CD  . ARG A 1 68  ? 13.025  0.140   -17.951 1.00 55.34  ? 68  ARG A CD  1 
ATOM   466  N NE  . ARG A 1 68  ? 14.116  0.883   -17.303 1.00 63.11  ? 68  ARG A NE  1 
ATOM   467  C CZ  . ARG A 1 68  ? 14.876  1.819   -17.894 1.00 65.40  ? 68  ARG A CZ  1 
ATOM   468  N NH1 . ARG A 1 68  ? 14.716  2.119   -19.183 1.00 64.80  ? 68  ARG A NH1 1 
ATOM   469  N NH2 . ARG A 1 68  ? 15.838  2.418   -17.194 1.00 64.24  ? 68  ARG A NH2 1 
ATOM   470  N N   . SER A 1 69  ? 10.048  1.904   -13.622 1.00 30.14  ? 69  SER A N   1 
ATOM   471  C CA  . SER A 1 69  ? 9.955   1.920   -12.163 1.00 30.84  ? 69  SER A CA  1 
ATOM   472  C C   . SER A 1 69  ? 8.559   1.531   -11.685 1.00 31.61  ? 69  SER A C   1 
ATOM   473  O O   . SER A 1 69  ? 8.416   0.669   -10.821 1.00 34.43  ? 69  SER A O   1 
ATOM   474  C CB  . SER A 1 69  ? 10.319  3.301   -11.630 1.00 32.05  ? 69  SER A CB  1 
ATOM   475  O OG  . SER A 1 69  ? 11.585  3.683   -12.111 1.00 37.51  ? 69  SER A OG  1 
ATOM   476  N N   . LEU A 1 70  ? 7.529   2.164   -12.246 1.00 30.11  ? 70  LEU A N   1 
ATOM   477  C CA  . LEU A 1 70  ? 6.149   1.865   -11.884 1.00 27.06  ? 70  LEU A CA  1 
ATOM   478  C C   . LEU A 1 70  ? 5.851   0.387   -11.998 1.00 26.87  ? 70  LEU A C   1 
ATOM   479  O O   . LEU A 1 70  ? 5.187   -0.181  -11.141 1.00 26.95  ? 70  LEU A O   1 
ATOM   480  C CB  . LEU A 1 70  ? 5.174   2.655   -12.757 1.00 29.65  ? 70  LEU A CB  1 
ATOM   481  C CG  . LEU A 1 70  ? 4.779   4.009   -12.175 1.00 36.26  ? 70  LEU A CG  1 
ATOM   482  C CD1 . LEU A 1 70  ? 6.012   4.833   -11.801 1.00 38.76  ? 70  LEU A CD1 1 
ATOM   483  C CD2 . LEU A 1 70  ? 3.943   4.721   -13.191 1.00 38.13  ? 70  LEU A CD2 1 
ATOM   484  N N   . LEU A 1 71  ? 6.328   -0.235  -13.067 1.00 25.87  ? 71  LEU A N   1 
ATOM   485  C CA  . LEU A 1 71  ? 6.098   -1.654  -13.264 1.00 26.38  ? 71  LEU A CA  1 
ATOM   486  C C   . LEU A 1 71  ? 6.815   -2.448  -12.189 1.00 24.72  ? 71  LEU A C   1 
ATOM   487  O O   . LEU A 1 71  ? 6.232   -3.327  -11.571 1.00 24.83  ? 71  LEU A O   1 
ATOM   488  C CB  . LEU A 1 71  ? 6.571   -2.099  -14.652 1.00 27.39  ? 71  LEU A CB  1 
ATOM   489  C CG  . LEU A 1 71  ? 5.698   -1.806  -15.874 1.00 27.23  ? 71  LEU A CG  1 
ATOM   490  C CD1 . LEU A 1 71  ? 6.559   -1.863  -17.151 1.00 31.49  ? 71  LEU A CD1 1 
ATOM   491  C CD2 . LEU A 1 71  ? 4.547   -2.801  -15.939 1.00 26.49  ? 71  LEU A CD2 1 
ATOM   492  N N   . ALA A 1 72  ? 8.073   -2.102  -11.941 1.00 25.32  ? 72  ALA A N   1 
ATOM   493  C CA  . ALA A 1 72  ? 8.864   -2.787  -10.934 1.00 27.00  ? 72  ALA A CA  1 
ATOM   494  C C   . ALA A 1 72  ? 8.113   -2.798  -9.609  1.00 28.48  ? 72  ALA A C   1 
ATOM   495  O O   . ALA A 1 72  ? 7.898   -3.853  -9.012  1.00 30.84  ? 72  ALA A O   1 
ATOM   496  C CB  . ALA A 1 72  ? 10.221  -2.110  -10.774 1.00 25.00  ? 72  ALA A CB  1 
ATOM   497  N N   . ASN A 1 73  ? 7.657   -1.625  -9.186  1.00 30.44  ? 73  ASN A N   1 
ATOM   498  C CA  . ASN A 1 73  ? 6.903   -1.472  -7.935  1.00 28.71  ? 73  ASN A CA  1 
ATOM   499  C C   . ASN A 1 73  ? 5.553   -2.199  -7.929  1.00 25.86  ? 73  ASN A C   1 
ATOM   500  O O   . ASN A 1 73  ? 5.066   -2.576  -6.866  1.00 25.78  ? 73  ASN A O   1 
ATOM   501  C CB  . ASN A 1 73  ? 6.676   0.010   -7.605  1.00 33.81  ? 73  ASN A CB  1 
ATOM   502  C CG  . ASN A 1 73  ? 7.966   0.767   -7.281  1.00 37.16  ? 73  ASN A CG  1 
ATOM   503  O OD1 . ASN A 1 73  ? 9.066   0.195   -7.174  1.00 38.17  ? 73  ASN A OD1 1 
ATOM   504  N ND2 . ASN A 1 73  ? 7.820   2.078   -7.108  1.00 40.40  ? 73  ASN A ND2 1 
ATOM   505  N N   . MET A 1 74  ? 4.938   -2.365  -9.102  1.00 25.79  ? 74  MET A N   1 
ATOM   506  C CA  . MET A 1 74  ? 3.661   -3.077  -9.215  1.00 23.89  ? 74  MET A CA  1 
ATOM   507  C C   . MET A 1 74  ? 3.983   -4.536  -8.975  1.00 24.22  ? 74  MET A C   1 
ATOM   508  O O   . MET A 1 74  ? 3.211   -5.247  -8.321  1.00 20.81  ? 74  MET A O   1 
ATOM   509  C CB  . MET A 1 74  ? 3.054   -2.955  -10.610 1.00 24.81  ? 74  MET A CB  1 
ATOM   510  C CG  . MET A 1 74  ? 2.353   -1.670  -10.929 1.00 21.70  ? 74  MET A CG  1 
ATOM   511  S SD  . MET A 1 74  ? 1.724   -1.783  -12.606 1.00 26.07  ? 74  MET A SD  1 
ATOM   512  C CE  . MET A 1 74  ? 0.073   -2.447  -12.351 1.00 20.59  ? 74  MET A CE  1 
ATOM   513  N N   . VAL A 1 75  ? 5.129   -4.975  -9.506  1.00 26.16  ? 75  VAL A N   1 
ATOM   514  C CA  . VAL A 1 75  ? 5.574   -6.358  -9.338  1.00 26.87  ? 75  VAL A CA  1 
ATOM   515  C C   . VAL A 1 75  ? 5.978   -6.617  -7.863  1.00 29.69  ? 75  VAL A C   1 
ATOM   516  O O   . VAL A 1 75  ? 5.644   -7.663  -7.282  1.00 28.43  ? 75  VAL A O   1 
ATOM   517  C CB  . VAL A 1 75  ? 6.737   -6.717  -10.322 1.00 26.15  ? 75  VAL A CB  1 
ATOM   518  C CG1 . VAL A 1 75  ? 7.249   -8.113  -10.054 1.00 22.32  ? 75  VAL A CG1 1 
ATOM   519  C CG2 . VAL A 1 75  ? 6.263   -6.652  -11.756 1.00 21.74  ? 75  VAL A CG2 1 
ATOM   520  N N   . GLU A 1 76  ? 6.598   -5.625  -7.228  1.00 29.86  ? 76  GLU A N   1 
ATOM   521  C CA  . GLU A 1 76  ? 7.007   -5.758  -5.827  1.00 29.96  ? 76  GLU A CA  1 
ATOM   522  C C   . GLU A 1 76  ? 5.790   -5.823  -4.892  1.00 30.77  ? 76  GLU A C   1 
ATOM   523  O O   . GLU A 1 76  ? 5.764   -6.656  -3.981  1.00 31.77  ? 76  GLU A O   1 
ATOM   524  C CB  . GLU A 1 76  ? 7.900   -4.604  -5.432  1.00 30.97  ? 76  GLU A CB  1 
ATOM   525  C CG  . GLU A 1 76  ? 8.675   -4.854  -4.175  1.00 40.77  ? 76  GLU A CG  1 
ATOM   526  C CD  . GLU A 1 76  ? 9.503   -3.649  -3.746  1.00 45.37  ? 76  GLU A CD  1 
ATOM   527  O OE1 . GLU A 1 76  ? 9.964   -2.871  -4.618  1.00 47.42  ? 76  GLU A OE1 1 
ATOM   528  O OE2 . GLU A 1 76  ? 9.692   -3.481  -2.521  1.00 48.52  ? 76  GLU A OE2 1 
ATOM   529  N N   . GLY A 1 77  ? 4.768   -5.002  -5.172  1.00 28.48  ? 77  GLY A N   1 
ATOM   530  C CA  . GLY A 1 77  ? 3.552   -4.970  -4.371  1.00 23.86  ? 77  GLY A CA  1 
ATOM   531  C C   . GLY A 1 77  ? 2.740   -6.258  -4.291  1.00 25.10  ? 77  GLY A C   1 
ATOM   532  O O   . GLY A 1 77  ? 2.338   -6.675  -3.204  1.00 23.62  ? 77  GLY A O   1 
ATOM   533  N N   . VAL A 1 78  ? 2.501   -6.901  -5.423  1.00 23.89  ? 78  VAL A N   1 
ATOM   534  C CA  . VAL A 1 78  ? 1.728   -8.141  -5.438  1.00 20.98  ? 78  VAL A CA  1 
ATOM   535  C C   . VAL A 1 78  ? 2.555   -9.354  -5.056  1.00 21.34  ? 78  VAL A C   1 
ATOM   536  O O   . VAL A 1 78  ? 2.006   -10.414 -4.802  1.00 24.91  ? 78  VAL A O   1 
ATOM   537  C CB  . VAL A 1 78  ? 1.024   -8.395  -6.818  1.00 20.67  ? 78  VAL A CB  1 
ATOM   538  C CG1 . VAL A 1 78  ? 0.170   -7.180  -7.204  1.00 19.10  ? 78  VAL A CG1 1 
ATOM   539  C CG2 . VAL A 1 78  ? 2.055   -8.750  -7.934  1.00 18.77  ? 78  VAL A CG2 1 
ATOM   540  N N   . SER A 1 79  ? 3.868   -9.213  -5.009  1.00 21.06  ? 79  SER A N   1 
ATOM   541  C CA  . SER A 1 79  ? 4.680   -10.346 -4.637  1.00 25.24  ? 79  SER A CA  1 
ATOM   542  C C   . SER A 1 79  ? 5.115   -10.235 -3.198  1.00 29.36  ? 79  SER A C   1 
ATOM   543  O O   . SER A 1 79  ? 4.906   -11.144 -2.403  1.00 30.73  ? 79  SER A O   1 
ATOM   544  C CB  . SER A 1 79  ? 5.891   -10.503 -5.549  1.00 21.62  ? 79  SER A CB  1 
ATOM   545  O OG  . SER A 1 79  ? 6.823   -9.458  -5.407  1.00 26.73  ? 79  SER A OG  1 
ATOM   546  N N   . LYS A 1 80  ? 5.691   -9.092  -2.862  1.00 31.13  ? 80  LYS A N   1 
ATOM   547  C CA  . LYS A 1 80  ? 6.174   -8.827  -1.522  1.00 31.18  ? 80  LYS A CA  1 
ATOM   548  C C   . LYS A 1 80  ? 5.171   -8.049  -0.680  1.00 30.53  ? 80  LYS A C   1 
ATOM   549  O O   . LYS A 1 80  ? 5.163   -8.177  0.535   1.00 35.12  ? 80  LYS A O   1 
ATOM   550  C CB  . LYS A 1 80  ? 7.491   -8.062  -1.611  1.00 34.76  ? 80  LYS A CB  1 
ATOM   551  C CG  . LYS A 1 80  ? 8.602   -8.819  -2.332  1.00 40.73  ? 80  LYS A CG  1 
ATOM   552  C CD  . LYS A 1 80  ? 9.755   -7.868  -2.670  1.00 46.83  ? 80  LYS A CD  1 
ATOM   553  C CE  . LYS A 1 80  ? 10.822  -8.512  -3.582  1.00 51.63  ? 80  LYS A CE  1 
ATOM   554  N NZ  . LYS A 1 80  ? 11.968  -7.591  -3.918  1.00 53.05  ? 80  LYS A NZ  1 
ATOM   555  N N   . GLY A 1 81  ? 4.303   -7.273  -1.318  1.00 28.46  ? 81  GLY A N   1 
ATOM   556  C CA  . GLY A 1 81  ? 3.322   -6.484  -0.582  1.00 24.55  ? 81  GLY A CA  1 
ATOM   557  C C   . GLY A 1 81  ? 3.932   -5.328  0.215   1.00 25.18  ? 81  GLY A C   1 
ATOM   558  O O   . GLY A 1 81  ? 5.146   -5.238  0.391   1.00 27.16  ? 81  GLY A O   1 
ATOM   559  N N   . TYR A 1 82  ? 3.110   -4.392  0.671   1.00 25.90  ? 82  TYR A N   1 
ATOM   560  C CA  . TYR A 1 82  ? 3.634   -3.275  1.477   1.00 24.17  ? 82  TYR A CA  1 
ATOM   561  C C   . TYR A 1 82  ? 2.864   -3.191  2.776   1.00 22.37  ? 82  TYR A C   1 
ATOM   562  O O   . TYR A 1 82  ? 1.748   -3.682  2.851   1.00 22.26  ? 82  TYR A O   1 
ATOM   563  C CB  . TYR A 1 82  ? 3.484   -1.939  0.740   1.00 24.42  ? 82  TYR A CB  1 
ATOM   564  C CG  . TYR A 1 82  ? 4.257   -1.867  -0.550  1.00 25.09  ? 82  TYR A CG  1 
ATOM   565  C CD1 . TYR A 1 82  ? 5.616   -1.554  -0.554  1.00 24.12  ? 82  TYR A CD1 1 
ATOM   566  C CD2 . TYR A 1 82  ? 3.630   -2.103  -1.761  1.00 20.64  ? 82  TYR A CD2 1 
ATOM   567  C CE1 . TYR A 1 82  ? 6.334   -1.497  -1.747  1.00 27.17  ? 82  TYR A CE1 1 
ATOM   568  C CE2 . TYR A 1 82  ? 4.335   -2.044  -2.948  1.00 25.45  ? 82  TYR A CE2 1 
ATOM   569  C CZ  . TYR A 1 82  ? 5.681   -1.734  -2.939  1.00 26.86  ? 82  TYR A CZ  1 
ATOM   570  O OH  . TYR A 1 82  ? 6.366   -1.675  -4.129  1.00 29.10  ? 82  TYR A OH  1 
ATOM   571  N N   . GLU A 1 83  ? 3.450   -2.575  3.799   1.00 25.32  ? 83  GLU A N   1 
ATOM   572  C CA  . GLU A 1 83  ? 2.738   -2.425  5.062   1.00 24.42  ? 83  GLU A CA  1 
ATOM   573  C C   . GLU A 1 83  ? 3.147   -1.232  5.858   1.00 21.98  ? 83  GLU A C   1 
ATOM   574  O O   . GLU A 1 83  ? 4.243   -0.734  5.698   1.00 23.65  ? 83  GLU A O   1 
ATOM   575  C CB  . GLU A 1 83  ? 2.874   -3.659  5.921   1.00 25.73  ? 83  GLU A CB  1 
ATOM   576  C CG  . GLU A 1 83  ? 4.268   -4.059  6.217   1.00 30.81  ? 83  GLU A CG  1 
ATOM   577  C CD  . GLU A 1 83  ? 4.303   -5.285  7.095   1.00 35.10  ? 83  GLU A CD  1 
ATOM   578  O OE1 . GLU A 1 83  ? 3.858   -6.361  6.647   1.00 39.58  ? 83  GLU A OE1 1 
ATOM   579  O OE2 . GLU A 1 83  ? 4.736   -5.175  8.257   1.00 39.27  ? 83  GLU A OE2 1 
ATOM   580  N N   . LYS A 1 84  ? 2.258   -0.766  6.723   1.00 23.12  ? 84  LYS A N   1 
ATOM   581  C CA  . LYS A 1 84  ? 2.546   0.396   7.570   1.00 22.40  ? 84  LYS A CA  1 
ATOM   582  C C   . LYS A 1 84  ? 1.943   0.055   8.938   1.00 23.29  ? 84  LYS A C   1 
ATOM   583  O O   . LYS A 1 84  ? 0.792   -0.359  9.001   1.00 20.88  ? 84  LYS A O   1 
ATOM   584  C CB  . LYS A 1 84  ? 1.859   1.651   6.993   1.00 20.93  ? 84  LYS A CB  1 
ATOM   585  C CG  . LYS A 1 84  ? 2.236   2.977   7.642   1.00 26.79  ? 84  LYS A CG  1 
ATOM   586  C CD  . LYS A 1 84  ? 3.670   3.375   7.365   1.00 34.31  ? 84  LYS A CD  1 
ATOM   587  C CE  . LYS A 1 84  ? 4.193   4.371   8.408   1.00 37.62  ? 84  LYS A CE  1 
ATOM   588  N NZ  . LYS A 1 84  ? 4.224   3.757   9.796   1.00 42.00  ? 84  LYS A NZ  1 
ATOM   589  N N   . ALA A 1 85  ? 2.739   0.159   10.005  1.00 22.30  ? 85  ALA A N   1 
ATOM   590  C CA  . ALA A 1 85  ? 2.277   -0.117  11.362  1.00 21.42  ? 85  ALA A CA  1 
ATOM   591  C C   . ALA A 1 85  ? 1.964   1.145   12.179  1.00 20.05  ? 85  ALA A C   1 
ATOM   592  O O   . ALA A 1 85  ? 2.538   2.211   11.931  1.00 20.58  ? 85  ALA A O   1 
ATOM   593  C CB  . ALA A 1 85  ? 3.280   -1.005  12.104  1.00 21.04  ? 85  ALA A CB  1 
ATOM   594  N N   . LEU A 1 86  ? 0.995   1.030   13.081  1.00 20.12  ? 86  LEU A N   1 
ATOM   595  C CA  . LEU A 1 86  ? 0.553   2.116   13.973  1.00 21.47  ? 86  LEU A CA  1 
ATOM   596  C C   . LEU A 1 86  ? 0.492   1.506   15.369  1.00 21.43  ? 86  LEU A C   1 
ATOM   597  O O   . LEU A 1 86  ? 0.350   0.285   15.514  1.00 21.94  ? 86  LEU A O   1 
ATOM   598  C CB  . LEU A 1 86  ? -0.864  2.600   13.616  1.00 20.09  ? 86  LEU A CB  1 
ATOM   599  C CG  . LEU A 1 86  ? -1.091  3.230   12.250  1.00 17.87  ? 86  LEU A CG  1 
ATOM   600  C CD1 . LEU A 1 86  ? -2.463  2.878   11.838  1.00 16.65  ? 86  LEU A CD1 1 
ATOM   601  C CD2 . LEU A 1 86  ? -0.916  4.727   12.263  1.00 18.88  ? 86  LEU A CD2 1 
ATOM   602  N N   . GLU A 1 87  ? 0.604   2.340   16.398  1.00 23.46  ? 87  GLU A N   1 
ATOM   603  C CA  . GLU A 1 87  ? 0.524   1.861   17.771  1.00 22.69  ? 87  GLU A CA  1 
ATOM   604  C C   . GLU A 1 87  ? -0.414  2.740   18.610  1.00 22.01  ? 87  GLU A C   1 
ATOM   605  O O   . GLU A 1 87  ? -0.591  3.927   18.319  1.00 20.63  ? 87  GLU A O   1 
ATOM   606  C CB  . GLU A 1 87  ? 1.925   1.747   18.383  1.00 24.49  ? 87  GLU A CB  1 
ATOM   607  C CG  . GLU A 1 87  ? 2.922   2.803   17.960  1.00 34.16  ? 87  GLU A CG  1 
ATOM   608  C CD  . GLU A 1 87  ? 4.355   2.395   18.256  1.00 40.41  ? 87  GLU A CD  1 
ATOM   609  O OE1 . GLU A 1 87  ? 4.672   1.201   18.033  1.00 42.69  ? 87  GLU A OE1 1 
ATOM   610  O OE2 . GLU A 1 87  ? 5.170   3.261   18.674  1.00 42.08  ? 87  GLU A OE2 1 
ATOM   611  N N   . LEU A 1 88  ? -1.120  2.120   19.553  1.00 21.97  ? 88  LEU A N   1 
ATOM   612  C CA  . LEU A 1 88  ? -2.041  2.838   20.435  1.00 21.17  ? 88  LEU A CA  1 
ATOM   613  C C   . LEU A 1 88  ? -1.326  3.142   21.735  1.00 24.72  ? 88  LEU A C   1 
ATOM   614  O O   . LEU A 1 88  ? -0.626  2.281   22.281  1.00 28.32  ? 88  LEU A O   1 
ATOM   615  C CB  . LEU A 1 88  ? -3.286  2.015   20.773  1.00 19.42  ? 88  LEU A CB  1 
ATOM   616  C CG  . LEU A 1 88  ? -4.268  1.658   19.674  1.00 21.98  ? 88  LEU A CG  1 
ATOM   617  C CD1 . LEU A 1 88  ? -5.585  1.455   20.269  1.00 20.76  ? 88  LEU A CD1 1 
ATOM   618  C CD2 . LEU A 1 88  ? -4.352  2.768   18.692  1.00 27.40  ? 88  LEU A CD2 1 
ATOM   619  N N   . VAL A 1 89  ? -1.458  4.370   22.224  1.00 26.58  ? 89  VAL A N   1 
ATOM   620  C CA  . VAL A 1 89  ? -0.825  4.726   23.483  1.00 24.75  ? 89  VAL A CA  1 
ATOM   621  C C   . VAL A 1 89  ? -1.876  5.377   24.360  1.00 23.91  ? 89  VAL A C   1 
ATOM   622  O O   . VAL A 1 89  ? -2.475  6.383   24.002  1.00 25.45  ? 89  VAL A O   1 
ATOM   623  C CB  . VAL A 1 89  ? 0.373   5.672   23.266  1.00 23.82  ? 89  VAL A CB  1 
ATOM   624  C CG1 . VAL A 1 89  ? 1.003   6.020   24.586  1.00 26.20  ? 89  VAL A CG1 1 
ATOM   625  C CG2 . VAL A 1 89  ? 1.422   5.032   22.351  1.00 23.53  ? 89  VAL A CG2 1 
ATOM   626  N N   . GLY A 1 90  ? -2.143  4.758   25.489  1.00 25.38  ? 90  GLY A N   1 
ATOM   627  C CA  . GLY A 1 90  ? -3.130  5.303   26.385  1.00 29.03  ? 90  GLY A CA  1 
ATOM   628  C C   . GLY A 1 90  ? -3.827  4.192   27.124  1.00 30.12  ? 90  GLY A C   1 
ATOM   629  O O   . GLY A 1 90  ? -4.159  3.178   26.555  1.00 30.46  ? 90  GLY A O   1 
ATOM   630  N N   . VAL A 1 91  ? -4.060  4.381   28.406  1.00 32.95  ? 91  VAL A N   1 
ATOM   631  C CA  . VAL A 1 91  ? -4.703  3.344   29.184  1.00 35.41  ? 91  VAL A CA  1 
ATOM   632  C C   . VAL A 1 91  ? -6.154  3.142   28.726  1.00 34.90  ? 91  VAL A C   1 
ATOM   633  O O   . VAL A 1 91  ? -6.929  4.102   28.622  1.00 35.35  ? 91  VAL A O   1 
ATOM   634  C CB  . VAL A 1 91  ? -4.594  3.617   30.699  1.00 39.60  ? 91  VAL A CB  1 
ATOM   635  C CG1 . VAL A 1 91  ? -3.132  3.707   31.111  1.00 39.44  ? 91  VAL A CG1 1 
ATOM   636  C CG2 . VAL A 1 91  ? -5.308  4.892   31.055  1.00 42.26  ? 91  VAL A CG2 1 
ATOM   637  N N   . GLY A 1 92  ? -6.501  1.889   28.422  1.00 34.83  ? 92  GLY A N   1 
ATOM   638  C CA  . GLY A 1 92  ? -7.846  1.560   27.942  1.00 33.57  ? 92  GLY A CA  1 
ATOM   639  C C   . GLY A 1 92  ? -7.961  1.593   26.415  1.00 29.48  ? 92  GLY A C   1 
ATOM   640  O O   . GLY A 1 92  ? -8.966  1.184   25.827  1.00 29.64  ? 92  GLY A O   1 
ATOM   641  N N   . TYR A 1 93  ? -6.932  2.135   25.775  1.00 29.13  ? 93  TYR A N   1 
ATOM   642  C CA  . TYR A 1 93  ? -6.884  2.233   24.322  1.00 24.98  ? 93  TYR A CA  1 
ATOM   643  C C   . TYR A 1 93  ? -6.533  0.885   23.742  1.00 23.92  ? 93  TYR A C   1 
ATOM   644  O O   . TYR A 1 93  ? -5.458  0.364   23.997  1.00 22.90  ? 93  TYR A O   1 
ATOM   645  C CB  . TYR A 1 93  ? -5.836  3.267   23.888  1.00 24.59  ? 93  TYR A CB  1 
ATOM   646  C CG  . TYR A 1 93  ? -6.273  4.698   24.086  1.00 23.62  ? 93  TYR A CG  1 
ATOM   647  C CD1 . TYR A 1 93  ? -7.324  5.001   24.934  1.00 24.95  ? 93  TYR A CD1 1 
ATOM   648  C CD2 . TYR A 1 93  ? -5.662  5.740   23.400  1.00 24.73  ? 93  TYR A CD2 1 
ATOM   649  C CE1 . TYR A 1 93  ? -7.741  6.286   25.123  1.00 25.51  ? 93  TYR A CE1 1 
ATOM   650  C CE2 . TYR A 1 93  ? -6.082  7.047   23.588  1.00 25.49  ? 93  TYR A CE2 1 
ATOM   651  C CZ  . TYR A 1 93  ? -7.133  7.301   24.446  1.00 25.49  ? 93  TYR A CZ  1 
ATOM   652  O OH  . TYR A 1 93  ? -7.591  8.569   24.675  1.00 30.03  ? 93  TYR A OH  1 
ATOM   653  N N   . ARG A 1 94  ? -7.441  0.333   22.947  1.00 25.71  ? 94  ARG A N   1 
ATOM   654  C CA  . ARG A 1 94  ? -7.199  -0.949  22.325  1.00 25.74  ? 94  ARG A CA  1 
ATOM   655  C C   . ARG A 1 94  ? -7.932  -1.139  21.013  1.00 22.76  ? 94  ARG A C   1 
ATOM   656  O O   . ARG A 1 94  ? -8.929  -0.483  20.743  1.00 21.52  ? 94  ARG A O   1 
ATOM   657  C CB  . ARG A 1 94  ? -7.536  -2.079  23.275  1.00 26.18  ? 94  ARG A CB  1 
ATOM   658  C CG  . ARG A 1 94  ? -8.815  -1.901  23.940  1.00 27.21  ? 94  ARG A CG  1 
ATOM   659  C CD  . ARG A 1 94  ? -9.117  -3.159  24.673  1.00 37.21  ? 94  ARG A CD  1 
ATOM   660  N NE  . ARG A 1 94  ? -10.486 -3.092  25.143  1.00 42.23  ? 94  ARG A NE  1 
ATOM   661  C CZ  . ARG A 1 94  ? -10.835 -2.499  26.271  1.00 44.41  ? 94  ARG A CZ  1 
ATOM   662  N NH1 . ARG A 1 94  ? -9.903  -1.983  27.072  1.00 45.77  ? 94  ARG A NH1 1 
ATOM   663  N NH2 . ARG A 1 94  ? -12.111 -2.453  26.614  1.00 47.20  ? 94  ARG A NH2 1 
ATOM   664  N N   . ALA A 1 95  ? -7.363  -2.019  20.194  1.00 22.89  ? 95  ALA A N   1 
ATOM   665  C CA  . ALA A 1 95  ? -7.870  -2.379  18.878  1.00 23.35  ? 95  ALA A CA  1 
ATOM   666  C C   . ALA A 1 95  ? -8.180  -3.871  18.809  1.00 22.72  ? 95  ALA A C   1 
ATOM   667  O O   . ALA A 1 95  ? -7.520  -4.682  19.454  1.00 24.66  ? 95  ALA A O   1 
ATOM   668  C CB  . ALA A 1 95  ? -6.808  -2.040  17.813  1.00 22.94  ? 95  ALA A CB  1 
ATOM   669  N N   . SER A 1 96  ? -9.174  -4.239  18.012  1.00 25.63  ? 96  SER A N   1 
ATOM   670  C CA  . SER A 1 96  ? -9.523  -5.642  17.830  1.00 25.99  ? 96  SER A CA  1 
ATOM   671  C C   . SER A 1 96  ? -10.070 -5.818  16.426  1.00 27.28  ? 96  SER A C   1 
ATOM   672  O O   . SER A 1 96  ? -10.477 -4.862  15.779  1.00 24.74  ? 96  SER A O   1 
ATOM   673  C CB  . SER A 1 96  ? -10.560 -6.123  18.864  1.00 25.34  ? 96  SER A CB  1 
ATOM   674  O OG  . SER A 1 96  ? -11.852 -5.593  18.627  1.00 28.18  ? 96  SER A OG  1 
ATOM   675  N N   . LYS A 1 97  ? -10.089 -7.053  15.971  1.00 29.47  ? 97  LYS A N   1 
ATOM   676  C CA  . LYS A 1 97  ? -10.596 -7.362  14.654  1.00 32.34  ? 97  LYS A CA  1 
ATOM   677  C C   . LYS A 1 97  ? -11.938 -8.100  14.776  1.00 34.49  ? 97  LYS A C   1 
ATOM   678  O O   . LYS A 1 97  ? -12.012 -9.168  15.381  1.00 35.31  ? 97  LYS A O   1 
ATOM   679  C CB  . LYS A 1 97  ? -9.561  -8.215  13.928  1.00 31.85  ? 97  LYS A CB  1 
ATOM   680  C CG  . LYS A 1 97  ? -9.613  -8.117  12.440  1.00 33.73  ? 97  LYS A CG  1 
ATOM   681  C CD  . LYS A 1 97  ? -9.081  -6.793  11.937  1.00 28.02  ? 97  LYS A CD  1 
ATOM   682  C CE  . LYS A 1 97  ? -9.493  -6.608  10.497  1.00 29.99  ? 97  LYS A CE  1 
ATOM   683  N NZ  . LYS A 1 97  ? -9.130  -7.786  9.650   1.00 28.50  ? 97  LYS A NZ  1 
ATOM   684  N N   . GLN A 1 98  ? -13.005 -7.482  14.267  1.00 36.60  ? 98  GLN A N   1 
ATOM   685  C CA  . GLN A 1 98  ? -14.334 -8.068  14.287  1.00 41.90  ? 98  GLN A CA  1 
ATOM   686  C C   . GLN A 1 98  ? -14.747 -8.190  12.829  1.00 40.81  ? 98  GLN A C   1 
ATOM   687  O O   . GLN A 1 98  ? -15.390 -7.303  12.275  1.00 41.41  ? 98  GLN A O   1 
ATOM   688  C CB  . GLN A 1 98  ? -15.334 -7.163  15.029  1.00 52.01  ? 98  GLN A CB  1 
ATOM   689  C CG  . GLN A 1 98  ? -14.964 -6.780  16.476  1.00 65.81  ? 98  GLN A CG  1 
ATOM   690  C CD  . GLN A 1 98  ? -15.023 -7.948  17.458  1.00 73.07  ? 98  GLN A CD  1 
ATOM   691  O OE1 . GLN A 1 98  ? -13.997 -8.546  17.813  1.00 77.34  ? 98  GLN A OE1 1 
ATOM   692  N NE2 . GLN A 1 98  ? -16.230 -8.272  17.919  1.00 78.08  ? 98  GLN A NE2 1 
ATOM   693  N N   . GLY A 1 99  ? -14.419 -9.323  12.213  1.00 40.36  ? 99  GLY A N   1 
ATOM   694  C CA  . GLY A 1 99  ? -14.742 -9.510  10.814  1.00 38.31  ? 99  GLY A CA  1 
ATOM   695  C C   . GLY A 1 99  ? -13.676 -8.805  10.003  1.00 37.67  ? 99  GLY A C   1 
ATOM   696  O O   . GLY A 1 99  ? -12.507 -8.832  10.373  1.00 36.90  ? 99  GLY A O   1 
ATOM   697  N N   . LYS A 1 100 ? -14.049 -8.173  8.900   1.00 37.83  ? 100 LYS A N   1 
ATOM   698  C CA  . LYS A 1 100 ? -13.056 -7.467  8.108   1.00 39.39  ? 100 LYS A CA  1 
ATOM   699  C C   . LYS A 1 100 ? -12.821 -6.105  8.796   1.00 36.37  ? 100 LYS A C   1 
ATOM   700  O O   . LYS A 1 100 ? -11.870 -5.390  8.489   1.00 36.34  ? 100 LYS A O   1 
ATOM   701  C CB  . LYS A 1 100 ? -13.581 -7.259  6.677   1.00 44.10  ? 100 LYS A CB  1 
ATOM   702  C CG  . LYS A 1 100 ? -12.507 -6.909  5.619   1.00 51.27  ? 100 LYS A CG  1 
ATOM   703  C CD  . LYS A 1 100 ? -12.063 -8.129  4.786   1.00 55.85  ? 100 LYS A CD  1 
ATOM   704  C CE  . LYS A 1 100 ? -11.029 -7.756  3.698   1.00 57.83  ? 100 LYS A CE  1 
ATOM   705  N NZ  . LYS A 1 100 ? -9.779  -7.141  4.263   1.00 57.81  ? 100 LYS A NZ  1 
ATOM   706  N N   . LYS A 1 101 ? -13.669 -5.785  9.763   1.00 32.58  ? 101 LYS A N   1 
ATOM   707  C CA  . LYS A 1 101 ? -13.582 -4.520  10.464  1.00 30.08  ? 101 LYS A CA  1 
ATOM   708  C C   . LYS A 1 101 ? -12.588 -4.383  11.606  1.00 25.04  ? 101 LYS A C   1 
ATOM   709  O O   . LYS A 1 101 ? -12.411 -5.279  12.414  1.00 24.20  ? 101 LYS A O   1 
ATOM   710  C CB  . LYS A 1 101 ? -14.963 -4.116  10.982  1.00 31.38  ? 101 LYS A CB  1 
ATOM   711  C CG  . LYS A 1 101 ? -15.730 -3.156  10.082  1.00 38.42  ? 101 LYS A CG  1 
ATOM   712  C CD  . LYS A 1 101 ? -17.110 -2.919  10.656  1.00 44.47  ? 101 LYS A CD  1 
ATOM   713  C CE  . LYS A 1 101 ? -17.849 -4.250  10.785  1.00 50.66  ? 101 LYS A CE  1 
ATOM   714  N NZ  . LYS A 1 101 ? -19.076 -4.192  11.622  1.00 52.01  ? 101 LYS A NZ  1 
ATOM   715  N N   . LEU A 1 102 ? -11.968 -3.206  11.656  1.00 23.30  ? 102 LEU A N   1 
ATOM   716  C CA  . LEU A 1 102 ? -11.050 -2.788  12.714  1.00 19.80  ? 102 LEU A CA  1 
ATOM   717  C C   . LEU A 1 102 ? -11.938 -2.065  13.732  1.00 19.77  ? 102 LEU A C   1 
ATOM   718  O O   . LEU A 1 102 ? -12.667 -1.147  13.367  1.00 21.83  ? 102 LEU A O   1 
ATOM   719  C CB  . LEU A 1 102 ? -10.038 -1.771  12.173  1.00 19.60  ? 102 LEU A CB  1 
ATOM   720  C CG  . LEU A 1 102 ? -9.251  -1.036  13.266  1.00 20.62  ? 102 LEU A CG  1 
ATOM   721  C CD1 . LEU A 1 102 ? -8.379  -2.039  14.035  1.00 19.56  ? 102 LEU A CD1 1 
ATOM   722  C CD2 . LEU A 1 102 ? -8.396  0.090   12.669  1.00 17.67  ? 102 LEU A CD2 1 
ATOM   723  N N   . VAL A 1 103 ? -11.885 -2.455  15.004  1.00 20.67  ? 103 VAL A N   1 
ATOM   724  C CA  . VAL A 1 103 ? -12.707 -1.810  16.033  1.00 20.30  ? 103 VAL A CA  1 
ATOM   725  C C   . VAL A 1 103 ? -11.738 -1.114  16.962  1.00 17.77  ? 103 VAL A C   1 
ATOM   726  O O   . VAL A 1 103 ? -10.817 -1.745  17.451  1.00 17.96  ? 103 VAL A O   1 
ATOM   727  C CB  . VAL A 1 103 ? -13.571 -2.842  16.829  1.00 19.29  ? 103 VAL A CB  1 
ATOM   728  C CG1 . VAL A 1 103 ? -14.475 -2.141  17.823  1.00 18.64  ? 103 VAL A CG1 1 
ATOM   729  C CG2 . VAL A 1 103 ? -14.419 -3.627  15.900  1.00 18.40  ? 103 VAL A CG2 1 
ATOM   730  N N   . LEU A 1 104 ? -11.889 0.196   17.106  1.00 17.82  ? 104 LEU A N   1 
ATOM   731  C CA  . LEU A 1 104 ? -11.006 0.997   17.951  1.00 21.19  ? 104 LEU A CA  1 
ATOM   732  C C   . LEU A 1 104 ? -11.698 1.524   19.205  1.00 24.03  ? 104 LEU A C   1 
ATOM   733  O O   . LEU A 1 104 ? -12.787 2.101   19.133  1.00 27.21  ? 104 LEU A O   1 
ATOM   734  C CB  . LEU A 1 104 ? -10.523 2.219   17.180  1.00 19.06  ? 104 LEU A CB  1 
ATOM   735  C CG  . LEU A 1 104 ? -9.670  1.992   15.954  1.00 16.59  ? 104 LEU A CG  1 
ATOM   736  C CD1 . LEU A 1 104 ? -9.617  3.262   15.178  1.00 16.46  ? 104 LEU A CD1 1 
ATOM   737  C CD2 . LEU A 1 104 ? -8.293  1.578   16.383  1.00 18.51  ? 104 LEU A CD2 1 
ATOM   738  N N   . SER A 1 105 ? -11.047 1.372   20.346  1.00 24.49  ? 105 SER A N   1 
ATOM   739  C CA  . SER A 1 105 ? -11.559 1.893   21.602  1.00 24.67  ? 105 SER A CA  1 
ATOM   740  C C   . SER A 1 105 ? -10.467 2.892   21.936  1.00 23.04  ? 105 SER A C   1 
ATOM   741  O O   . SER A 1 105 ? -9.402  2.473   22.341  1.00 23.90  ? 105 SER A O   1 
ATOM   742  C CB  . SER A 1 105 ? -11.659 0.789   22.667  1.00 24.13  ? 105 SER A CB  1 
ATOM   743  O OG  . SER A 1 105 ? -12.804 -0.013  22.470  1.00 26.59  ? 105 SER A OG  1 
ATOM   744  N N   . VAL A 1 106 ? -10.691 4.164   21.637  1.00 25.10  ? 106 VAL A N   1 
ATOM   745  C CA  . VAL A 1 106 ? -9.720  5.237   21.866  1.00 26.53  ? 106 VAL A CA  1 
ATOM   746  C C   . VAL A 1 106 ? -10.201 6.447   22.671  1.00 27.16  ? 106 VAL A C   1 
ATOM   747  O O   . VAL A 1 106 ? -9.960  7.589   22.289  1.00 27.54  ? 106 VAL A O   1 
ATOM   748  C CB  . VAL A 1 106 ? -9.134  5.730   20.515  1.00 25.83  ? 106 VAL A CB  1 
ATOM   749  C CG1 . VAL A 1 106 ? -8.293  4.631   19.904  1.00 25.30  ? 106 VAL A CG1 1 
ATOM   750  C CG2 . VAL A 1 106 ? -10.242 6.167   19.536  1.00 24.17  ? 106 VAL A CG2 1 
ATOM   751  N N   . GLY A 1 107 ? -10.912 6.196   23.762  1.00 26.43  ? 107 GLY A N   1 
ATOM   752  C CA  . GLY A 1 107 ? -11.336 7.286   24.609  1.00 23.49  ? 107 GLY A CA  1 
ATOM   753  C C   . GLY A 1 107 ? -12.532 8.123   24.239  1.00 25.07  ? 107 GLY A C   1 
ATOM   754  O O   . GLY A 1 107 ? -12.581 9.266   24.635  1.00 27.06  ? 107 GLY A O   1 
ATOM   755  N N   . TYR A 1 108 ? -13.434 7.605   23.409  1.00 26.50  ? 108 TYR A N   1 
ATOM   756  C CA  . TYR A 1 108 ? -14.666 8.310   23.035  1.00 26.03  ? 108 TYR A CA  1 
ATOM   757  C C   . TYR A 1 108 ? -15.754 7.541   23.757  1.00 27.85  ? 108 TYR A C   1 
ATOM   758  O O   . TYR A 1 108 ? -15.455 6.504   24.346  1.00 29.72  ? 108 TYR A O   1 
ATOM   759  C CB  . TYR A 1 108 ? -14.906 8.280   21.533  1.00 22.72  ? 108 TYR A CB  1 
ATOM   760  C CG  . TYR A 1 108 ? -13.847 9.033   20.751  1.00 20.70  ? 108 TYR A CG  1 
ATOM   761  C CD1 . TYR A 1 108 ? -13.392 10.294  21.171  1.00 22.23  ? 108 TYR A CD1 1 
ATOM   762  C CD2 . TYR A 1 108 ? -13.289 8.486   19.591  1.00 19.15  ? 108 TYR A CD2 1 
ATOM   763  C CE1 . TYR A 1 108 ? -12.409 10.997  20.460  1.00 20.32  ? 108 TYR A CE1 1 
ATOM   764  C CE2 . TYR A 1 108 ? -12.315 9.169   18.870  1.00 18.72  ? 108 TYR A CE2 1 
ATOM   765  C CZ  . TYR A 1 108 ? -11.876 10.429  19.311  1.00 21.09  ? 108 TYR A CZ  1 
ATOM   766  O OH  . TYR A 1 108 ? -10.911 11.117  18.608  1.00 20.68  ? 108 TYR A OH  1 
ATOM   767  N N   . SER A 1 109 ? -16.992 8.003   23.753  1.00 29.61  ? 109 SER A N   1 
ATOM   768  C CA  . SER A 1 109 ? -18.008 7.230   24.476  1.00 34.84  ? 109 SER A CA  1 
ATOM   769  C C   . SER A 1 109 ? -18.187 5.835   23.853  1.00 35.61  ? 109 SER A C   1 
ATOM   770  O O   . SER A 1 109 ? -18.391 4.852   24.555  1.00 37.51  ? 109 SER A O   1 
ATOM   771  C CB  . SER A 1 109 ? -19.349 7.959   24.522  1.00 32.88  ? 109 SER A CB  1 
ATOM   772  O OG  . SER A 1 109 ? -20.060 7.866   23.295  1.00 36.75  ? 109 SER A OG  1 
ATOM   773  N N   . HIS A 1 110 ? -18.100 5.757   22.525  1.00 36.43  ? 110 HIS A N   1 
ATOM   774  C CA  . HIS A 1 110 ? -18.268 4.496   21.799  1.00 33.93  ? 110 HIS A CA  1 
ATOM   775  C C   . HIS A 1 110 ? -17.093 4.203   20.866  1.00 30.52  ? 110 HIS A C   1 
ATOM   776  O O   . HIS A 1 110 ? -16.332 5.084   20.518  1.00 29.28  ? 110 HIS A O   1 
ATOM   777  C CB  . HIS A 1 110 ? -19.577 4.516   21.034  1.00 40.48  ? 110 HIS A CB  1 
ATOM   778  C CG  . HIS A 1 110 ? -20.781 4.522   21.916  1.00 50.32  ? 110 HIS A CG  1 
ATOM   779  N ND1 . HIS A 1 110 ? -21.287 5.683   22.481  1.00 54.36  ? 110 HIS A ND1 1 
ATOM   780  C CD2 . HIS A 1 110 ? -21.584 3.524   22.349  1.00 52.80  ? 110 HIS A CD2 1 
ATOM   781  C CE1 . HIS A 1 110 ? -22.341 5.393   23.211  1.00 58.17  ? 110 HIS A CE1 1 
ATOM   782  N NE2 . HIS A 1 110 ? -22.547 4.076   23.148  1.00 57.20  ? 110 HIS A NE2 1 
ATOM   783  N N   . PRO A 1 111 ? -16.965 2.924   20.431  1.00 26.08  ? 111 PRO A N   1 
ATOM   784  C CA  . PRO A 1 111 ? -15.869 2.552   19.531  1.00 24.94  ? 111 PRO A CA  1 
ATOM   785  C C   . PRO A 1 111 ? -15.979 3.068   18.105  1.00 22.89  ? 111 PRO A C   1 
ATOM   786  O O   . PRO A 1 111 ? -17.065 3.372   17.629  1.00 24.93  ? 111 PRO A O   1 
ATOM   787  C CB  . PRO A 1 111 ? -15.962 1.018   19.585  1.00 25.01  ? 111 PRO A CB  1 
ATOM   788  C CG  . PRO A 1 111 ? -17.402 0.792   19.693  1.00 26.44  ? 111 PRO A CG  1 
ATOM   789  C CD  . PRO A 1 111 ? -17.799 1.783   20.747  1.00 25.52  ? 111 PRO A CD  1 
ATOM   790  N N   . VAL A 1 112 ? -14.840 3.167   17.423  1.00 21.13  ? 112 VAL A N   1 
ATOM   791  C CA  . VAL A 1 112 ? -14.768 3.604   16.042  1.00 21.60  ? 112 VAL A CA  1 
ATOM   792  C C   . VAL A 1 112 ? -14.478 2.346   15.210  1.00 25.09  ? 112 VAL A C   1 
ATOM   793  O O   . VAL A 1 112 ? -13.546 1.609   15.501  1.00 21.54  ? 112 VAL A O   1 
ATOM   794  C CB  . VAL A 1 112 ? -13.604 4.572   15.854  1.00 20.92  ? 112 VAL A CB  1 
ATOM   795  C CG1 . VAL A 1 112 ? -13.579 5.095   14.455  1.00 19.73  ? 112 VAL A CG1 1 
ATOM   796  C CG2 . VAL A 1 112 ? -13.692 5.682   16.839  1.00 22.01  ? 112 VAL A CG2 1 
ATOM   797  N N   . GLU A 1 113 ? -15.312 2.077   14.212  1.00 26.51  ? 113 GLU A N   1 
ATOM   798  C CA  . GLU A 1 113 ? -15.141 0.904   13.358  1.00 26.27  ? 113 GLU A CA  1 
ATOM   799  C C   . GLU A 1 113 ? -14.724 1.317   11.950  1.00 27.33  ? 113 GLU A C   1 
ATOM   800  O O   . GLU A 1 113 ? -15.371 2.170   11.331  1.00 30.16  ? 113 GLU A O   1 
ATOM   801  C CB  . GLU A 1 113 ? -16.441 0.100   13.275  1.00 30.85  ? 113 GLU A CB  1 
ATOM   802  C CG  . GLU A 1 113 ? -16.944 -0.444  14.599  1.00 36.80  ? 113 GLU A CG  1 
ATOM   803  C CD  . GLU A 1 113 ? -18.289 -1.163  14.489  1.00 41.04  ? 113 GLU A CD  1 
ATOM   804  O OE1 . GLU A 1 113 ? -19.096 -0.835  13.584  1.00 42.65  ? 113 GLU A OE1 1 
ATOM   805  O OE2 . GLU A 1 113 ? -18.536 -2.058  15.323  1.00 43.98  ? 113 GLU A OE2 1 
ATOM   806  N N   . ILE A 1 114 ? -13.649 0.713   11.446  1.00 25.39  ? 114 ILE A N   1 
ATOM   807  C CA  . ILE A 1 114 ? -13.152 1.018   10.121  1.00 22.36  ? 114 ILE A CA  1 
ATOM   808  C C   . ILE A 1 114 ? -13.092 -0.236  9.287   1.00 23.44  ? 114 ILE A C   1 
ATOM   809  O O   . ILE A 1 114 ? -12.630 -1.268  9.715   1.00 23.84  ? 114 ILE A O   1 
ATOM   810  C CB  . ILE A 1 114 ? -11.770 1.675   10.174  1.00 20.61  ? 114 ILE A CB  1 
ATOM   811  C CG1 . ILE A 1 114 ? -11.913 3.079   10.744  1.00 21.69  ? 114 ILE A CG1 1 
ATOM   812  C CG2 . ILE A 1 114 ? -11.154 1.712   8.785   1.00 19.13  ? 114 ILE A CG2 1 
ATOM   813  C CD1 . ILE A 1 114 ? -10.628 3.747   11.105  1.00 25.71  ? 114 ILE A CD1 1 
ATOM   814  N N   . GLU A 1 115 ? -13.618 -0.144  8.089   1.00 25.93  ? 115 GLU A N   1 
ATOM   815  C CA  . GLU A 1 115 ? -13.613 -1.272  7.206   1.00 28.83  ? 115 GLU A CA  1 
ATOM   816  C C   . GLU A 1 115 ? -12.724 -0.920  6.008   1.00 30.18  ? 115 GLU A C   1 
ATOM   817  O O   . GLU A 1 115 ? -12.919 0.109   5.348   1.00 29.48  ? 115 GLU A O   1 
ATOM   818  C CB  . GLU A 1 115 ? -15.050 -1.560  6.780   1.00 32.04  ? 115 GLU A CB  1 
ATOM   819  C CG  . GLU A 1 115 ? -15.270 -2.922  6.137   1.00 43.70  ? 115 GLU A CG  1 
ATOM   820  C CD  . GLU A 1 115 ? -16.718 -3.144  5.687   1.00 50.41  ? 115 GLU A CD  1 
ATOM   821  O OE1 . GLU A 1 115 ? -17.651 -2.761  6.441   1.00 51.22  ? 115 GLU A OE1 1 
ATOM   822  O OE2 . GLU A 1 115 ? -16.913 -3.693  4.567   1.00 53.94  ? 115 GLU A OE2 1 
ATOM   823  N N   . PRO A 1 116 ? -11.677 -1.707  5.750   1.00 30.67  ? 116 PRO A N   1 
ATOM   824  C CA  . PRO A 1 116 ? -10.832 -1.378  4.621   1.00 30.58  ? 116 PRO A CA  1 
ATOM   825  C C   . PRO A 1 116 ? -11.555 -1.596  3.302   1.00 34.03  ? 116 PRO A C   1 
ATOM   826  O O   . PRO A 1 116 ? -12.495 -2.382  3.188   1.00 34.74  ? 116 PRO A O   1 
ATOM   827  C CB  . PRO A 1 116 ? -9.670  -2.345  4.760   1.00 30.81  ? 116 PRO A CB  1 
ATOM   828  C CG  . PRO A 1 116 ? -10.321 -3.540  5.374   1.00 29.58  ? 116 PRO A CG  1 
ATOM   829  C CD  . PRO A 1 116 ? -11.208 -2.939  6.424   1.00 29.83  ? 116 PRO A CD  1 
ATOM   830  N N   . GLU A 1 117 ? -11.116 -0.859  2.309   1.00 36.46  ? 117 GLU A N   1 
ATOM   831  C CA  . GLU A 1 117 ? -11.670 -0.985  0.982   1.00 37.88  ? 117 GLU A CA  1 
ATOM   832  C C   . GLU A 1 117 ? -11.087 -2.216  0.335   1.00 36.82  ? 117 GLU A C   1 
ATOM   833  O O   . GLU A 1 117 ? -10.233 -2.891  0.905   1.00 37.10  ? 117 GLU A O   1 
ATOM   834  C CB  . GLU A 1 117 ? -11.293 0.243   0.170   1.00 42.41  ? 117 GLU A CB  1 
ATOM   835  C CG  . GLU A 1 117 ? -12.437 1.162   -0.113  1.00 52.02  ? 117 GLU A CG  1 
ATOM   836  C CD  . GLU A 1 117 ? -13.032 1.800   1.122   1.00 58.60  ? 117 GLU A CD  1 
ATOM   837  O OE1 . GLU A 1 117 ? -13.288 1.079   2.122   1.00 61.15  ? 117 GLU A OE1 1 
ATOM   838  O OE2 . GLU A 1 117 ? -13.257 3.040   1.083   1.00 63.85  ? 117 GLU A OE2 1 
ATOM   839  N N   . GLU A 1 118 ? -11.499 -2.472  -0.900  1.00 35.18  ? 118 GLU A N   1 
ATOM   840  C CA  . GLU A 1 118 ? -10.991 -3.607  -1.632  1.00 30.80  ? 118 GLU A CA  1 
ATOM   841  C C   . GLU A 1 118 ? -9.499  -3.451  -1.910  1.00 25.34  ? 118 GLU A C   1 
ATOM   842  O O   . GLU A 1 118 ? -9.030  -2.367  -2.250  1.00 26.44  ? 118 GLU A O   1 
ATOM   843  C CB  . GLU A 1 118 ? -11.772 -3.740  -2.933  1.00 36.22  ? 118 GLU A CB  1 
ATOM   844  C CG  . GLU A 1 118 ? -11.298 -4.862  -3.834  1.00 43.56  ? 118 GLU A CG  1 
ATOM   845  C CD  . GLU A 1 118 ? -12.259 -5.168  -4.971  1.00 50.02  ? 118 GLU A CD  1 
ATOM   846  O OE1 . GLU A 1 118 ? -13.077 -4.278  -5.327  1.00 54.70  ? 118 GLU A OE1 1 
ATOM   847  O OE2 . GLU A 1 118 ? -12.190 -6.304  -5.498  1.00 54.56  ? 118 GLU A OE2 1 
ATOM   848  N N   . GLY A 1 119 ? -8.759  -4.540  -1.715  1.00 24.20  ? 119 GLY A N   1 
ATOM   849  C CA  . GLY A 1 119 ? -7.335  -4.526  -1.947  1.00 23.14  ? 119 GLY A CA  1 
ATOM   850  C C   . GLY A 1 119 ? -6.537  -4.180  -0.692  1.00 25.72  ? 119 GLY A C   1 
ATOM   851  O O   . GLY A 1 119 ? -5.307  -4.240  -0.737  1.00 28.53  ? 119 GLY A O   1 
ATOM   852  N N   . LEU A 1 120 ? -7.201  -3.841  0.424   1.00 26.04  ? 120 LEU A N   1 
ATOM   853  C CA  . LEU A 1 120 ? -6.512  -3.478  1.691   1.00 22.88  ? 120 LEU A CA  1 
ATOM   854  C C   . LEU A 1 120 ? -6.876  -4.384  2.865   1.00 22.01  ? 120 LEU A C   1 
ATOM   855  O O   . LEU A 1 120 ? -8.020  -4.796  2.989   1.00 22.05  ? 120 LEU A O   1 
ATOM   856  C CB  . LEU A 1 120 ? -6.793  -2.013  2.100   1.00 19.90  ? 120 LEU A CB  1 
ATOM   857  C CG  . LEU A 1 120 ? -6.241  -0.929  1.182   1.00 19.33  ? 120 LEU A CG  1 
ATOM   858  C CD1 . LEU A 1 120 ? -6.748  0.419   1.599   1.00 19.21  ? 120 LEU A CD1 1 
ATOM   859  C CD2 . LEU A 1 120 ? -4.725  -0.976  1.221   1.00 20.77  ? 120 LEU A CD2 1 
ATOM   860  N N   . GLU A 1 121 ? -5.881  -4.685  3.705   1.00 22.60  ? 121 GLU A N   1 
ATOM   861  C CA  . GLU A 1 121 ? -6.062  -5.507  4.882   1.00 22.45  ? 121 GLU A CA  1 
ATOM   862  C C   . GLU A 1 121 ? -5.560  -4.768  6.107   1.00 19.45  ? 121 GLU A C   1 
ATOM   863  O O   . GLU A 1 121 ? -4.702  -3.908  6.031   1.00 18.98  ? 121 GLU A O   1 
ATOM   864  C CB  . GLU A 1 121 ? -5.252  -6.765  4.774   1.00 27.17  ? 121 GLU A CB  1 
ATOM   865  C CG  . GLU A 1 121 ? -5.747  -7.731  3.798   1.00 37.75  ? 121 GLU A CG  1 
ATOM   866  C CD  . GLU A 1 121 ? -5.035  -9.035  3.996   1.00 48.51  ? 121 GLU A CD  1 
ATOM   867  O OE1 . GLU A 1 121 ? -5.110  -9.572  5.134   1.00 55.34  ? 121 GLU A OE1 1 
ATOM   868  O OE2 . GLU A 1 121 ? -4.348  -9.498  3.053   1.00 52.62  ? 121 GLU A OE2 1 
ATOM   869  N N   . ILE A 1 122 ? -6.116  -5.104  7.247   1.00 17.94  ? 122 ILE A N   1 
ATOM   870  C CA  . ILE A 1 122 ? -5.703  -4.480  8.486   1.00 18.84  ? 122 ILE A CA  1 
ATOM   871  C C   . ILE A 1 122 ? -5.557  -5.637  9.442   1.00 18.89  ? 122 ILE A C   1 
ATOM   872  O O   . ILE A 1 122 ? -6.486  -6.434  9.596   1.00 18.90  ? 122 ILE A O   1 
ATOM   873  C CB  . ILE A 1 122 ? -6.781  -3.533  9.084   1.00 19.12  ? 122 ILE A CB  1 
ATOM   874  C CG1 . ILE A 1 122 ? -7.091  -2.369  8.146   1.00 16.08  ? 122 ILE A CG1 1 
ATOM   875  C CG2 . ILE A 1 122 ? -6.314  -3.052  10.475  1.00 18.23  ? 122 ILE A CG2 1 
ATOM   876  C CD1 . ILE A 1 122 ? -8.371  -1.664  8.510   1.00 15.39  ? 122 ILE A CD1 1 
ATOM   877  N N   . GLU A 1 123 ? -4.396  -5.752  10.059  1.00 17.88  ? 123 GLU A N   1 
ATOM   878  C CA  . GLU A 1 123 ? -4.166  -6.815  11.003  1.00 19.19  ? 123 GLU A CA  1 
ATOM   879  C C   . GLU A 1 123 ? -3.905  -6.181  12.366  1.00 19.03  ? 123 GLU A C   1 
ATOM   880  O O   . GLU A 1 123 ? -3.406  -5.070  12.459  1.00 17.34  ? 123 GLU A O   1 
ATOM   881  C CB  . GLU A 1 123 ? -3.011  -7.700  10.523  1.00 19.85  ? 123 GLU A CB  1 
ATOM   882  C CG  . GLU A 1 123 ? -3.339  -8.425  9.197   1.00 24.57  ? 123 GLU A CG  1 
ATOM   883  C CD  . GLU A 1 123 ? -2.246  -9.343  8.693   1.00 25.35  ? 123 GLU A CD  1 
ATOM   884  O OE1 . GLU A 1 123 ? -1.127  -9.301  9.254   1.00 26.97  ? 123 GLU A OE1 1 
ATOM   885  O OE2 . GLU A 1 123 ? -2.529  -10.109 7.731   1.00 27.35  ? 123 GLU A OE2 1 
ATOM   886  N N   . VAL A 1 124 ? -4.316  -6.867  13.420  1.00 19.52  ? 124 VAL A N   1 
ATOM   887  C CA  . VAL A 1 124 ? -4.155  -6.392  14.796  1.00 19.77  ? 124 VAL A CA  1 
ATOM   888  C C   . VAL A 1 124 ? -3.486  -7.545  15.566  1.00 21.55  ? 124 VAL A C   1 
ATOM   889  O O   . VAL A 1 124 ? -4.150  -8.374  16.166  1.00 24.49  ? 124 VAL A O   1 
ATOM   890  C CB  . VAL A 1 124 ? -5.556  -6.006  15.423  1.00 19.25  ? 124 VAL A CB  1 
ATOM   891  C CG1 . VAL A 1 124 ? -5.377  -5.408  16.849  1.00 17.93  ? 124 VAL A CG1 1 
ATOM   892  C CG2 . VAL A 1 124 ? -6.373  -5.057  14.477  1.00 14.70  ? 124 VAL A CG2 1 
ATOM   893  N N   . PRO A 1 125 ? -2.161  -7.655  15.510  1.00 23.58  ? 125 PRO A N   1 
ATOM   894  C CA  . PRO A 1 125 ? -1.432  -8.729  16.205  1.00 23.96  ? 125 PRO A CA  1 
ATOM   895  C C   . PRO A 1 125 ? -1.427  -8.678  17.746  1.00 25.55  ? 125 PRO A C   1 
ATOM   896  O O   . PRO A 1 125 ? -1.243  -9.690  18.413  1.00 26.87  ? 125 PRO A O   1 
ATOM   897  C CB  . PRO A 1 125 ? -0.035  -8.636  15.619  1.00 25.61  ? 125 PRO A CB  1 
ATOM   898  C CG  . PRO A 1 125 ? 0.069   -7.168  15.241  1.00 26.00  ? 125 PRO A CG  1 
ATOM   899  C CD  . PRO A 1 125 ? -1.260  -6.837  14.667  1.00 22.90  ? 125 PRO A CD  1 
ATOM   900  N N   . SER A 1 126 ? -1.589  -7.477  18.298  1.00 24.89  ? 126 SER A N   1 
ATOM   901  C CA  . SER A 1 126 ? -1.666  -7.278  19.727  1.00 25.66  ? 126 SER A CA  1 
ATOM   902  C C   . SER A 1 126 ? -2.643  -6.117  19.855  1.00 28.47  ? 126 SER A C   1 
ATOM   903  O O   . SER A 1 126 ? -2.794  -5.333  18.923  1.00 27.82  ? 126 SER A O   1 
ATOM   904  C CB  . SER A 1 126 ? -0.310  -6.912  20.311  1.00 23.76  ? 126 SER A CB  1 
ATOM   905  O OG  . SER A 1 126 ? 0.007   -5.576  20.022  1.00 27.71  ? 126 SER A OG  1 
ATOM   906  N N   . GLN A 1 127 ? -3.285  -5.971  21.005  1.00 27.28  ? 127 GLN A N   1 
ATOM   907  C CA  . GLN A 1 127 ? -4.253  -4.889  21.171  1.00 27.08  ? 127 GLN A CA  1 
ATOM   908  C C   . GLN A 1 127 ? -3.765  -3.450  21.024  1.00 22.89  ? 127 GLN A C   1 
ATOM   909  O O   . GLN A 1 127 ? -4.550  -2.525  20.969  1.00 23.44  ? 127 GLN A O   1 
ATOM   910  C CB  . GLN A 1 127 ? -5.053  -5.069  22.473  1.00 33.00  ? 127 GLN A CB  1 
ATOM   911  C CG  . GLN A 1 127 ? -4.240  -5.307  23.742  1.00 41.31  ? 127 GLN A CG  1 
ATOM   912  C CD  . GLN A 1 127 ? -5.111  -5.637  24.979  1.00 45.80  ? 127 GLN A CD  1 
ATOM   913  O OE1 . GLN A 1 127 ? -6.307  -5.956  24.865  1.00 43.33  ? 127 GLN A OE1 1 
ATOM   914  N NE2 . GLN A 1 127 ? -4.486  -5.583  26.160  1.00 49.85  ? 127 GLN A NE2 1 
ATOM   915  N N   . THR A 1 128 ? -2.472  -3.250  20.916  1.00 19.53  ? 128 THR A N   1 
ATOM   916  C CA  . THR A 1 128 ? -2.001  -1.897  20.781  1.00 21.79  ? 128 THR A CA  1 
ATOM   917  C C   . THR A 1 128 ? -1.213  -1.688  19.503  1.00 21.73  ? 128 THR A C   1 
ATOM   918  O O   . THR A 1 128 ? -0.509  -0.681  19.360  1.00 21.94  ? 128 THR A O   1 
ATOM   919  C CB  . THR A 1 128 ? -1.127  -1.529  21.978  1.00 23.88  ? 128 THR A CB  1 
ATOM   920  O OG1 . THR A 1 128 ? 0.000   -2.416  22.025  1.00 28.58  ? 128 THR A OG1 1 
ATOM   921  C CG2 . THR A 1 128 ? -1.918  -1.683  23.261  1.00 24.75  ? 128 THR A CG2 1 
ATOM   922  N N   . LYS A 1 129 ? -1.311  -2.647  18.585  1.00 21.56  ? 129 LYS A N   1 
ATOM   923  C CA  . LYS A 1 129 ? -0.605  -2.565  17.308  1.00 23.02  ? 129 LYS A CA  1 
ATOM   924  C C   . LYS A 1 129 ? -1.551  -2.855  16.169  1.00 21.53  ? 129 LYS A C   1 
ATOM   925  O O   . LYS A 1 129 ? -2.325  -3.804  16.232  1.00 18.12  ? 129 LYS A O   1 
ATOM   926  C CB  . LYS A 1 129 ? 0.573   -3.545  17.257  1.00 26.37  ? 129 LYS A CB  1 
ATOM   927  C CG  . LYS A 1 129 ? 1.352   -3.531  15.946  1.00 32.86  ? 129 LYS A CG  1 
ATOM   928  C CD  . LYS A 1 129 ? 2.815   -3.223  16.196  1.00 43.57  ? 129 LYS A CD  1 
ATOM   929  C CE  . LYS A 1 129 ? 3.431   -4.250  17.164  1.00 50.19  ? 129 LYS A CE  1 
ATOM   930  N NZ  . LYS A 1 129 ? 4.886   -3.990  17.469  1.00 53.89  ? 129 LYS A NZ  1 
ATOM   931  N N   . ILE A 1 130 ? -1.512  -2.001  15.154  1.00 21.32  ? 130 ILE A N   1 
ATOM   932  C CA  . ILE A 1 130 ? -2.355  -2.152  13.966  1.00 21.19  ? 130 ILE A CA  1 
ATOM   933  C C   . ILE A 1 130 ? -1.427  -2.184  12.733  1.00 20.50  ? 130 ILE A C   1 
ATOM   934  O O   . ILE A 1 130 ? -0.529  -1.361  12.651  1.00 23.47  ? 130 ILE A O   1 
ATOM   935  C CB  . ILE A 1 130 ? -3.322  -0.939  13.812  1.00 19.94  ? 130 ILE A CB  1 
ATOM   936  C CG1 . ILE A 1 130 ? -4.078  -0.694  15.111  1.00 24.16  ? 130 ILE A CG1 1 
ATOM   937  C CG2 . ILE A 1 130 ? -4.342  -1.194  12.702  1.00 22.56  ? 130 ILE A CG2 1 
ATOM   938  C CD1 . ILE A 1 130 ? -4.834  0.609   15.146  1.00 23.97  ? 130 ILE A CD1 1 
ATOM   939  N N   . ILE A 1 131 ? -1.605  -3.133  11.818  1.00 16.95  ? 131 ILE A N   1 
ATOM   940  C CA  . ILE A 1 131 ? -0.800  -3.177  10.604  1.00 15.62  ? 131 ILE A CA  1 
ATOM   941  C C   . ILE A 1 131 ? -1.696  -3.081  9.382   1.00 18.29  ? 131 ILE A C   1 
ATOM   942  O O   . ILE A 1 131 ? -2.655  -3.836  9.264   1.00 19.59  ? 131 ILE A O   1 
ATOM   943  C CB  . ILE A 1 131 ? -0.024  -4.465  10.455  1.00 17.38  ? 131 ILE A CB  1 
ATOM   944  C CG1 . ILE A 1 131 ? 0.952   -4.660  11.605  1.00 23.30  ? 131 ILE A CG1 1 
ATOM   945  C CG2 . ILE A 1 131 ? 0.717   -4.436  9.169   1.00 17.97  ? 131 ILE A CG2 1 
ATOM   946  C CD1 . ILE A 1 131 ? 1.633   -6.019  11.548  1.00 28.70  ? 131 ILE A CD1 1 
ATOM   947  N N   . VAL A 1 132 ? -1.433  -2.125  8.498   1.00 18.55  ? 132 VAL A N   1 
ATOM   948  C CA  . VAL A 1 132 ? -2.220  -1.987  7.268   1.00 17.61  ? 132 VAL A CA  1 
ATOM   949  C C   . VAL A 1 132 ? -1.335  -2.528  6.163   1.00 19.95  ? 132 VAL A C   1 
ATOM   950  O O   . VAL A 1 132 ? -0.124  -2.225  6.125   1.00 20.15  ? 132 VAL A O   1 
ATOM   951  C CB  . VAL A 1 132 ? -2.518  -0.538  6.902   1.00 19.87  ? 132 VAL A CB  1 
ATOM   952  C CG1 . VAL A 1 132 ? -3.371  -0.501  5.634   1.00 20.29  ? 132 VAL A CG1 1 
ATOM   953  C CG2 . VAL A 1 132 ? -3.175  0.184   8.071   1.00 20.31  ? 132 VAL A CG2 1 
ATOM   954  N N   . LYS A 1 133 ? -1.913  -3.346  5.293   1.00 20.06  ? 133 LYS A N   1 
ATOM   955  C CA  . LYS A 1 133 ? -1.164  -3.918  4.189   1.00 21.41  ? 133 LYS A CA  1 
ATOM   956  C C   . LYS A 1 133 ? -1.929  -4.085  2.916   1.00 19.34  ? 133 LYS A C   1 
ATOM   957  O O   . LYS A 1 133 ? -3.142  -4.189  2.918   1.00 19.86  ? 133 LYS A O   1 
ATOM   958  C CB  . LYS A 1 133 ? -0.477  -5.231  4.578   1.00 27.54  ? 133 LYS A CB  1 
ATOM   959  C CG  . LYS A 1 133 ? -1.328  -6.186  5.369   1.00 34.59  ? 133 LYS A CG  1 
ATOM   960  C CD  . LYS A 1 133 ? -0.545  -6.746  6.585   1.00 38.03  ? 133 LYS A CD  1 
ATOM   961  C CE  . LYS A 1 133 ? 0.459   -7.880  6.273   1.00 38.16  ? 133 LYS A CE  1 
ATOM   962  N NZ  . LYS A 1 133 ? 1.075   -8.425  7.544   1.00 39.74  ? 133 LYS A NZ  1 
ATOM   963  N N   . GLY A 1 134 ? -1.188  -4.076  1.822   1.00 17.89  ? 134 GLY A N   1 
ATOM   964  C CA  . GLY A 1 134 ? -1.770  -4.222  0.514   1.00 19.68  ? 134 GLY A CA  1 
ATOM   965  C C   . GLY A 1 134 ? -0.683  -4.076  -0.534  1.00 19.59  ? 134 GLY A C   1 
ATOM   966  O O   . GLY A 1 134 ? 0.481   -3.822  -0.205  1.00 20.40  ? 134 GLY A O   1 
ATOM   967  N N   . ALA A 1 135 ? -1.088  -4.169  -1.796  1.00 21.91  ? 135 ALA A N   1 
ATOM   968  C CA  . ALA A 1 135 ? -0.186  -4.094  -2.936  1.00 20.68  ? 135 ALA A CA  1 
ATOM   969  C C   . ALA A 1 135 ? 0.144   -2.695  -3.400  1.00 22.04  ? 135 ALA A C   1 
ATOM   970  O O   . ALA A 1 135 ? 1.135   -2.490  -4.086  1.00 22.59  ? 135 ALA A O   1 
ATOM   971  C CB  . ALA A 1 135 ? -0.779  -4.899  -4.099  1.00 22.70  ? 135 ALA A CB  1 
ATOM   972  N N   . ASP A 1 136 ? -0.747  -1.759  -3.124  1.00 22.87  ? 136 ASP A N   1 
ATOM   973  C CA  . ASP A 1 136 ? -0.545  -0.387  -3.520  1.00 22.22  ? 136 ASP A CA  1 
ATOM   974  C C   . ASP A 1 136 ? 0.048   0.385   -2.341  1.00 22.13  ? 136 ASP A C   1 
ATOM   975  O O   . ASP A 1 136 ? -0.639  0.657   -1.386  1.00 23.08  ? 136 ASP A O   1 
ATOM   976  C CB  . ASP A 1 136 ? -1.886  0.201   -3.948  1.00 25.28  ? 136 ASP A CB  1 
ATOM   977  C CG  . ASP A 1 136 ? -1.739  1.539   -4.662  1.00 31.63  ? 136 ASP A CG  1 
ATOM   978  O OD1 . ASP A 1 136 ? -1.138  2.471   -4.088  1.00 29.00  ? 136 ASP A OD1 1 
ATOM   979  O OD2 . ASP A 1 136 ? -2.240  1.661   -5.807  1.00 36.50  ? 136 ASP A OD2 1 
ATOM   980  N N   . LYS A 1 137 ? 1.318   0.772   -2.446  1.00 22.77  ? 137 LYS A N   1 
ATOM   981  C CA  . LYS A 1 137 ? 2.032   1.532   -1.396  1.00 28.05  ? 137 LYS A CA  1 
ATOM   982  C C   . LYS A 1 137 ? 1.316   2.839   -1.001  1.00 30.10  ? 137 LYS A C   1 
ATOM   983  O O   . LYS A 1 137 ? 1.319   3.262   0.165   1.00 27.41  ? 137 LYS A O   1 
ATOM   984  C CB  . LYS A 1 137 ? 3.494   1.851   -1.829  1.00 32.39  ? 137 LYS A CB  1 
ATOM   985  C CG  . LYS A 1 137 ? 4.417   2.313   -0.668  1.00 39.77  ? 137 LYS A CG  1 
ATOM   986  C CD  . LYS A 1 137 ? 4.102   1.466   0.621   1.00 49.83  ? 137 LYS A CD  1 
ATOM   987  C CE  . LYS A 1 137 ? 4.983   1.748   1.867   1.00 51.08  ? 137 LYS A CE  1 
ATOM   988  N NZ  . LYS A 1 137 ? 4.424   1.087   3.107   1.00 43.99  ? 137 LYS A NZ  1 
ATOM   989  N N   . GLN A 1 138 ? 0.707   3.472   -1.990  1.00 29.23  ? 138 GLN A N   1 
ATOM   990  C CA  . GLN A 1 138 ? 0.002   4.706   -1.756  1.00 29.95  ? 138 GLN A CA  1 
ATOM   991  C C   . GLN A 1 138 ? -1.259  4.507   -0.957  1.00 26.78  ? 138 GLN A C   1 
ATOM   992  O O   . GLN A 1 138 ? -1.525  5.266   -0.038  1.00 27.93  ? 138 GLN A O   1 
ATOM   993  C CB  . GLN A 1 138 ? -0.359  5.368   -3.087  1.00 39.58  ? 138 GLN A CB  1 
ATOM   994  C CG  . GLN A 1 138 ? -1.150  6.690   -2.982  1.00 47.38  ? 138 GLN A CG  1 
ATOM   995  C CD  . GLN A 1 138 ? -0.289  7.835   -2.445  1.00 57.28  ? 138 GLN A CD  1 
ATOM   996  O OE1 . GLN A 1 138 ? 0.955   7.763   -2.467  1.00 61.65  ? 138 GLN A OE1 1 
ATOM   997  N NE2 . GLN A 1 138 ? -0.935  8.893   -1.943  1.00 59.40  ? 138 GLN A NE2 1 
ATOM   998  N N   . ARG A 1 139 ? -2.072  3.543   -1.371  1.00 22.21  ? 139 ARG A N   1 
ATOM   999  C CA  . ARG A 1 139 ? -3.333  3.274   -0.695  1.00 21.74  ? 139 ARG A CA  1 
ATOM   1000 C C   . ARG A 1 139 ? -3.102  2.805   0.729   1.00 21.70  ? 139 ARG A C   1 
ATOM   1001 O O   . ARG A 1 139 ? -3.931  3.059   1.608   1.00 18.94  ? 139 ARG A O   1 
ATOM   1002 C CB  . ARG A 1 139 ? -4.181  2.255   -1.460  1.00 19.99  ? 139 ARG A CB  1 
ATOM   1003 C CG  . ARG A 1 139 ? -4.729  2.795   -2.752  1.00 19.38  ? 139 ARG A CG  1 
ATOM   1004 C CD  . ARG A 1 139 ? -5.693  1.817   -3.382  1.00 21.96  ? 139 ARG A CD  1 
ATOM   1005 N NE  . ARG A 1 139 ? -6.981  1.717   -2.681  1.00 22.29  ? 139 ARG A NE  1 
ATOM   1006 C CZ  . ARG A 1 139 ? -7.673  0.600   -2.539  1.00 17.73  ? 139 ARG A CZ  1 
ATOM   1007 N NH1 . ARG A 1 139 ? -7.208  -0.525  -3.022  1.00 18.81  ? 139 ARG A NH1 1 
ATOM   1008 N NH2 . ARG A 1 139 ? -8.825  0.613   -1.903  1.00 22.26  ? 139 ARG A NH2 1 
ATOM   1009 N N   . VAL A 1 140 ? -1.968  2.136   0.946   1.00 20.23  ? 140 VAL A N   1 
ATOM   1010 C CA  . VAL A 1 140 ? -1.596  1.645   2.272   1.00 21.19  ? 140 VAL A CA  1 
ATOM   1011 C C   . VAL A 1 140 ? -1.257  2.878   3.127   1.00 19.37  ? 140 VAL A C   1 
ATOM   1012 O O   . VAL A 1 140 ? -1.713  3.000   4.262   1.00 17.31  ? 140 VAL A O   1 
ATOM   1013 C CB  . VAL A 1 140 ? -0.351  0.668   2.212   1.00 20.01  ? 140 VAL A CB  1 
ATOM   1014 C CG1 . VAL A 1 140 ? 0.109   0.314   3.584   1.00 17.54  ? 140 VAL A CG1 1 
ATOM   1015 C CG2 . VAL A 1 140 ? -0.687  -0.604  1.471   1.00 19.50  ? 140 VAL A CG2 1 
ATOM   1016 N N   . GLY A 1 141 ? -0.480  3.790   2.545   1.00 17.91  ? 141 GLY A N   1 
ATOM   1017 C CA  . GLY A 1 141 ? -0.081  4.991   3.245   1.00 16.80  ? 141 GLY A CA  1 
ATOM   1018 C C   . GLY A 1 141 ? -1.293  5.817   3.631   1.00 20.48  ? 141 GLY A C   1 
ATOM   1019 O O   . GLY A 1 141 ? -1.375  6.318   4.754   1.00 21.29  ? 141 GLY A O   1 
ATOM   1020 N N   . GLU A 1 142 ? -2.224  5.965   2.693   1.00 23.31  ? 142 GLU A N   1 
ATOM   1021 C CA  . GLU A 1 142 ? -3.460  6.734   2.891   1.00 26.49  ? 142 GLU A CA  1 
ATOM   1022 C C   . GLU A 1 142 ? -4.431  6.165   3.957   1.00 23.07  ? 142 GLU A C   1 
ATOM   1023 O O   . GLU A 1 142 ? -4.998  6.936   4.740   1.00 22.47  ? 142 GLU A O   1 
ATOM   1024 C CB  . GLU A 1 142 ? -4.166  6.928   1.545   1.00 32.15  ? 142 GLU A CB  1 
ATOM   1025 C CG  . GLU A 1 142 ? -5.487  7.687   1.618   1.00 41.35  ? 142 GLU A CG  1 
ATOM   1026 C CD  . GLU A 1 142 ? -6.536  7.106   0.668   1.00 50.77  ? 142 GLU A CD  1 
ATOM   1027 O OE1 . GLU A 1 142 ? -6.145  6.577   -0.407  1.00 52.05  ? 142 GLU A OE1 1 
ATOM   1028 O OE2 . GLU A 1 142 ? -7.752  7.154   1.005   1.00 55.09  ? 142 GLU A OE2 1 
ATOM   1029 N N   . LEU A 1 143 ? -4.651  4.851   3.987   1.00 18.09  ? 143 LEU A N   1 
ATOM   1030 C CA  . LEU A 1 143 ? -5.524  4.290   5.008   1.00 17.45  ? 143 LEU A CA  1 
ATOM   1031 C C   . LEU A 1 143 ? -4.885  4.401   6.418   1.00 16.75  ? 143 LEU A C   1 
ATOM   1032 O O   . LEU A 1 143 ? -5.566  4.718   7.381   1.00 21.26  ? 143 LEU A O   1 
ATOM   1033 C CB  . LEU A 1 143 ? -5.891  2.853   4.669   1.00 19.15  ? 143 LEU A CB  1 
ATOM   1034 C CG  . LEU A 1 143 ? -6.688  2.207   5.811   1.00 20.17  ? 143 LEU A CG  1 
ATOM   1035 C CD1 . LEU A 1 143 ? -7.993  2.934   6.063   1.00 18.33  ? 143 LEU A CD1 1 
ATOM   1036 C CD2 . LEU A 1 143 ? -6.926  0.748   5.483   1.00 20.69  ? 143 LEU A CD2 1 
ATOM   1037 N N   . ALA A 1 144 ? -3.583  4.175   6.530   1.00 15.49  ? 144 ALA A N   1 
ATOM   1038 C CA  . ALA A 1 144 ? -2.903  4.304   7.809   1.00 13.76  ? 144 ALA A CA  1 
ATOM   1039 C C   . ALA A 1 144 ? -2.957  5.745   8.319   1.00 17.18  ? 144 ALA A C   1 
ATOM   1040 O O   . ALA A 1 144 ? -3.074  5.948   9.515   1.00 18.93  ? 144 ALA A O   1 
ATOM   1041 C CB  . ALA A 1 144 ? -1.488  3.820   7.737   1.00 13.33  ? 144 ALA A CB  1 
ATOM   1042 N N   . ALA A 1 145 ? -2.936  6.741   7.429   1.00 16.87  ? 145 ALA A N   1 
ATOM   1043 C CA  . ALA A 1 145 ? -3.026  8.159   7.833   1.00 15.85  ? 145 ALA A CA  1 
ATOM   1044 C C   . ALA A 1 145 ? -4.425  8.486   8.304   1.00 16.73  ? 145 ALA A C   1 
ATOM   1045 O O   . ALA A 1 145 ? -4.620  9.297   9.206   1.00 17.81  ? 145 ALA A O   1 
ATOM   1046 C CB  . ALA A 1 145 ? -2.614  9.090   6.690   1.00 13.53  ? 145 ALA A CB  1 
ATOM   1047 N N   . ASN A 1 146 ? -5.410  7.833   7.693   1.00 18.61  ? 146 ASN A N   1 
ATOM   1048 C CA  . ASN A 1 146 ? -6.804  8.009   8.057   1.00 19.27  ? 146 ASN A CA  1 
ATOM   1049 C C   . ASN A 1 146 ? -7.130  7.364   9.397   1.00 17.74  ? 146 ASN A C   1 
ATOM   1050 O O   . ASN A 1 146 ? -7.968  7.857   10.146  1.00 18.81  ? 146 ASN A O   1 
ATOM   1051 C CB  . ASN A 1 146 ? -7.712  7.472   6.952   1.00 21.57  ? 146 ASN A CB  1 
ATOM   1052 C CG  . ASN A 1 146 ? -7.687  8.342   5.702   1.00 27.56  ? 146 ASN A CG  1 
ATOM   1053 O OD1 . ASN A 1 146 ? -7.835  7.850   4.598   1.00 30.08  ? 146 ASN A OD1 1 
ATOM   1054 N ND2 . ASN A 1 146 ? -7.471  9.631   5.878   1.00 31.95  ? 146 ASN A ND2 1 
ATOM   1055 N N   . ILE A 1 147 ? -6.486  6.242   9.693   1.00 18.69  ? 147 ILE A N   1 
ATOM   1056 C CA  . ILE A 1 147 ? -6.690  5.591   10.991  1.00 19.42  ? 147 ILE A CA  1 
ATOM   1057 C C   . ILE A 1 147 ? -6.081  6.467   12.088  1.00 16.77  ? 147 ILE A C   1 
ATOM   1058 O O   . ILE A 1 147 ? -6.741  6.796   13.070  1.00 17.28  ? 147 ILE A O   1 
ATOM   1059 C CB  . ILE A 1 147 ? -6.077  4.159   11.030  1.00 16.51  ? 147 ILE A CB  1 
ATOM   1060 C CG1 . ILE A 1 147 ? -6.822  3.246   10.033  1.00 12.68  ? 147 ILE A CG1 1 
ATOM   1061 C CG2 . ILE A 1 147 ? -6.160  3.560   12.465  1.00 16.28  ? 147 ILE A CG2 1 
ATOM   1062 C CD1 . ILE A 1 147 ? -6.351  1.779   10.024  1.00 11.82  ? 147 ILE A CD1 1 
ATOM   1063 N N   . ARG A 1 148 ? -4.831  6.877   11.894  1.00 16.59  ? 148 ARG A N   1 
ATOM   1064 C CA  . ARG A 1 148 ? -4.166  7.749   12.866  1.00 17.56  ? 148 ARG A CA  1 
ATOM   1065 C C   . ARG A 1 148 ? -4.976  9.034   13.153  1.00 17.45  ? 148 ARG A C   1 
ATOM   1066 O O   . ARG A 1 148 ? -5.008  9.524   14.286  1.00 15.91  ? 148 ARG A O   1 
ATOM   1067 C CB  . ARG A 1 148 ? -2.767  8.127   12.369  1.00 15.49  ? 148 ARG A CB  1 
ATOM   1068 C CG  . ARG A 1 148 ? -2.094  9.213   13.170  1.00 14.20  ? 148 ARG A CG  1 
ATOM   1069 C CD  . ARG A 1 148 ? -0.772  9.509   12.593  1.00 14.37  ? 148 ARG A CD  1 
ATOM   1070 N NE  . ARG A 1 148 ? -0.022  10.453  13.402  1.00 18.34  ? 148 ARG A NE  1 
ATOM   1071 C CZ  . ARG A 1 148 ? -0.231  11.758  13.397  1.00 20.83  ? 148 ARG A CZ  1 
ATOM   1072 N NH1 . ARG A 1 148 ? -1.189  12.297  12.637  1.00 20.81  ? 148 ARG A NH1 1 
ATOM   1073 N NH2 . ARG A 1 148 ? 0.515   12.534  14.157  1.00 22.37  ? 148 ARG A NH2 1 
ATOM   1074 N N   . ALA A 1 149 ? -5.590  9.575   12.099  1.00 17.96  ? 149 ALA A N   1 
ATOM   1075 C CA  . ALA A 1 149 ? -6.412  10.781  12.172  1.00 20.97  ? 149 ALA A CA  1 
ATOM   1076 C C   . ALA A 1 149 ? -7.680  10.621  13.028  1.00 21.87  ? 149 ALA A C   1 
ATOM   1077 O O   . ALA A 1 149 ? -8.311  11.632  13.392  1.00 22.96  ? 149 ALA A O   1 
ATOM   1078 C CB  . ALA A 1 149 ? -6.781  11.256  10.773  1.00 20.89  ? 149 ALA A CB  1 
ATOM   1079 N N   . VAL A 1 150 ? -8.063  9.385   13.356  1.00 21.76  ? 150 VAL A N   1 
ATOM   1080 C CA  . VAL A 1 150 ? -9.244  9.169   14.207  1.00 21.16  ? 150 VAL A CA  1 
ATOM   1081 C C   . VAL A 1 150 ? -8.960  9.801   15.558  1.00 20.72  ? 150 VAL A C   1 
ATOM   1082 O O   . VAL A 1 150 ? -9.836  10.391  16.175  1.00 21.90  ? 150 VAL A O   1 
ATOM   1083 C CB  . VAL A 1 150 ? -9.575  7.666   14.354  1.00 19.75  ? 150 VAL A CB  1 
ATOM   1084 C CG1 . VAL A 1 150 ? -10.525 7.416   15.507  1.00 17.93  ? 150 VAL A CG1 1 
ATOM   1085 C CG2 . VAL A 1 150 ? -10.171 7.166   13.062  1.00 20.16  ? 150 VAL A CG2 1 
ATOM   1086 N N   . ARG A 1 151 ? -7.736  9.623   16.033  1.00 21.52  ? 151 ARG A N   1 
ATOM   1087 C CA  . ARG A 1 151 ? -7.316  10.220  17.275  1.00 21.33  ? 151 ARG A CA  1 
ATOM   1088 C C   . ARG A 1 151 ? -5.820  10.278  17.342  1.00 20.87  ? 151 ARG A C   1 
ATOM   1089 O O   . ARG A 1 151 ? -5.177  9.426   17.920  1.00 20.34  ? 151 ARG A O   1 
ATOM   1090 C CB  . ARG A 1 151 ? -7.833  9.480   18.502  1.00 23.86  ? 151 ARG A CB  1 
ATOM   1091 C CG  . ARG A 1 151 ? -7.447  10.215  19.790  1.00 28.53  ? 151 ARG A CG  1 
ATOM   1092 C CD  . ARG A 1 151 ? -8.452  10.051  20.905  1.00 30.20  ? 151 ARG A CD  1 
ATOM   1093 N NE  . ARG A 1 151 ? -8.179  10.973  22.015  1.00 32.26  ? 151 ARG A NE  1 
ATOM   1094 C CZ  . ARG A 1 151 ? -8.975  11.149  23.067  1.00 31.00  ? 151 ARG A CZ  1 
ATOM   1095 N NH1 . ARG A 1 151 ? -10.116 10.498  23.153  1.00 29.15  ? 151 ARG A NH1 1 
ATOM   1096 N NH2 . ARG A 1 151 ? -8.634  12.002  24.013  1.00 34.69  ? 151 ARG A NH2 1 
ATOM   1097 N N   . PRO A 1 152 ? -5.229  11.324  16.753  1.00 22.26  ? 152 PRO A N   1 
ATOM   1098 C CA  . PRO A 1 152 ? -3.784  11.549  16.721  1.00 24.38  ? 152 PRO A CA  1 
ATOM   1099 C C   . PRO A 1 152 ? -3.235  11.775  18.163  1.00 24.21  ? 152 PRO A C   1 
ATOM   1100 O O   . PRO A 1 152 ? -4.003  12.130  19.073  1.00 24.53  ? 152 PRO A O   1 
ATOM   1101 C CB  . PRO A 1 152 ? -3.676  12.840  15.888  1.00 24.50  ? 152 PRO A CB  1 
ATOM   1102 C CG  . PRO A 1 152 ? -4.978  12.953  15.178  1.00 24.01  ? 152 PRO A CG  1 
ATOM   1103 C CD  . PRO A 1 152 ? -5.962  12.448  16.165  1.00 22.48  ? 152 PRO A CD  1 
ATOM   1104 N N   . PRO A 1 153 ? -1.925  11.648  18.378  1.00 24.78  ? 153 PRO A N   1 
ATOM   1105 C CA  . PRO A 1 153 ? -1.254  11.813  19.682  1.00 26.06  ? 153 PRO A CA  1 
ATOM   1106 C C   . PRO A 1 153 ? -1.456  13.189  20.312  1.00 28.50  ? 153 PRO A C   1 
ATOM   1107 O O   . PRO A 1 153 ? -1.220  14.195  19.648  1.00 31.51  ? 153 PRO A O   1 
ATOM   1108 C CB  . PRO A 1 153 ? 0.225   11.650  19.356  1.00 25.52  ? 153 PRO A CB  1 
ATOM   1109 C CG  . PRO A 1 153 ? 0.228   10.867  18.069  1.00 28.17  ? 153 PRO A CG  1 
ATOM   1110 C CD  . PRO A 1 153 ? -0.925  11.429  17.305  1.00 23.21  ? 153 PRO A CD  1 
ATOM   1111 N N   . GLU A 1 154 ? -1.867  13.246  21.571  1.00 29.98  ? 154 GLU A N   1 
ATOM   1112 C CA  . GLU A 1 154 ? -2.040  14.540  22.248  1.00 29.32  ? 154 GLU A CA  1 
ATOM   1113 C C   . GLU A 1 154 ? -0.729  14.896  22.918  1.00 29.90  ? 154 GLU A C   1 
ATOM   1114 O O   . GLU A 1 154 ? -0.071  14.068  23.517  1.00 28.59  ? 154 GLU A O   1 
ATOM   1115 C CB  . GLU A 1 154 ? -3.243  14.560  23.203  1.00 29.04  ? 154 GLU A CB  1 
ATOM   1116 C CG  . GLU A 1 154 ? -3.343  13.412  24.183  1.00 32.15  ? 154 GLU A CG  1 
ATOM   1117 C CD  . GLU A 1 154 ? -2.496  13.591  25.429  1.00 33.36  ? 154 GLU A CD  1 
ATOM   1118 O OE1 . GLU A 1 154 ? -2.172  14.740  25.796  1.00 38.13  ? 154 GLU A OE1 1 
ATOM   1119 O OE2 . GLU A 1 154 ? -2.177  12.570  26.059  1.00 33.01  ? 154 GLU A OE2 1 
ATOM   1120 N N   . PRO A 1 155 ? -0.365  16.174  22.846  1.00 33.95  ? 155 PRO A N   1 
ATOM   1121 C CA  . PRO A 1 155 ? 0.854   16.774  23.381  1.00 37.13  ? 155 PRO A CA  1 
ATOM   1122 C C   . PRO A 1 155 ? 1.262   16.623  24.838  1.00 39.18  ? 155 PRO A C   1 
ATOM   1123 O O   . PRO A 1 155 ? 2.442   16.611  25.159  1.00 44.09  ? 155 PRO A O   1 
ATOM   1124 C CB  . PRO A 1 155 ? 0.665   18.244  22.998  1.00 38.60  ? 155 PRO A CB  1 
ATOM   1125 C CG  . PRO A 1 155 ? -0.796  18.432  23.101  1.00 39.14  ? 155 PRO A CG  1 
ATOM   1126 C CD  . PRO A 1 155 ? -1.302  17.205  22.389  1.00 36.37  ? 155 PRO A CD  1 
ATOM   1127 N N   . TYR A 1 156 ? 0.318   16.495  25.745  1.00 38.19  ? 156 TYR A N   1 
ATOM   1128 C CA  . TYR A 1 156 ? 0.713   16.444  27.129  1.00 39.52  ? 156 TYR A CA  1 
ATOM   1129 C C   . TYR A 1 156 ? 1.191   15.078  27.575  1.00 40.98  ? 156 TYR A C   1 
ATOM   1130 O O   . TYR A 1 156 ? 2.144   14.957  28.334  1.00 42.30  ? 156 TYR A O   1 
ATOM   1131 C CB  . TYR A 1 156 ? -0.446  16.970  27.992  1.00 43.05  ? 156 TYR A CB  1 
ATOM   1132 C CG  . TYR A 1 156 ? -0.960  18.324  27.519  1.00 43.38  ? 156 TYR A CG  1 
ATOM   1133 C CD1 . TYR A 1 156 ? -0.158  19.472  27.620  1.00 43.82  ? 156 TYR A CD1 1 
ATOM   1134 C CD2 . TYR A 1 156 ? -2.198  18.441  26.883  1.00 45.22  ? 156 TYR A CD2 1 
ATOM   1135 C CE1 . TYR A 1 156 ? -0.574  20.686  27.115  1.00 42.95  ? 156 TYR A CE1 1 
ATOM   1136 C CE2 . TYR A 1 156 ? -2.612  19.650  26.369  1.00 46.79  ? 156 TYR A CE2 1 
ATOM   1137 C CZ  . TYR A 1 156 ? -1.791  20.766  26.484  1.00 45.85  ? 156 TYR A CZ  1 
ATOM   1138 O OH  . TYR A 1 156 ? -2.192  21.980  25.976  1.00 51.45  ? 156 TYR A OH  1 
ATOM   1139 N N   . LYS A 1 157 ? 0.604   14.042  27.007  1.00 42.57  ? 157 LYS A N   1 
ATOM   1140 C CA  . LYS A 1 157 ? 0.962   12.698  27.412  1.00 41.84  ? 157 LYS A CA  1 
ATOM   1141 C C   . LYS A 1 157 ? 1.214   11.713  26.269  1.00 39.88  ? 157 LYS A C   1 
ATOM   1142 O O   . LYS A 1 157 ? 1.578   10.562  26.506  1.00 39.20  ? 157 LYS A O   1 
ATOM   1143 C CB  . LYS A 1 157 ? -0.128  12.175  28.347  1.00 45.36  ? 157 LYS A CB  1 
ATOM   1144 C CG  . LYS A 1 157 ? 0.360   11.333  29.503  1.00 52.77  ? 157 LYS A CG  1 
ATOM   1145 C CD  . LYS A 1 157 ? 1.185   12.140  30.510  1.00 57.66  ? 157 LYS A CD  1 
ATOM   1146 C CE  . LYS A 1 157 ? 2.667   12.185  30.157  1.00 60.16  ? 157 LYS A CE  1 
ATOM   1147 N NZ  . LYS A 1 157 ? 3.274   10.819  30.025  1.00 64.39  ? 157 LYS A NZ  1 
ATOM   1148 N N   . GLY A 1 158 ? 1.008   12.165  25.037  1.00 35.33  ? 158 GLY A N   1 
ATOM   1149 C CA  . GLY A 1 158 ? 1.241   11.322  23.883  1.00 35.00  ? 158 GLY A CA  1 
ATOM   1150 C C   . GLY A 1 158 ? 0.200   10.258  23.638  1.00 34.08  ? 158 GLY A C   1 
ATOM   1151 O O   . GLY A 1 158 ? 0.486   9.289   22.935  1.00 35.24  ? 158 GLY A O   1 
ATOM   1152 N N   . LYS A 1 159 ? -0.986  10.408  24.217  1.00 32.65  ? 159 LYS A N   1 
ATOM   1153 C CA  . LYS A 1 159 ? -2.056  9.435   24.014  1.00 30.41  ? 159 LYS A CA  1 
ATOM   1154 C C   . LYS A 1 159 ? -2.666  9.629   22.642  1.00 25.38  ? 159 LYS A C   1 
ATOM   1155 O O   . LYS A 1 159 ? -2.729  10.739  22.128  1.00 23.67  ? 159 LYS A O   1 
ATOM   1156 C CB  . LYS A 1 159 ? -3.167  9.574   25.054  1.00 34.55  ? 159 LYS A CB  1 
ATOM   1157 C CG  . LYS A 1 159 ? -2.808  9.115   26.443  1.00 41.97  ? 159 LYS A CG  1 
ATOM   1158 C CD  . LYS A 1 159 ? -4.070  8.902   27.265  1.00 47.08  ? 159 LYS A CD  1 
ATOM   1159 C CE  . LYS A 1 159 ? -4.966  10.131  27.260  1.00 47.71  ? 159 LYS A CE  1 
ATOM   1160 N NZ  . LYS A 1 159 ? -6.206  9.916   28.064  1.00 49.88  ? 159 LYS A NZ  1 
ATOM   1161 N N   . GLY A 1 160 ? -3.156  8.538   22.080  1.00 22.83  ? 160 GLY A N   1 
ATOM   1162 C CA  . GLY A 1 160 ? -3.774  8.573   20.771  1.00 19.60  ? 160 GLY A CA  1 
ATOM   1163 C C   . GLY A 1 160 ? -3.148  7.486   19.932  1.00 19.46  ? 160 GLY A C   1 
ATOM   1164 O O   . GLY A 1 160 ? -2.592  6.538   20.475  1.00 20.70  ? 160 GLY A O   1 
ATOM   1165 N N   . ILE A 1 161 ? -3.232  7.634   18.616  1.00 18.43  ? 161 ILE A N   1 
ATOM   1166 C CA  . ILE A 1 161 ? -2.686  6.672   17.676  1.00 18.59  ? 161 ILE A CA  1 
ATOM   1167 C C   . ILE A 1 161 ? -1.479  7.339   17.009  1.00 17.45  ? 161 ILE A C   1 
ATOM   1168 O O   . ILE A 1 161 ? -1.534  8.513   16.661  1.00 20.55  ? 161 ILE A O   1 
ATOM   1169 C CB  . ILE A 1 161 ? -3.782  6.284   16.612  1.00 19.39  ? 161 ILE A CB  1 
ATOM   1170 C CG1 . ILE A 1 161 ? -5.111  5.905   17.298  1.00 20.17  ? 161 ILE A CG1 1 
ATOM   1171 C CG2 . ILE A 1 161 ? -3.290  5.152   15.688  1.00 16.97  ? 161 ILE A CG2 1 
ATOM   1172 C CD1 . ILE A 1 161 ? -6.319  5.731   16.342  1.00 18.11  ? 161 ILE A CD1 1 
ATOM   1173 N N   . ARG A 1 162 ? -0.363  6.631   16.885  1.00 18.88  ? 162 ARG A N   1 
ATOM   1174 C CA  . ARG A 1 162 ? 0.812   7.204   16.240  1.00 17.61  ? 162 ARG A CA  1 
ATOM   1175 C C   . ARG A 1 162 ? 1.375   6.144   15.310  1.00 20.10  ? 162 ARG A C   1 
ATOM   1176 O O   . ARG A 1 162 ? 1.115   4.955   15.482  1.00 19.65  ? 162 ARG A O   1 
ATOM   1177 C CB  . ARG A 1 162 ? 1.884   7.531   17.287  1.00 16.67  ? 162 ARG A CB  1 
ATOM   1178 C CG  . ARG A 1 162 ? 2.541   6.273   17.835  1.00 19.53  ? 162 ARG A CG  1 
ATOM   1179 C CD  . ARG A 1 162 ? 3.528   6.554   18.944  1.00 23.90  ? 162 ARG A CD  1 
ATOM   1180 N NE  . ARG A 1 162 ? 2.918   7.397   19.968  1.00 28.52  ? 162 ARG A NE  1 
ATOM   1181 C CZ  . ARG A 1 162 ? 3.483   7.707   21.130  1.00 31.55  ? 162 ARG A CZ  1 
ATOM   1182 N NH1 . ARG A 1 162 ? 4.683   7.235   21.455  1.00 34.81  ? 162 ARG A NH1 1 
ATOM   1183 N NH2 . ARG A 1 162 ? 2.849   8.502   21.985  1.00 31.65  ? 162 ARG A NH2 1 
ATOM   1184 N N   . TYR A 1 163 ? 2.161   6.560   14.334  1.00 20.55  ? 163 TYR A N   1 
ATOM   1185 C CA  . TYR A 1 163 ? 2.797   5.597   13.463  1.00 22.60  ? 163 TYR A CA  1 
ATOM   1186 C C   . TYR A 1 163 ? 3.780   4.851   14.368  1.00 25.89  ? 163 TYR A C   1 
ATOM   1187 O O   . TYR A 1 163 ? 4.172   5.390   15.401  1.00 25.85  ? 163 TYR A O   1 
ATOM   1188 C CB  . TYR A 1 163 ? 3.527   6.300   12.316  1.00 22.48  ? 163 TYR A CB  1 
ATOM   1189 C CG  . TYR A 1 163 ? 2.618   7.015   11.349  1.00 20.74  ? 163 TYR A CG  1 
ATOM   1190 C CD1 . TYR A 1 163 ? 1.594   6.333   10.684  1.00 23.62  ? 163 TYR A CD1 1 
ATOM   1191 C CD2 . TYR A 1 163 ? 2.774   8.373   11.101  1.00 22.06  ? 163 TYR A CD2 1 
ATOM   1192 C CE1 . TYR A 1 163 ? 0.756   6.988   9.797   1.00 23.66  ? 163 TYR A CE1 1 
ATOM   1193 C CE2 . TYR A 1 163 ? 1.943   9.034   10.223  1.00 22.44  ? 163 TYR A CE2 1 
ATOM   1194 C CZ  . TYR A 1 163 ? 0.937   8.334   9.576   1.00 20.93  ? 163 TYR A CZ  1 
ATOM   1195 O OH  . TYR A 1 163 ? 0.113   8.985   8.705   1.00 24.81  ? 163 TYR A OH  1 
ATOM   1196 N N   . GLU A 1 164 ? 4.172   3.639   13.986  1.00 29.20  ? 164 GLU A N   1 
ATOM   1197 C CA  . GLU A 1 164 ? 5.078   2.817   14.791  1.00 32.78  ? 164 GLU A CA  1 
ATOM   1198 C C   . GLU A 1 164 ? 6.319   3.574   15.290  1.00 38.84  ? 164 GLU A C   1 
ATOM   1199 O O   . GLU A 1 164 ? 6.596   3.612   16.512  1.00 42.22  ? 164 GLU A O   1 
ATOM   1200 C CB  . GLU A 1 164 ? 5.489   1.547   14.046  1.00 34.15  ? 164 GLU A CB  1 
ATOM   1201 C CG  . GLU A 1 164 ? 6.268   0.598   14.922  1.00 44.92  ? 164 GLU A CG  1 
ATOM   1202 C CD  . GLU A 1 164 ? 6.716   -0.676  14.230  1.00 48.09  ? 164 GLU A CD  1 
ATOM   1203 O OE1 . GLU A 1 164 ? 7.345   -0.585  13.146  1.00 52.10  ? 164 GLU A OE1 1 
ATOM   1204 O OE2 . GLU A 1 164 ? 6.452   -1.763  14.803  1.00 50.88  ? 164 GLU A OE2 1 
ATOM   1205 N N   . GLY A 1 165 ? 7.062   4.213   14.387  1.00 38.01  ? 165 GLY A N   1 
ATOM   1206 C CA  . GLY A 1 165 ? 8.229   4.947   14.865  1.00 39.01  ? 165 GLY A CA  1 
ATOM   1207 C C   . GLY A 1 165 ? 8.031   6.455   15.045  1.00 40.19  ? 165 GLY A C   1 
ATOM   1208 O O   . GLY A 1 165 ? 8.983   7.218   14.896  1.00 42.10  ? 165 GLY A O   1 
ATOM   1209 N N   . GLU A 1 166 ? 6.812   6.894   15.372  1.00 39.27  ? 166 GLU A N   1 
ATOM   1210 C CA  . GLU A 1 166 ? 6.528   8.314   15.511  1.00 36.24  ? 166 GLU A CA  1 
ATOM   1211 C C   . GLU A 1 166 ? 7.089   8.997   16.734  1.00 37.32  ? 166 GLU A C   1 
ATOM   1212 O O   . GLU A 1 166 ? 6.685   8.720   17.870  1.00 35.71  ? 166 GLU A O   1 
ATOM   1213 C CB  . GLU A 1 166 ? 5.037   8.608   15.408  1.00 32.88  ? 166 GLU A CB  1 
ATOM   1214 C CG  . GLU A 1 166 ? 4.741   10.088  15.320  1.00 27.29  ? 166 GLU A CG  1 
ATOM   1215 C CD  . GLU A 1 166 ? 3.336   10.361  14.921  1.00 23.89  ? 166 GLU A CD  1 
ATOM   1216 O OE1 . GLU A 1 166 ? 2.692   9.434   14.408  1.00 22.22  ? 166 GLU A OE1 1 
ATOM   1217 O OE2 . GLU A 1 166 ? 2.867   11.497  15.123  1.00 26.35  ? 166 GLU A OE2 1 
ATOM   1218 N N   . LEU A 1 167 ? 7.977   9.954   16.474  1.00 40.64  ? 167 LEU A N   1 
ATOM   1219 C CA  . LEU A 1 167 ? 8.639   10.744  17.513  1.00 46.37  ? 167 LEU A CA  1 
ATOM   1220 C C   . LEU A 1 167 ? 7.690   11.797  18.012  1.00 49.03  ? 167 LEU A C   1 
ATOM   1221 O O   . LEU A 1 167 ? 7.513   12.840  17.359  1.00 50.31  ? 167 LEU A O   1 
ATOM   1222 C CB  . LEU A 1 167 ? 9.914   11.371  16.928  1.00 46.51  ? 167 LEU A CB  1 
ATOM   1223 C CG  . LEU A 1 167 ? 11.174  11.512  17.780  1.00 48.34  ? 167 LEU A CG  1 
ATOM   1224 C CD1 . LEU A 1 167 ? 12.314  12.003  16.886  1.00 49.03  ? 167 LEU A CD1 1 
ATOM   1225 C CD2 . LEU A 1 167 ? 10.953  12.466  18.954  1.00 49.78  ? 167 LEU A CD2 1 
ATOM   1226 N N   . VAL A 1 168 ? 7.033   11.516  19.132  1.00 52.88  ? 168 VAL A N   1 
ATOM   1227 C CA  . VAL A 1 168 ? 6.115   12.506  19.695  1.00 58.81  ? 168 VAL A CA  1 
ATOM   1228 C C   . VAL A 1 168 ? 6.490   12.689  21.183  1.00 63.61  ? 168 VAL A C   1 
ATOM   1229 O O   . VAL A 1 168 ? 6.010   12.017  22.061  1.00 64.68  ? 168 VAL A O   1 
ATOM   1230 C CB  . VAL A 1 168 ? 4.625   12.044  19.569  1.00 58.10  ? 168 VAL A CB  1 
ATOM   1231 C CG1 . VAL A 1 168 ? 4.408   10.631  20.027  1.00 55.86  ? 168 VAL A CG1 1 
ATOM   1232 C CG2 . VAL A 1 168 ? 3.692   13.014  20.314  1.00 57.42  ? 168 VAL A CG2 1 
ATOM   1233 N N   . ARG A 1 169 ? 7.441   13.575  21.394  1.00 69.56  ? 169 ARG A N   1 
ATOM   1234 C CA  . ARG A 1 169 ? 7.887   13.869  22.709  1.00 75.43  ? 169 ARG A CA  1 
ATOM   1235 C C   . ARG A 1 169 ? 6.836   14.677  23.454  1.00 77.13  ? 169 ARG A C   1 
ATOM   1236 O O   . ARG A 1 169 ? 6.239   15.611  22.914  1.00 75.84  ? 169 ARG A O   1 
ATOM   1237 C CB  . ARG A 1 169 ? 9.213   14.581  22.764  1.00 78.28  ? 169 ARG A CB  1 
ATOM   1238 C CG  . ARG A 1 169 ? 10.380  13.802  23.351  1.00 82.72  ? 169 ARG A CG  1 
ATOM   1239 C CD  . ARG A 1 169 ? 11.664  14.103  22.611  1.00 87.94  ? 169 ARG A CD  1 
ATOM   1240 N NE  . ARG A 1 169 ? 12.898  13.839  23.361  1.00 90.98  ? 169 ARG A NE  1 
ATOM   1241 C CZ  . ARG A 1 169 ? 13.826  12.951  23.004  1.00 91.36  ? 169 ARG A CZ  1 
ATOM   1242 N NH1 . ARG A 1 169 ? 13.634  12.132  21.967  1.00 91.05  ? 169 ARG A NH1 1 
ATOM   1243 N NH2 . ARG A 1 169 ? 14.898  12.800  23.765  1.00 91.54  ? 169 ARG A NH2 1 
ATOM   1244 N N   . LEU A 1 170 ? 6.544   14.251  24.678  1.00 78.92  ? 170 LEU A N   1 
ATOM   1245 C CA  . LEU A 1 170 ? 5.516   14.894  25.493  1.00 78.52  ? 170 LEU A CA  1 
ATOM   1246 C C   . LEU A 1 170 ? 6.078   16.250  25.971  1.00 79.01  ? 170 LEU A C   1 
ATOM   1247 O O   . LEU A 1 170 ? 6.781   16.185  27.009  1.00 82.29  ? 170 LEU A O   1 
ATOM   1248 C CB  . LEU A 1 170 ? 5.130   13.967  26.670  1.00 76.42  ? 170 LEU A CB  1 
ATOM   1249 C CG  . LEU A 1 170 ? 4.619   12.595  26.328  1.00 74.77  ? 170 LEU A CG  1 
ATOM   1250 C CD1 . LEU A 1 170 ? 3.924   12.637  24.964  1.00 74.99  ? 170 LEU A CD1 1 
ATOM   1251 C CD2 . LEU A 1 170 ? 5.720   11.502  26.293  1.00 74.43  ? 170 LEU A CD2 1 
HETATM 1252 O O   . HOH B 2 .   ? 8.468   -18.962 -5.055  1.00 100.00 ? 200 HOH A O   1 
HETATM 1253 O O   . HOH B 2 .   ? 14.222  -16.235 -16.265 1.00 71.26  ? 201 HOH A O   1 
HETATM 1254 O O   . HOH B 2 .   ? 3.151   3.760   2.363   1.00 33.67  ? 202 HOH A O   1 
HETATM 1255 O O   . HOH B 2 .   ? -0.573  -15.617 -10.477 1.00 26.07  ? 203 HOH A O   1 
HETATM 1256 O O   . HOH B 2 .   ? 1.096   -18.033 -11.157 1.00 42.95  ? 204 HOH A O   1 
HETATM 1257 O O   . HOH B 2 .   ? 0.618   -17.040 -14.510 1.00 37.31  ? 205 HOH A O   1 
HETATM 1258 O O   . HOH B 2 .   ? 1.041   -12.592 -20.539 1.00 46.74  ? 206 HOH A O   1 
HETATM 1259 O O   . HOH B 2 .   ? -2.307  -4.470  -27.097 1.00 62.02  ? 207 HOH A O   1 
HETATM 1260 O O   . HOH B 2 .   ? -7.088  -3.914  -30.716 1.00 100.00 ? 208 HOH A O   1 
HETATM 1261 O O   . HOH B 2 .   ? -0.413  -10.200 -22.176 1.00 44.92  ? 209 HOH A O   1 
HETATM 1262 O O   . HOH B 2 .   ? -8.205  -7.054  -15.174 1.00 76.01  ? 210 HOH A O   1 
HETATM 1263 O O   . HOH B 2 .   ? -7.499  2.460   -22.019 1.00 31.57  ? 211 HOH A O   1 
HETATM 1264 O O   . HOH B 2 .   ? -6.086  -0.844  -23.601 1.00 39.70  ? 212 HOH A O   1 
HETATM 1265 O O   . HOH B 2 .   ? -4.533  -5.434  -18.279 1.00 54.80  ? 213 HOH A O   1 
HETATM 1266 O O   . HOH B 2 .   ? -3.886  -6.223  -1.951  1.00 49.43  ? 214 HOH A O   1 
HETATM 1267 O O   . HOH B 2 .   ? -5.263  -4.507  -4.451  1.00 46.35  ? 215 HOH A O   1 
HETATM 1268 O O   . HOH B 2 .   ? -4.728  -1.145  -5.185  1.00 39.94  ? 216 HOH A O   1 
HETATM 1269 O O   . HOH B 2 .   ? -5.706  -1.472  -9.487  1.00 38.55  ? 217 HOH A O   1 
HETATM 1270 O O   . HOH B 2 .   ? -3.230  4.565   -14.039 1.00 34.74  ? 218 HOH A O   1 
HETATM 1271 O O   . HOH B 2 .   ? -8.083  0.993   -16.393 1.00 59.40  ? 219 HOH A O   1 
HETATM 1272 O O   . HOH B 2 .   ? 3.789   5.721   -18.352 1.00 25.74  ? 220 HOH A O   1 
HETATM 1273 O O   . HOH B 2 .   ? 4.940   7.858   -16.544 1.00 32.72  ? 221 HOH A O   1 
HETATM 1274 O O   . HOH B 2 .   ? 1.660   1.945   -22.809 1.00 29.42  ? 222 HOH A O   1 
HETATM 1275 O O   . HOH B 2 .   ? 9.677   17.496  -26.240 1.00 100.00 ? 223 HOH A O   1 
HETATM 1276 O O   . HOH B 2 .   ? -19.842 2.656   16.914  1.00 62.93  ? 224 HOH A O   1 
HETATM 1277 O O   . HOH B 2 .   ? 1.732   0.725   -27.526 1.00 62.52  ? 225 HOH A O   1 
HETATM 1278 O O   . HOH B 2 .   ? 8.319   -3.930  -25.305 1.00 27.59  ? 226 HOH A O   1 
HETATM 1279 O O   . HOH B 2 .   ? 11.519  -18.631 -19.030 1.00 67.30  ? 227 HOH A O   1 
HETATM 1280 O O   . HOH B 2 .   ? 12.544  -7.923  -0.272  1.00 55.67  ? 228 HOH A O   1 
HETATM 1281 O O   . HOH B 2 .   ? 14.417  0.336   -25.822 1.00 50.28  ? 229 HOH A O   1 
HETATM 1282 O O   . HOH B 2 .   ? -12.702 -1.955  20.217  1.00 43.54  ? 230 HOH A O   1 
HETATM 1283 O O   . HOH B 2 .   ? -3.735  -8.733  25.649  1.00 79.29  ? 231 HOH A O   1 
HETATM 1284 O O   . HOH B 2 .   ? 14.100  7.500   -12.682 1.00 72.56  ? 232 HOH A O   1 
HETATM 1285 O O   . HOH B 2 .   ? 10.665  8.998   -12.300 1.00 68.09  ? 233 HOH A O   1 
HETATM 1286 O O   . HOH B 2 .   ? 9.319   -9.878  -6.976  1.00 66.98  ? 234 HOH A O   1 
HETATM 1287 O O   . HOH B 2 .   ? 10.416  -5.391  -9.099  1.00 51.83  ? 235 HOH A O   1 
HETATM 1288 O O   . HOH B 2 .   ? -0.764  -10.512 4.219   1.00 62.90  ? 236 HOH A O   1 
HETATM 1289 O O   . HOH B 2 .   ? 4.061   7.991   -13.058 1.00 62.35  ? 237 HOH A O   1 
HETATM 1290 O O   . HOH B 2 .   ? 10.035  12.748  -15.166 1.00 100.00 ? 238 HOH A O   1 
HETATM 1291 O O   . HOH B 2 .   ? 2.367   3.810   -5.126  1.00 62.05  ? 239 HOH A O   1 
HETATM 1292 O O   . HOH B 2 .   ? 6.559   -2.720  3.570   1.00 51.68  ? 240 HOH A O   1 
HETATM 1293 O O   . HOH B 2 .   ? 11.115  -12.699 -4.654  1.00 77.11  ? 241 HOH A O   1 
HETATM 1294 O O   . HOH B 2 .   ? 3.698   -16.848 -4.371  1.00 100.00 ? 242 HOH A O   1 
HETATM 1295 O O   . HOH B 2 .   ? 12.265  -21.726 -19.521 1.00 94.00  ? 243 HOH A O   1 
HETATM 1296 O O   . HOH B 2 .   ? 5.810   0.182   9.829   1.00 31.24  ? 244 HOH A O   1 
HETATM 1297 O O   . HOH B 2 .   ? 13.607  3.258   15.333  1.00 100.00 ? 245 HOH A O   1 
HETATM 1298 O O   . HOH B 2 .   ? 6.592   0.515   20.677  1.00 70.24  ? 246 HOH A O   1 
HETATM 1299 O O   . HOH B 2 .   ? -3.919  0.410   29.517  1.00 72.84  ? 247 HOH A O   1 
HETATM 1300 O O   . HOH B 2 .   ? 2.307   10.258  35.384  1.00 77.39  ? 248 HOH A O   1 
HETATM 1301 O O   . HOH B 2 .   ? -0.108  3.415   33.861  1.00 78.27  ? 249 HOH A O   1 
HETATM 1302 O O   . HOH B 2 .   ? 4.125   9.124   25.299  1.00 55.96  ? 250 HOH A O   1 
HETATM 1303 O O   . HOH B 2 .   ? 0.196   7.889   20.755  1.00 24.17  ? 251 HOH A O   1 
HETATM 1304 O O   . HOH B 2 .   ? 4.705   4.072   24.637  1.00 61.95  ? 252 HOH A O   1 
HETATM 1305 O O   . HOH B 2 .   ? -2.555  7.384   29.641  1.00 44.85  ? 253 HOH A O   1 
HETATM 1306 O O   . HOH B 2 .   ? -8.833  9.828   26.791  1.00 37.91  ? 254 HOH A O   1 
HETATM 1307 O O   . HOH B 2 .   ? -9.632  12.346  27.186  1.00 49.40  ? 255 HOH A O   1 
HETATM 1308 O O   . HOH B 2 .   ? -5.664  -9.882  18.192  1.00 53.52  ? 256 HOH A O   1 
HETATM 1309 O O   . HOH B 2 .   ? -7.021  -7.326  19.584  1.00 31.78  ? 257 HOH A O   1 
HETATM 1310 O O   . HOH B 2 .   ? -15.754 2.030   24.105  1.00 51.26  ? 258 HOH A O   1 
HETATM 1311 O O   . HOH B 2 .   ? -14.538 -13.174 12.195  1.00 100.00 ? 259 HOH A O   1 
HETATM 1312 O O   . HOH B 2 .   ? -0.979  0.943   29.857  1.00 55.61  ? 260 HOH A O   1 
HETATM 1313 O O   . HOH B 2 .   ? -13.515 5.123   21.522  1.00 25.21  ? 261 HOH A O   1 
HETATM 1314 O O   . HOH B 2 .   ? -16.812 -5.204  20.579  1.00 65.59  ? 262 HOH A O   1 
HETATM 1315 O O   . HOH B 2 .   ? -21.439 -4.658  11.106  1.00 100.00 ? 263 HOH A O   1 
HETATM 1316 O O   . HOH B 2 .   ? -6.880  3.864   1.238   1.00 56.38  ? 264 HOH A O   1 
HETATM 1317 O O   . HOH B 2 .   ? -10.041 -7.307  -3.997  1.00 100.00 ? 265 HOH A O   1 
HETATM 1318 O O   . HOH B 2 .   ? -8.967  -7.175  0.620   1.00 41.56  ? 266 HOH A O   1 
HETATM 1319 O O   . HOH B 2 .   ? -9.072  -6.063  6.929   1.00 50.53  ? 267 HOH A O   1 
HETATM 1320 O O   . HOH B 2 .   ? -5.125  -12.899 6.474   1.00 67.29  ? 268 HOH A O   1 
HETATM 1321 O O   . HOH B 2 .   ? -5.329  -12.988 17.129  1.00 54.66  ? 269 HOH A O   1 
HETATM 1322 O O   . HOH B 2 .   ? -1.797  -2.524  26.849  1.00 54.77  ? 270 HOH A O   1 
HETATM 1323 O O   . HOH B 2 .   ? -14.285 -5.120  20.173  1.00 62.53  ? 271 HOH A O   1 
HETATM 1324 O O   . HOH B 2 .   ? 1.991   -2.571  24.009  1.00 100.00 ? 272 HOH A O   1 
HETATM 1325 O O   . HOH B 2 .   ? -2.396  -7.887  23.021  1.00 62.73  ? 273 HOH A O   1 
HETATM 1326 O O   . HOH B 2 .   ? -5.248  -9.645  12.880  1.00 26.70  ? 274 HOH A O   1 
HETATM 1327 O O   . HOH B 2 .   ? -1.184  -7.803  1.030   1.00 35.03  ? 275 HOH A O   1 
HETATM 1328 O O   . HOH B 2 .   ? 8.075   -4.140  -0.060  1.00 59.32  ? 276 HOH A O   1 
HETATM 1329 O O   . HOH B 2 .   ? -9.754  1.988   2.922   1.00 35.34  ? 277 HOH A O   1 
HETATM 1330 O O   . HOH B 2 .   ? -3.997  11.524  4.253   1.00 86.03  ? 278 HOH A O   1 
HETATM 1331 O O   . HOH B 2 .   ? -7.265  10.176  2.965   1.00 59.89  ? 279 HOH A O   1 
HETATM 1332 O O   . HOH B 2 .   ? -10.084 5.654   4.997   1.00 100.00 ? 280 HOH A O   1 
HETATM 1333 O O   . HOH B 2 .   ? -9.462  9.912   8.544   1.00 61.48  ? 281 HOH A O   1 
HETATM 1334 O O   . HOH B 2 .   ? -14.912 5.933   10.938  1.00 100.00 ? 282 HOH A O   1 
HETATM 1335 O O   . HOH B 2 .   ? -2.083  14.968  13.586  1.00 67.04  ? 283 HOH A O   1 
HETATM 1336 O O   . HOH B 2 .   ? -2.756  11.407  10.168  1.00 26.67  ? 284 HOH A O   1 
HETATM 1337 O O   . HOH B 2 .   ? -6.510  13.494  20.030  1.00 38.44  ? 285 HOH A O   1 
HETATM 1338 O O   . HOH B 2 .   ? -5.282  12.112  22.003  1.00 37.23  ? 286 HOH A O   1 
HETATM 1339 O O   . HOH B 2 .   ? -3.559  16.004  29.276  1.00 100.00 ? 287 HOH A O   1 
HETATM 1340 O O   . HOH B 2 .   ? 9.618   0.615   13.691  1.00 71.64  ? 288 HOH A O   1 
HETATM 1341 O O   . HOH B 2 .   ? 5.580   10.029  32.660  1.00 59.55  ? 289 HOH A O   1 
HETATM 1342 O O   . HOH B 2 .   ? 8.906   9.279   21.213  1.00 49.35  ? 290 HOH A O   1 
HETATM 1343 O O   . HOH B 2 .   ? 7.927   16.715  -28.176 1.00 100.00 ? 291 HOH A O   1 
HETATM 1344 O O   . HOH B 2 .   ? -18.797 -11.763 10.624  1.00 63.00  ? 292 HOH A O   1 
HETATM 1345 O O   . HOH B 2 .   ? -1.715  -12.045 0.787   1.00 49.20  ? 293 HOH A O   1 
HETATM 1346 O O   . HOH B 2 .   ? 3.814   -17.990 -12.250 1.00 56.53  ? 294 HOH A O   1 
HETATM 1347 O O   . HOH B 2 .   ? -2.821  -10.495 -14.981 1.00 34.33  ? 295 HOH A O   1 
HETATM 1348 O O   . HOH B 2 .   ? -7.529  1.183   -24.819 1.00 100.00 ? 296 HOH A O   1 
HETATM 1349 O O   . HOH B 2 .   ? 2.647   -8.982  -24.231 1.00 69.84  ? 297 HOH A O   1 
HETATM 1350 O O   . HOH B 2 .   ? 2.031   -0.745  -24.110 1.00 32.54  ? 298 HOH A O   1 
HETATM 1351 O O   . HOH B 2 .   ? 1.313   -2.359  30.099  1.00 48.02  ? 299 HOH A O   1 
HETATM 1352 O O   . HOH B 2 .   ? -13.867 3.428   7.288   1.00 79.04  ? 300 HOH A O   1 
HETATM 1353 O O   . HOH B 2 .   ? -12.313 2.927   4.967   1.00 44.83  ? 301 HOH A O   1 
HETATM 1354 O O   . HOH B 2 .   ? 0.689   7.199   6.252   1.00 32.97  ? 302 HOH A O   1 
HETATM 1355 O O   . HOH B 2 .   ? -5.022  12.155  6.948   1.00 36.25  ? 303 HOH A O   1 
HETATM 1356 O O   . HOH B 2 .   ? -8.366  14.083  7.701   1.00 100.00 ? 304 HOH A O   1 
HETATM 1357 O O   . HOH B 2 .   ? -0.130  1.975   -25.779 1.00 69.70  ? 305 HOH A O   1 
HETATM 1358 O O   . HOH B 2 .   ? -8.142  -1.888  -21.559 1.00 68.55  ? 306 HOH A O   1 
HETATM 1359 O O   . HOH B 2 .   ? -3.815  -7.183  1.151   1.00 39.44  ? 307 HOH A O   1 
HETATM 1360 O O   . HOH B 2 .   ? -2.553  0.926   -8.946  1.00 59.17  ? 308 HOH A O   1 
HETATM 1361 O O   . HOH B 2 .   ? 14.201  14.635  -17.780 1.00 71.82  ? 309 HOH A O   1 
HETATM 1362 O O   . HOH B 2 .   ? 19.232  3.961   -20.464 1.00 89.17  ? 310 HOH A O   1 
HETATM 1363 O O   . HOH B 2 .   ? 10.682  3.451   -32.583 1.00 38.28  ? 311 HOH A O   1 
HETATM 1364 O O   . HOH B 2 .   ? -3.846  -0.855  26.545  1.00 59.57  ? 312 HOH A O   1 
HETATM 1365 O O   . HOH B 2 .   ? 1.263   7.330   -13.797 1.00 44.25  ? 313 HOH A O   1 
HETATM 1366 O O   . HOH B 2 .   ? 2.352   -13.417 -17.166 1.00 34.45  ? 314 HOH A O   1 
HETATM 1367 O O   . HOH B 2 .   ? 0.002   7.790   1.055   1.00 34.03  ? 315 HOH A O   1 
HETATM 1368 O O   . HOH B 2 .   ? -8.611  -9.425  -7.439  1.00 81.45  ? 316 HOH A O   1 
HETATM 1369 O O   . HOH B 2 .   ? -17.611 4.051   13.875  1.00 29.63  ? 317 HOH A O   1 
HETATM 1370 O O   . HOH B 2 .   ? -11.265 3.567   25.158  1.00 26.89  ? 318 HOH A O   1 
HETATM 1371 O O   . HOH B 2 .   ? -0.062  7.541   -5.612  1.00 56.39  ? 319 HOH A O   1 
HETATM 1372 O O   . HOH B 2 .   ? 7.923   -6.626  -29.610 1.00 88.31  ? 320 HOH A O   1 
HETATM 1373 O O   . HOH B 2 .   ? -0.576  -10.285 21.841  1.00 52.79  ? 321 HOH A O   1 
HETATM 1374 O O   . HOH B 2 .   ? 20.526  13.601  -22.870 1.00 99.47  ? 322 HOH A O   1 
HETATM 1375 O O   . HOH B 2 .   ? 21.757  5.591   -19.050 0.46 47.30  ? 323 HOH A O   1 
HETATM 1376 O O   . HOH B 2 .   ? -10.370 -3.146  21.128  0.46 67.90  ? 324 HOH A O   1 
HETATM 1377 O O   . HOH B 2 .   ? 15.425  15.366  -27.336 0.46 35.56  ? 325 HOH A O   1 
HETATM 1378 O O   . HOH B 2 .   ? -16.826 -2.156  22.213  0.46 60.38  ? 326 HOH A O   1 
HETATM 1379 O O   . HOH B 2 .   ? 9.846   2.593   11.699  0.46 50.00  ? 327 HOH A O   1 
HETATM 1380 O O   . HOH B 2 .   ? -14.064 -2.679  22.354  0.46 34.48  ? 328 HOH A O   1 
HETATM 1381 O O   . HOH B 2 .   ? 3.389   -0.582  -5.522  0.29 24.33  ? 330 HOH A O   1 
HETATM 1382 O O   . HOH B 2 .   ? -14.197 0.737   26.082  0.29 40.96  ? 331 HOH A O   1 
HETATM 1383 O O   . HOH B 2 .   ? 20.466  13.469  -17.730 0.29 46.38  ? 332 HOH A O   1 
HETATM 1384 O O   . HOH B 2 .   ? 12.297  -1.713  -20.316 0.29 40.76  ? 333 HOH A O   1 
HETATM 1385 O O   . HOH B 2 .   ? 18.729  -5.297  -20.615 1.00 45.89  ? 334 HOH A O   1 
HETATM 1386 O O   . HOH B 2 .   ? -0.346  1.550   25.585  1.00 33.15  ? 335 HOH A O   1 
HETATM 1387 O O   . HOH B 2 .   ? -6.982  -7.933  -3.957  1.00 44.80  ? 336 HOH A O   1 
HETATM 1388 O O   . HOH B 2 .   ? -8.078  -12.588 -12.233 1.00 48.91  ? 337 HOH A O   1 
HETATM 1389 O O   . HOH B 2 .   ? 8.579   -9.656  -29.478 1.00 61.20  ? 338 HOH A O   1 
HETATM 1390 O O   . HOH B 2 .   ? 5.073   8.026   -8.826  1.00 60.51  ? 339 HOH A O   1 
HETATM 1391 O O   . HOH B 2 .   ? 9.556   5.308   -4.740  1.00 56.14  ? 340 HOH A O   1 
# 
